data_6DXS
#
_entry.id   6DXS
#
_cell.length_a   82.689
_cell.length_b   78.253
_cell.length_c   136.216
_cell.angle_alpha   90.00
_cell.angle_beta   89.98
_cell.angle_gamma   90.00
#
_symmetry.space_group_name_H-M   'P 1 21 1'
#
loop_
_entity.id
_entity.type
_entity.pdbx_description
1 polymer '4-oxalomesaconate hydratase'
2 non-polymer 'ZINC ION'
3 non-polymer '(2Z)-4-oxobut-2-ene-1,2,4-tricarboxylic acid'
4 water water
#
_entity_poly.entity_id   1
_entity_poly.type   'polypeptide(L)'
_entity_poly.pdbx_seq_one_letter_code
;MMIIDCHGHYTVLPKAHDEWREQQKAAFKAGQPAPPYPEISDDEIRETIEANQLRLIKERGADMTIFSPRASAMAPHVGD
QSVAVPWAQACNNLIARVVDLFPETFAGVCMLPQSPEADMTSSIAELERCVNELGFIGCNLNPDPGGGHFKHPPLTDRFW
YPFYEKMVELDVPAMIHVSGSCNPAMHATGAYYLAADTIAFMQLLQGNLFADFPTLRFIIPHGGGAVPYHWGRFRGLADM
LKQPSLDTLLMNNVFFDTCVYHQPGINLLADVIDNKNILFGSQMVGAVRGIDPTTGHYFDDTKRYIDALDISDQERHAIF
EGNTRRVFPRLDAKLKARGLLE
;
_entity_poly.pdbx_strand_id   A,B,C,D
#
# COMPACT_ATOMS: atom_id res chain seq x y z
N MET A 1 -25.68 3.02 -5.15
CA MET A 1 -25.26 3.65 -3.91
C MET A 1 -24.09 4.60 -4.11
N MET A 2 -23.97 5.58 -3.22
CA MET A 2 -22.96 6.64 -3.32
C MET A 2 -21.88 6.42 -2.26
N ILE A 3 -20.62 6.59 -2.66
CA ILE A 3 -19.49 6.29 -1.79
C ILE A 3 -18.76 7.61 -1.53
N ILE A 4 -18.96 8.17 -0.34
CA ILE A 4 -18.39 9.44 0.05
C ILE A 4 -17.34 9.20 1.12
N ASP A 5 -16.15 9.79 0.91
CA ASP A 5 -14.98 9.60 1.75
C ASP A 5 -14.83 10.85 2.62
N CYS A 6 -15.19 10.75 3.91
CA CYS A 6 -15.33 11.93 4.76
C CYS A 6 -14.02 12.50 5.26
N HIS A 7 -12.88 11.87 4.98
CA HIS A 7 -11.58 12.27 5.53
C HIS A 7 -10.55 12.25 4.41
N GLY A 8 -10.10 13.43 3.98
CA GLY A 8 -9.11 13.52 2.92
C GLY A 8 -8.43 14.86 2.89
N HIS A 9 -7.10 14.89 2.94
CA HIS A 9 -6.36 16.15 2.89
C HIS A 9 -5.59 16.27 1.59
N TYR A 10 -5.15 17.49 1.34
CA TYR A 10 -4.45 17.86 0.11
C TYR A 10 -2.97 17.82 0.45
N THR A 11 -2.33 16.68 0.17
CA THR A 11 -0.97 16.37 0.60
C THR A 11 0.09 16.61 -0.48
N VAL A 12 -0.22 16.36 -1.75
CA VAL A 12 0.70 16.53 -2.86
C VAL A 12 0.31 17.79 -3.61
N LEU A 13 0.96 18.92 -3.27
CA LEU A 13 0.56 20.28 -3.58
C LEU A 13 1.39 20.87 -4.72
N PRO A 14 0.90 21.94 -5.35
CA PRO A 14 1.78 22.74 -6.21
C PRO A 14 3.01 23.19 -5.44
N LYS A 15 4.13 23.24 -6.13
CA LYS A 15 5.41 23.38 -5.45
C LYS A 15 5.56 24.77 -4.84
N ALA A 16 5.05 25.80 -5.51
CA ALA A 16 5.15 27.17 -4.99
C ALA A 16 4.49 27.31 -3.62
N HIS A 17 3.33 26.68 -3.43
CA HIS A 17 2.71 26.62 -2.12
C HIS A 17 3.73 26.29 -1.02
N ASP A 18 4.53 25.24 -1.26
CA ASP A 18 5.45 24.76 -0.23
C ASP A 18 6.68 25.66 -0.13
N GLU A 19 7.31 25.98 -1.27
CA GLU A 19 8.45 26.89 -1.26
C GLU A 19 8.13 28.17 -0.51
N TRP A 20 6.90 28.64 -0.64
CA TRP A 20 6.49 29.89 0.00
C TRP A 20 6.41 29.75 1.51
N ARG A 21 5.74 28.69 1.97
CA ARG A 21 5.53 28.49 3.40
C ARG A 21 6.84 28.46 4.17
N GLU A 22 7.90 27.87 3.57
CA GLU A 22 9.21 27.88 4.17
C GLU A 22 9.78 29.29 4.25
N GLN A 23 9.46 30.13 3.27
CA GLN A 23 9.90 31.51 3.29
C GLN A 23 9.12 32.32 4.30
N GLN A 24 7.82 32.06 4.43
CA GLN A 24 7.02 32.79 5.41
C GLN A 24 7.48 32.48 6.82
N LYS A 25 8.01 31.29 7.04
CA LYS A 25 8.64 30.97 8.32
C LYS A 25 10.08 31.46 8.35
N ALA A 26 10.73 31.49 7.19
CA ALA A 26 12.03 32.15 7.07
C ALA A 26 11.93 33.64 7.36
N ALA A 27 11.01 34.32 6.68
CA ALA A 27 10.73 35.70 7.01
C ALA A 27 10.42 35.86 8.50
N PHE A 28 9.46 35.07 8.99
CA PHE A 28 8.95 35.31 10.34
C PHE A 28 10.06 35.22 11.39
N LYS A 29 11.02 34.33 11.20
CA LYS A 29 12.17 34.35 12.09
C LYS A 29 12.95 35.65 11.91
N ALA A 30 13.26 36.00 10.66
CA ALA A 30 14.09 37.16 10.40
C ALA A 30 13.28 38.43 10.57
N GLY A 31 12.20 38.34 11.35
CA GLY A 31 11.33 39.47 11.60
C GLY A 31 11.00 40.19 10.32
N GLN A 32 10.99 39.43 9.18
CA GLN A 32 10.81 39.92 7.83
C GLN A 32 9.35 39.84 7.42
N PRO A 33 8.96 40.69 6.46
CA PRO A 33 7.64 40.53 5.83
C PRO A 33 7.53 39.18 5.16
N ALA A 34 6.30 38.76 4.90
CA ALA A 34 6.10 37.59 4.07
C ALA A 34 6.42 37.93 2.62
N PRO A 35 6.88 36.96 1.84
CA PRO A 35 7.06 37.19 0.42
C PRO A 35 5.71 37.17 -0.28
N PRO A 36 5.56 37.87 -1.40
CA PRO A 36 4.35 37.74 -2.19
C PRO A 36 3.97 36.27 -2.38
N TYR A 37 2.67 35.99 -2.31
CA TYR A 37 2.21 34.62 -2.45
C TYR A 37 2.19 34.22 -3.93
N PRO A 38 2.86 33.14 -4.32
CA PRO A 38 3.00 32.83 -5.74
C PRO A 38 1.65 32.60 -6.41
N GLU A 39 1.44 33.27 -7.54
CA GLU A 39 0.29 32.98 -8.38
C GLU A 39 0.42 31.56 -8.93
N ILE A 40 -0.63 30.76 -8.77
CA ILE A 40 -0.59 29.34 -9.08
C ILE A 40 -1.69 29.01 -10.09
N SER A 41 -1.33 28.20 -11.09
CA SER A 41 -2.21 27.92 -12.22
C SER A 41 -3.23 26.85 -11.88
N ASP A 42 -4.43 27.00 -12.44
CA ASP A 42 -5.45 25.95 -12.33
C ASP A 42 -4.84 24.59 -12.70
N ASP A 43 -3.96 24.58 -13.69
CA ASP A 43 -3.37 23.31 -14.11
C ASP A 43 -2.41 22.78 -13.05
N GLU A 44 -1.54 23.64 -12.50
CA GLU A 44 -0.67 23.22 -11.40
C GLU A 44 -1.46 22.64 -10.23
N ILE A 45 -2.74 22.99 -10.14
CA ILE A 45 -3.69 22.38 -9.21
C ILE A 45 -4.31 21.13 -9.81
N ARG A 46 -4.77 21.24 -11.05
CA ARG A 46 -5.26 20.08 -11.77
C ARG A 46 -4.22 18.97 -11.76
N GLU A 47 -2.97 19.29 -12.07
CA GLU A 47 -1.97 18.24 -12.21
C GLU A 47 -1.83 17.42 -10.92
N THR A 48 -1.60 18.10 -9.79
CA THR A 48 -1.44 17.39 -8.53
C THR A 48 -2.68 16.59 -8.18
N ILE A 49 -3.87 17.20 -8.32
CA ILE A 49 -5.11 16.46 -8.07
C ILE A 49 -5.28 15.35 -9.09
N GLU A 50 -5.34 15.72 -10.37
CA GLU A 50 -5.53 14.72 -11.44
C GLU A 50 -4.55 13.56 -11.29
N ALA A 51 -3.30 13.86 -10.92
CA ALA A 51 -2.25 12.84 -10.84
C ALA A 51 -2.32 12.00 -9.57
N ASN A 52 -2.94 12.53 -8.51
CA ASN A 52 -2.91 11.90 -7.20
C ASN A 52 -4.32 11.50 -6.83
N GLN A 53 -5.11 12.37 -6.20
CA GLN A 53 -6.31 11.91 -5.53
C GLN A 53 -7.33 11.41 -6.53
N LEU A 54 -7.51 12.12 -7.65
CA LEU A 54 -8.51 11.70 -8.62
C LEU A 54 -8.14 10.38 -9.28
N ARG A 55 -6.84 10.13 -9.49
CA ARG A 55 -6.41 8.84 -10.04
C ARG A 55 -6.74 7.68 -9.11
N LEU A 56 -6.72 7.92 -7.80
CA LEU A 56 -7.02 6.89 -6.80
C LEU A 56 -8.50 6.80 -6.49
N ILE A 57 -9.20 7.93 -6.50
CA ILE A 57 -10.66 7.92 -6.47
C ILE A 57 -11.19 7.00 -7.57
N LYS A 58 -10.68 7.16 -8.79
CA LYS A 58 -11.10 6.30 -9.90
C LYS A 58 -10.86 4.83 -9.59
N GLU A 59 -9.58 4.48 -9.41
CA GLU A 59 -9.21 3.09 -9.19
C GLU A 59 -9.96 2.47 -8.02
N ARG A 60 -10.36 3.29 -7.04
CA ARG A 60 -10.94 2.72 -5.83
C ARG A 60 -12.45 2.75 -5.81
N GLY A 61 -13.09 3.36 -6.78
CA GLY A 61 -14.54 3.33 -6.85
C GLY A 61 -15.25 4.26 -5.91
N ALA A 62 -14.69 5.45 -5.66
CA ALA A 62 -15.29 6.44 -4.77
C ALA A 62 -15.85 7.61 -5.59
N ASP A 63 -16.99 8.13 -5.15
CA ASP A 63 -17.71 9.15 -5.88
C ASP A 63 -17.28 10.55 -5.50
N MET A 64 -17.00 10.80 -4.24
CA MET A 64 -16.51 12.13 -3.90
C MET A 64 -15.89 12.13 -2.51
N THR A 65 -14.92 13.01 -2.34
CA THR A 65 -14.18 13.14 -1.10
C THR A 65 -14.50 14.48 -0.44
N ILE A 66 -14.81 14.45 0.86
CA ILE A 66 -14.82 15.67 1.66
C ILE A 66 -13.37 16.08 1.88
N PHE A 67 -13.03 17.30 1.48
CA PHE A 67 -11.67 17.67 1.16
C PHE A 67 -11.30 18.90 1.98
N SER A 68 -10.21 18.81 2.73
CA SER A 68 -9.77 19.94 3.55
C SER A 68 -8.26 20.10 3.43
N PRO A 69 -7.72 21.22 3.88
CA PRO A 69 -6.27 21.42 3.82
C PRO A 69 -5.50 20.33 4.56
N ARG A 70 -4.21 20.22 4.24
CA ARG A 70 -3.37 19.14 4.76
C ARG A 70 -3.20 19.25 6.27
N ALA A 71 -3.22 18.08 6.94
CA ALA A 71 -3.18 18.03 8.40
C ALA A 71 -1.77 18.24 8.94
N SER A 72 -0.82 17.46 8.45
CA SER A 72 0.55 17.61 8.89
C SER A 72 1.02 19.05 8.78
N ALA A 73 0.38 19.86 7.94
CA ALA A 73 0.88 21.17 7.56
C ALA A 73 0.08 22.34 8.12
N MET A 74 -1.08 22.10 8.73
CA MET A 74 -1.73 23.18 9.46
C MET A 74 -0.75 23.84 10.41
N ALA A 75 -0.29 23.08 11.40
CA ALA A 75 0.83 23.51 12.22
C ALA A 75 0.52 24.77 13.02
N PRO A 76 -0.66 24.87 13.69
CA PRO A 76 -0.98 26.10 14.44
C PRO A 76 0.11 26.56 15.40
N HIS A 77 1.06 25.68 15.72
CA HIS A 77 2.22 25.94 16.57
C HIS A 77 3.30 26.78 15.90
N VAL A 78 3.12 27.18 14.66
CA VAL A 78 3.96 28.19 14.03
C VAL A 78 3.00 29.21 13.41
N GLY A 79 2.87 30.38 14.03
CA GLY A 79 3.54 30.76 15.27
C GLY A 79 2.60 31.62 16.08
N ASP A 80 2.04 32.65 15.45
CA ASP A 80 1.12 33.57 16.10
C ASP A 80 -0.14 33.65 15.24
N GLN A 81 -0.91 34.72 15.44
CA GLN A 81 -2.07 34.95 14.57
C GLN A 81 -1.64 35.33 13.15
N SER A 82 -0.83 36.39 13.02
CA SER A 82 -0.46 36.93 11.72
C SER A 82 0.14 35.89 10.78
N VAL A 83 0.44 34.70 11.29
CA VAL A 83 0.81 33.57 10.46
C VAL A 83 -0.38 32.68 10.19
N ALA A 84 -1.07 32.27 11.27
CA ALA A 84 -2.13 31.27 11.15
C ALA A 84 -3.25 31.75 10.25
N VAL A 85 -3.57 33.04 10.27
CA VAL A 85 -4.65 33.51 9.42
C VAL A 85 -4.24 33.39 7.97
N PRO A 86 -3.29 34.17 7.47
CA PRO A 86 -2.99 34.10 6.05
C PRO A 86 -2.75 32.68 5.57
N TRP A 87 -2.05 31.88 6.39
CA TRP A 87 -1.84 30.47 6.05
C TRP A 87 -3.17 29.72 6.01
N ALA A 88 -4.07 30.00 6.94
CA ALA A 88 -5.36 29.33 6.94
C ALA A 88 -6.15 29.65 5.68
N GLN A 89 -6.18 30.91 5.26
CA GLN A 89 -6.91 31.27 4.04
C GLN A 89 -6.23 30.69 2.80
N ALA A 90 -4.92 30.90 2.67
CA ALA A 90 -4.21 30.36 1.52
C ALA A 90 -4.55 28.89 1.29
N CYS A 91 -4.63 28.09 2.37
CA CYS A 91 -5.00 26.68 2.26
C CYS A 91 -6.49 26.50 1.97
N ASN A 92 -7.36 27.22 2.69
CA ASN A 92 -8.79 27.04 2.46
C ASN A 92 -9.20 27.55 1.08
N ASN A 93 -8.59 28.65 0.61
CA ASN A 93 -8.88 29.09 -0.76
C ASN A 93 -8.44 28.07 -1.79
N LEU A 94 -7.36 27.33 -1.52
CA LEU A 94 -6.96 26.24 -2.41
C LEU A 94 -8.05 25.19 -2.51
N ILE A 95 -8.62 24.78 -1.36
CA ILE A 95 -9.72 23.82 -1.35
C ILE A 95 -10.89 24.34 -2.16
N ALA A 96 -11.32 25.58 -1.88
CA ALA A 96 -12.38 26.21 -2.67
C ALA A 96 -12.12 26.10 -4.16
N ARG A 97 -10.89 26.38 -4.59
CA ARG A 97 -10.54 26.24 -6.00
C ARG A 97 -10.66 24.79 -6.44
N VAL A 98 -10.07 23.87 -5.67
CA VAL A 98 -10.16 22.45 -6.02
C VAL A 98 -11.62 22.06 -6.19
N VAL A 99 -12.48 22.56 -5.30
CA VAL A 99 -13.90 22.23 -5.40
C VAL A 99 -14.49 22.78 -6.69
N ASP A 100 -14.21 24.05 -6.99
CA ASP A 100 -14.63 24.56 -8.30
C ASP A 100 -14.12 23.66 -9.41
N LEU A 101 -12.81 23.60 -9.59
CA LEU A 101 -12.24 22.82 -10.68
C LEU A 101 -12.77 21.39 -10.69
N PHE A 102 -13.20 20.86 -9.54
CA PHE A 102 -13.73 19.51 -9.45
C PHE A 102 -14.90 19.50 -8.48
N PRO A 103 -16.05 20.03 -8.91
CA PRO A 103 -17.17 20.24 -7.99
C PRO A 103 -18.17 19.09 -7.91
N GLU A 104 -18.03 18.07 -8.76
CA GLU A 104 -18.75 16.82 -8.56
C GLU A 104 -17.98 15.85 -7.68
N THR A 105 -16.75 16.17 -7.33
CA THR A 105 -15.87 15.23 -6.65
C THR A 105 -15.39 15.71 -5.30
N PHE A 106 -15.22 17.01 -5.09
CA PHE A 106 -14.66 17.52 -3.86
C PHE A 106 -15.63 18.51 -3.21
N ALA A 107 -16.09 18.18 -2.01
CA ALA A 107 -16.76 19.11 -1.12
C ALA A 107 -15.79 19.62 -0.06
N GLY A 108 -15.97 20.88 0.33
CA GLY A 108 -14.97 21.60 1.12
C GLY A 108 -15.23 21.61 2.61
N VAL A 109 -14.17 21.33 3.35
CA VAL A 109 -14.10 21.43 4.80
C VAL A 109 -12.90 22.34 5.11
N CYS A 110 -13.03 23.21 6.10
CA CYS A 110 -12.00 24.23 6.28
C CYS A 110 -11.18 23.99 7.55
N MET A 111 -9.91 24.44 7.49
CA MET A 111 -9.01 24.45 8.63
C MET A 111 -9.06 25.83 9.28
N LEU A 112 -9.32 25.86 10.59
CA LEU A 112 -9.48 27.11 11.29
C LEU A 112 -8.13 27.73 11.64
N PRO A 113 -8.06 29.03 11.72
CA PRO A 113 -6.83 29.74 12.09
C PRO A 113 -6.56 29.78 13.60
N GLN A 114 -6.59 28.61 14.23
CA GLN A 114 -6.27 28.52 15.65
C GLN A 114 -4.78 28.72 15.87
N SER A 115 -4.47 29.45 16.93
CA SER A 115 -3.10 29.65 17.41
C SER A 115 -3.08 29.36 18.90
N PRO A 116 -1.91 29.02 19.43
CA PRO A 116 -1.84 28.77 20.89
C PRO A 116 -2.39 29.93 21.70
N GLU A 117 -2.05 31.16 21.32
CA GLU A 117 -2.34 32.36 22.07
C GLU A 117 -3.77 32.87 21.89
N ALA A 118 -4.51 32.35 20.92
CA ALA A 118 -5.73 32.98 20.44
C ALA A 118 -6.97 32.19 20.86
N ASP A 119 -8.07 32.91 21.11
CA ASP A 119 -9.37 32.30 21.34
C ASP A 119 -10.02 31.97 20.00
N MET A 120 -11.27 31.53 20.01
CA MET A 120 -11.90 31.10 18.77
C MET A 120 -12.36 32.29 17.95
N THR A 121 -11.61 33.39 18.03
CA THR A 121 -11.99 34.66 17.39
C THR A 121 -11.93 34.55 15.88
N SER A 122 -10.73 34.63 15.30
CA SER A 122 -10.61 34.46 13.85
C SER A 122 -11.25 33.16 13.39
N SER A 123 -11.03 32.07 14.13
CA SER A 123 -11.56 30.77 13.73
C SER A 123 -13.05 30.86 13.43
N ILE A 124 -13.78 31.66 14.22
CA ILE A 124 -15.21 31.89 13.97
C ILE A 124 -15.40 32.62 12.65
N ALA A 125 -14.52 33.57 12.36
CA ALA A 125 -14.61 34.32 11.11
C ALA A 125 -14.26 33.46 9.91
N GLU A 126 -13.24 32.61 10.04
CA GLU A 126 -12.90 31.71 8.94
C GLU A 126 -13.99 30.65 8.70
N LEU A 127 -14.96 30.50 9.60
CA LEU A 127 -16.05 29.56 9.41
C LEU A 127 -17.19 30.16 8.61
N GLU A 128 -17.50 31.44 8.85
CA GLU A 128 -18.54 32.13 8.07
C GLU A 128 -18.14 32.25 6.61
N ARG A 129 -16.93 32.76 6.35
CA ARG A 129 -16.44 32.87 4.98
C ARG A 129 -16.55 31.53 4.27
N CYS A 130 -16.00 30.47 4.88
CA CYS A 130 -15.83 29.21 4.18
C CYS A 130 -17.17 28.51 3.95
N VAL A 131 -18.14 28.72 4.83
CA VAL A 131 -19.46 28.13 4.63
C VAL A 131 -20.41 29.09 3.90
N ASN A 132 -20.38 30.38 4.22
CA ASN A 132 -21.26 31.31 3.51
C ASN A 132 -20.63 31.87 2.24
N GLU A 133 -19.42 32.39 2.32
CA GLU A 133 -18.73 32.81 1.11
C GLU A 133 -18.42 31.60 0.24
N LEU A 134 -17.57 30.69 0.71
CA LEU A 134 -16.97 29.68 -0.14
C LEU A 134 -17.77 28.39 -0.23
N GLY A 135 -18.83 28.24 0.55
CA GLY A 135 -19.68 27.06 0.44
C GLY A 135 -19.16 25.77 1.06
N PHE A 136 -18.52 25.84 2.22
CA PHE A 136 -18.05 24.60 2.80
C PHE A 136 -19.19 23.92 3.57
N ILE A 137 -18.93 22.69 4.01
CA ILE A 137 -19.93 21.84 4.65
C ILE A 137 -19.54 21.40 6.05
N GLY A 138 -18.35 21.76 6.52
CA GLY A 138 -17.90 21.40 7.85
C GLY A 138 -16.51 21.93 8.09
N CYS A 139 -15.97 21.65 9.27
CA CYS A 139 -14.67 22.20 9.60
C CYS A 139 -13.84 21.15 10.30
N ASN A 140 -12.54 21.42 10.38
CA ASN A 140 -11.60 20.66 11.20
C ASN A 140 -11.27 21.53 12.40
N LEU A 141 -11.26 20.92 13.57
CA LEU A 141 -11.15 21.65 14.82
C LEU A 141 -9.99 21.04 15.60
N ASN A 142 -8.94 21.82 15.79
CA ASN A 142 -7.72 21.33 16.43
C ASN A 142 -7.88 21.41 17.94
N PRO A 143 -7.81 20.29 18.66
CA PRO A 143 -7.98 20.33 20.12
C PRO A 143 -6.73 20.74 20.86
N ASP A 144 -5.57 20.73 20.21
CA ASP A 144 -4.29 21.06 20.84
C ASP A 144 -3.53 21.99 19.90
N PRO A 145 -3.97 23.26 19.78
CA PRO A 145 -3.25 24.21 18.91
C PRO A 145 -1.79 24.36 19.30
N GLY A 146 -1.44 24.06 20.55
CA GLY A 146 -0.03 24.09 20.94
C GLY A 146 0.80 23.10 20.16
N GLY A 147 0.18 22.02 19.70
CA GLY A 147 0.85 21.10 18.81
C GLY A 147 1.85 20.19 19.48
N GLY A 148 1.46 19.54 20.57
CA GLY A 148 2.32 18.50 21.11
C GLY A 148 2.22 18.19 22.59
N HIS A 149 1.62 19.08 23.38
CA HIS A 149 1.61 18.92 24.83
C HIS A 149 0.22 19.05 25.45
N PHE A 150 -0.84 19.05 24.64
CA PHE A 150 -2.23 19.06 25.11
C PHE A 150 -2.45 20.11 26.20
N LYS A 151 -2.01 21.34 25.94
CA LYS A 151 -2.09 22.40 26.93
C LYS A 151 -3.31 23.31 26.75
N HIS A 152 -4.41 22.77 26.19
CA HIS A 152 -5.58 23.56 25.79
C HIS A 152 -6.82 23.13 26.57
N PRO A 153 -7.80 24.01 26.73
CA PRO A 153 -9.04 23.61 27.40
C PRO A 153 -9.63 22.36 26.78
N PRO A 154 -10.36 21.55 27.55
CA PRO A 154 -11.06 20.40 26.97
C PRO A 154 -12.26 20.86 26.16
N LEU A 155 -12.68 19.98 25.25
CA LEU A 155 -13.83 20.24 24.39
C LEU A 155 -15.11 20.50 25.19
N THR A 156 -15.05 20.31 26.49
CA THR A 156 -16.18 20.49 27.40
C THR A 156 -16.25 21.90 27.97
N ASP A 157 -15.14 22.63 27.92
CA ASP A 157 -14.99 23.97 28.47
C ASP A 157 -15.86 24.98 27.72
N ARG A 158 -16.12 26.11 28.38
CA ARG A 158 -16.89 27.19 27.77
C ARG A 158 -16.06 28.00 26.80
N PHE A 159 -14.73 27.90 26.87
CA PHE A 159 -13.88 28.55 25.88
C PHE A 159 -14.32 28.24 24.45
N TRP A 160 -14.82 27.03 24.19
CA TRP A 160 -15.23 26.63 22.86
C TRP A 160 -16.73 26.79 22.63
N TYR A 161 -17.47 27.21 23.65
CA TYR A 161 -18.91 27.46 23.46
C TYR A 161 -19.18 28.47 22.36
N PRO A 162 -18.47 29.60 22.26
CA PRO A 162 -18.78 30.56 21.20
C PRO A 162 -18.77 29.88 19.84
N PHE A 163 -17.62 29.33 19.47
CA PHE A 163 -17.47 28.66 18.18
C PHE A 163 -18.42 27.48 18.03
N TYR A 164 -18.67 26.74 19.11
CA TYR A 164 -19.70 25.70 19.05
C TYR A 164 -21.02 26.29 18.62
N GLU A 165 -21.32 27.50 19.09
CA GLU A 165 -22.56 28.16 18.69
C GLU A 165 -22.52 28.55 17.22
N LYS A 166 -21.34 28.88 16.68
CA LYS A 166 -21.25 29.16 15.25
C LYS A 166 -21.51 27.91 14.42
N MET A 167 -20.96 26.77 14.85
CA MET A 167 -21.23 25.51 14.16
C MET A 167 -22.72 25.21 14.14
N VAL A 168 -23.35 25.31 15.31
CA VAL A 168 -24.78 25.02 15.43
C VAL A 168 -25.59 25.85 14.44
N GLU A 169 -25.48 27.17 14.53
CA GLU A 169 -26.10 28.13 13.61
C GLU A 169 -25.94 27.72 12.15
N LEU A 170 -24.71 27.81 11.63
CA LEU A 170 -24.47 27.48 10.23
C LEU A 170 -24.87 26.05 9.91
N ASP A 171 -24.87 25.15 10.89
CA ASP A 171 -25.20 23.74 10.72
C ASP A 171 -24.03 22.92 10.19
N VAL A 172 -22.85 23.03 10.79
CA VAL A 172 -21.69 22.32 10.27
C VAL A 172 -21.00 21.48 11.35
N PRO A 173 -20.75 20.19 11.08
CA PRO A 173 -19.97 19.38 12.02
C PRO A 173 -18.52 19.84 12.13
N ALA A 174 -17.75 19.18 12.99
CA ALA A 174 -16.32 19.40 13.13
C ALA A 174 -15.63 18.05 13.16
N MET A 175 -14.60 17.88 12.34
CA MET A 175 -13.68 16.78 12.56
C MET A 175 -12.65 17.28 13.56
N ILE A 176 -12.52 16.57 14.67
CA ILE A 176 -11.48 16.86 15.64
C ILE A 176 -10.18 16.36 15.05
N HIS A 177 -9.14 17.20 15.08
CA HIS A 177 -7.93 16.87 14.35
C HIS A 177 -6.75 17.69 14.86
N VAL A 178 -5.66 17.00 15.22
CA VAL A 178 -4.40 17.64 15.58
C VAL A 178 -3.42 17.57 14.41
N SER A 179 -2.30 18.29 14.52
CA SER A 179 -1.38 18.43 13.41
C SER A 179 0.05 17.96 13.68
N GLY A 180 1.02 18.66 13.10
CA GLY A 180 2.41 18.29 13.30
C GLY A 180 2.81 18.45 14.75
N SER A 181 3.59 17.50 15.25
CA SER A 181 4.12 17.54 16.60
C SER A 181 5.56 18.05 16.55
N CYS A 182 5.87 19.03 17.40
CA CYS A 182 7.23 19.50 17.63
C CYS A 182 7.94 18.74 18.74
N ASN A 183 7.36 17.64 19.22
CA ASN A 183 7.86 16.91 20.38
C ASN A 183 8.64 15.70 19.91
N PRO A 184 9.96 15.66 20.08
CA PRO A 184 10.72 14.48 19.60
C PRO A 184 10.15 13.14 20.04
N ALA A 185 9.88 12.97 21.33
CA ALA A 185 9.46 11.70 21.91
C ALA A 185 8.08 11.33 21.39
N MET A 186 7.61 12.00 20.34
CA MET A 186 6.26 11.75 19.84
C MET A 186 6.19 12.07 18.35
N HIS A 187 5.61 11.12 17.61
CA HIS A 187 5.53 11.15 16.15
C HIS A 187 4.10 11.48 15.72
N ALA A 188 3.95 12.50 14.88
CA ALA A 188 2.65 13.05 14.52
C ALA A 188 1.61 12.00 14.10
N THR A 189 1.75 11.42 12.91
CA THR A 189 0.67 10.64 12.32
C THR A 189 0.51 9.23 12.90
N GLY A 190 1.44 8.77 13.74
CA GLY A 190 1.34 7.42 14.26
C GLY A 190 1.16 7.39 15.76
N ALA A 191 1.29 8.54 16.43
CA ALA A 191 1.09 8.62 17.86
C ALA A 191 0.19 9.80 18.20
N TYR A 192 0.69 11.02 17.97
CA TYR A 192 -0.07 12.22 18.29
C TYR A 192 -1.50 12.11 17.78
N TYR A 193 -1.65 11.72 16.51
CA TYR A 193 -2.97 11.53 15.96
C TYR A 193 -3.81 10.65 16.88
N LEU A 194 -3.38 9.42 17.10
CA LEU A 194 -4.17 8.44 17.84
C LEU A 194 -4.44 8.89 19.28
N ALA A 195 -3.45 9.51 19.93
CA ALA A 195 -3.66 9.97 21.31
C ALA A 195 -4.70 11.10 21.37
N ALA A 196 -4.67 12.02 20.40
CA ALA A 196 -5.61 13.12 20.38
C ALA A 196 -7.04 12.62 20.17
N ASP A 197 -7.24 11.60 19.33
CA ASP A 197 -8.58 11.05 19.15
C ASP A 197 -9.12 10.46 20.44
N THR A 198 -8.25 9.76 21.19
CA THR A 198 -8.66 9.07 22.40
C THR A 198 -8.87 10.03 23.57
N ILE A 199 -8.10 11.11 23.64
CA ILE A 199 -8.26 12.13 24.69
C ILE A 199 -9.56 12.91 24.49
N ALA A 200 -9.76 13.45 23.30
CA ALA A 200 -11.00 14.16 22.99
C ALA A 200 -12.22 13.33 23.36
N PHE A 201 -12.25 12.07 22.91
CA PHE A 201 -13.39 11.24 23.23
C PHE A 201 -13.57 11.11 24.75
N MET A 202 -12.47 10.94 25.49
CA MET A 202 -12.61 10.81 26.93
C MET A 202 -12.90 12.14 27.59
N GLN A 203 -12.34 13.25 27.07
CA GLN A 203 -12.76 14.56 27.53
C GLN A 203 -14.28 14.70 27.46
N LEU A 204 -14.88 14.14 26.42
CA LEU A 204 -16.33 14.22 26.28
C LEU A 204 -17.05 13.32 27.27
N LEU A 205 -16.58 12.08 27.45
CA LEU A 205 -17.25 11.17 28.38
C LEU A 205 -17.22 11.70 29.80
N GLN A 206 -16.16 12.44 30.18
CA GLN A 206 -16.12 13.10 31.47
C GLN A 206 -17.16 14.22 31.62
N GLY A 207 -17.70 14.74 30.52
CA GLY A 207 -18.61 15.87 30.63
C GLY A 207 -20.00 15.59 30.10
N ASN A 208 -20.76 16.66 29.84
CA ASN A 208 -22.02 16.58 29.09
C ASN A 208 -22.13 17.86 28.26
N LEU A 209 -21.49 17.85 27.10
CA LEU A 209 -21.51 19.01 26.23
C LEU A 209 -22.80 19.07 25.41
N PHE A 210 -23.23 17.91 24.91
CA PHE A 210 -24.42 17.83 24.10
C PHE A 210 -25.68 18.13 24.89
N ALA A 211 -25.58 18.22 26.21
CA ALA A 211 -26.67 18.79 26.98
C ALA A 211 -26.80 20.28 26.70
N ASP A 212 -25.67 20.97 26.51
CA ASP A 212 -25.71 22.37 26.12
C ASP A 212 -25.98 22.53 24.62
N PHE A 213 -25.33 21.72 23.77
CA PHE A 213 -25.42 21.84 22.30
C PHE A 213 -25.94 20.55 21.70
N PRO A 214 -27.23 20.27 21.83
CA PRO A 214 -27.75 18.94 21.47
C PRO A 214 -27.60 18.56 20.00
N THR A 215 -27.33 19.51 19.11
CA THR A 215 -27.12 19.21 17.69
C THR A 215 -25.65 19.27 17.30
N LEU A 216 -24.76 19.61 18.24
CA LEU A 216 -23.33 19.68 17.93
C LEU A 216 -22.82 18.30 17.52
N ARG A 217 -22.26 18.19 16.31
CA ARG A 217 -21.69 16.93 15.84
C ARG A 217 -20.19 17.07 15.65
N PHE A 218 -19.42 16.14 16.23
CA PHE A 218 -18.01 15.93 15.98
C PHE A 218 -17.83 14.65 15.14
N ILE A 219 -16.70 14.55 14.47
CA ILE A 219 -16.22 13.32 13.86
C ILE A 219 -14.82 13.05 14.40
N ILE A 220 -14.62 11.91 15.06
CA ILE A 220 -13.31 11.55 15.58
C ILE A 220 -12.69 10.53 14.63
N PRO A 221 -11.60 10.85 13.96
CA PRO A 221 -11.05 9.97 12.92
C PRO A 221 -10.09 8.87 13.41
N HIS A 222 -9.47 8.19 12.44
CA HIS A 222 -8.67 6.99 12.69
C HIS A 222 -9.48 5.95 13.44
N GLY A 223 -10.77 5.89 13.14
CA GLY A 223 -11.65 4.94 13.79
C GLY A 223 -11.81 5.18 15.27
N GLY A 224 -11.81 6.45 15.70
CA GLY A 224 -11.90 6.77 17.11
C GLY A 224 -10.64 6.56 17.93
N GLY A 225 -9.47 6.39 17.31
CA GLY A 225 -8.25 6.19 18.08
C GLY A 225 -8.06 4.81 18.70
N ALA A 226 -7.99 4.74 20.03
CA ALA A 226 -7.97 3.49 20.77
C ALA A 226 -9.34 3.09 21.25
N VAL A 227 -10.36 3.92 21.03
CA VAL A 227 -11.64 3.83 21.73
C VAL A 227 -12.39 2.53 21.41
N PRO A 228 -12.72 2.23 20.15
CA PRO A 228 -13.45 0.98 19.91
C PRO A 228 -12.66 -0.25 20.33
N TYR A 229 -11.34 -0.26 20.14
CA TYR A 229 -10.49 -1.33 20.66
C TYR A 229 -10.71 -1.51 22.16
N HIS A 230 -10.82 -0.40 22.89
CA HIS A 230 -10.97 -0.38 24.32
C HIS A 230 -12.40 -0.06 24.76
N TRP A 231 -13.37 -0.42 23.93
CA TRP A 231 -14.74 0.06 24.12
C TRP A 231 -15.31 -0.42 25.44
N GLY A 232 -15.13 -1.70 25.76
CA GLY A 232 -15.56 -2.19 27.06
C GLY A 232 -15.01 -1.36 28.21
N ARG A 233 -13.77 -0.92 28.09
CA ARG A 233 -13.16 -0.09 29.13
C ARG A 233 -13.89 1.23 29.26
N PHE A 234 -14.27 1.82 28.13
CA PHE A 234 -14.95 3.11 28.19
C PHE A 234 -16.37 2.96 28.71
N ARG A 235 -17.09 1.93 28.27
CA ARG A 235 -18.39 1.65 28.88
C ARG A 235 -18.25 1.48 30.39
N GLY A 236 -17.20 0.76 30.81
CA GLY A 236 -16.93 0.59 32.22
C GLY A 236 -16.70 1.92 32.93
N LEU A 237 -15.80 2.74 32.40
CA LEU A 237 -15.53 4.03 33.02
C LEU A 237 -16.79 4.90 33.11
N ALA A 238 -17.73 4.76 32.17
CA ALA A 238 -18.98 5.51 32.30
C ALA A 238 -19.68 5.19 33.61
N ASP A 239 -19.71 3.91 34.01
CA ASP A 239 -20.24 3.56 35.33
C ASP A 239 -19.31 4.02 36.43
N MET A 240 -17.99 3.90 36.24
CA MET A 240 -17.06 4.31 37.28
C MET A 240 -17.24 5.77 37.64
N LEU A 241 -17.64 6.60 36.68
CA LEU A 241 -17.84 8.03 36.85
C LEU A 241 -19.28 8.41 37.16
N LYS A 242 -20.16 7.42 37.27
CA LYS A 242 -21.58 7.64 37.50
C LYS A 242 -22.20 8.39 36.33
N GLN A 243 -21.85 7.99 35.13
CA GLN A 243 -22.19 8.72 33.92
C GLN A 243 -23.23 7.98 33.11
N PRO A 244 -24.02 8.71 32.31
CA PRO A 244 -24.96 8.02 31.42
C PRO A 244 -24.23 7.08 30.48
N SER A 245 -24.97 6.13 29.91
CA SER A 245 -24.37 5.25 28.92
C SER A 245 -23.82 6.09 27.76
N LEU A 246 -22.89 5.49 27.02
CA LEU A 246 -22.15 6.23 26.01
C LEU A 246 -23.02 6.61 24.81
N ASP A 247 -24.02 5.79 24.45
CA ASP A 247 -24.89 6.18 23.34
C ASP A 247 -25.78 7.35 23.74
N THR A 248 -26.31 7.31 24.97
CA THR A 248 -27.07 8.42 25.52
C THR A 248 -26.25 9.70 25.50
N LEU A 249 -25.10 9.64 26.17
CA LEU A 249 -24.30 10.84 26.39
C LEU A 249 -23.71 11.35 25.09
N LEU A 250 -23.28 10.43 24.22
CA LEU A 250 -22.33 10.76 23.17
C LEU A 250 -22.78 10.35 21.77
N MET A 251 -23.22 9.12 21.61
CA MET A 251 -23.19 8.51 20.29
C MET A 251 -24.42 8.83 19.46
N ASN A 252 -25.15 9.87 19.84
CA ASN A 252 -26.03 10.58 18.91
C ASN A 252 -25.32 11.76 18.27
N ASN A 253 -24.26 12.25 18.90
CA ASN A 253 -23.52 13.42 18.44
C ASN A 253 -22.09 13.13 17.98
N VAL A 254 -21.51 11.99 18.37
CA VAL A 254 -20.12 11.65 18.11
C VAL A 254 -20.06 10.52 17.08
N PHE A 255 -19.14 10.63 16.12
CA PHE A 255 -19.04 9.69 15.00
C PHE A 255 -17.59 9.33 14.77
N PHE A 256 -17.38 8.19 14.12
CA PHE A 256 -16.04 7.70 13.79
C PHE A 256 -15.90 7.46 12.30
N ASP A 257 -14.77 7.88 11.73
CA ASP A 257 -14.47 7.46 10.37
C ASP A 257 -13.87 6.05 10.35
N THR A 258 -13.72 5.51 9.14
CA THR A 258 -13.20 4.15 8.95
C THR A 258 -11.73 4.13 8.53
N CYS A 259 -10.93 5.10 9.01
CA CYS A 259 -9.49 5.17 8.71
C CYS A 259 -8.69 4.24 9.62
N VAL A 260 -8.98 2.94 9.50
CA VAL A 260 -8.26 1.87 10.20
C VAL A 260 -7.61 0.98 9.13
N TYR A 261 -6.28 1.04 9.04
CA TYR A 261 -5.54 0.54 7.86
C TYR A 261 -5.21 -0.94 7.97
N HIS A 262 -6.19 -1.75 8.31
CA HIS A 262 -6.08 -3.19 8.09
C HIS A 262 -7.39 -3.87 8.44
N GLN A 263 -7.65 -4.99 7.77
CA GLN A 263 -8.93 -5.67 7.93
C GLN A 263 -9.34 -5.86 9.38
N PRO A 264 -8.51 -6.43 10.26
CA PRO A 264 -9.00 -6.72 11.62
C PRO A 264 -9.48 -5.49 12.36
N GLY A 265 -8.84 -4.34 12.17
CA GLY A 265 -9.28 -3.14 12.85
C GLY A 265 -10.66 -2.72 12.40
N ILE A 266 -10.94 -2.85 11.10
CA ILE A 266 -12.26 -2.54 10.54
C ILE A 266 -13.29 -3.55 11.04
N ASN A 267 -12.93 -4.83 11.13
CA ASN A 267 -13.82 -5.83 11.72
C ASN A 267 -14.33 -5.41 13.09
N LEU A 268 -13.44 -4.88 13.95
CA LEU A 268 -13.85 -4.54 15.31
C LEU A 268 -14.78 -3.34 15.35
N LEU A 269 -14.36 -2.24 14.72
CA LEU A 269 -15.16 -1.01 14.73
C LEU A 269 -16.62 -1.32 14.40
N ALA A 270 -16.84 -2.06 13.31
CA ALA A 270 -18.17 -2.49 12.91
C ALA A 270 -18.81 -3.44 13.91
N ASP A 271 -18.01 -4.13 14.73
CA ASP A 271 -18.57 -5.01 15.74
C ASP A 271 -19.18 -4.22 16.88
N VAL A 272 -18.46 -3.21 17.37
CA VAL A 272 -18.83 -2.54 18.61
C VAL A 272 -19.42 -1.14 18.42
N ILE A 273 -19.12 -0.44 17.31
CA ILE A 273 -19.74 0.87 17.10
C ILE A 273 -21.04 0.70 16.34
N ASP A 274 -22.05 1.49 16.71
CA ASP A 274 -23.32 1.50 15.98
C ASP A 274 -23.05 1.87 14.53
N ASN A 275 -23.62 1.10 13.60
CA ASN A 275 -23.55 1.43 12.17
C ASN A 275 -23.86 2.91 11.94
N LYS A 276 -24.88 3.42 12.62
CA LYS A 276 -25.25 4.83 12.49
C LYS A 276 -24.07 5.77 12.79
N ASN A 277 -23.06 5.32 13.52
CA ASN A 277 -21.98 6.20 13.94
C ASN A 277 -20.68 5.98 13.16
N ILE A 278 -20.71 5.24 12.06
CA ILE A 278 -19.51 4.90 11.30
C ILE A 278 -19.58 5.57 9.93
N LEU A 279 -18.56 6.36 9.61
CA LEU A 279 -18.53 7.11 8.36
C LEU A 279 -17.35 6.63 7.52
N PHE A 280 -17.59 6.25 6.28
CA PHE A 280 -16.48 5.78 5.45
C PHE A 280 -15.47 6.89 5.26
N GLY A 281 -14.19 6.57 5.44
CA GLY A 281 -13.11 7.50 5.19
C GLY A 281 -11.87 6.73 4.82
N SER A 282 -10.91 7.42 4.18
CA SER A 282 -9.67 6.75 3.80
C SER A 282 -8.40 7.57 4.04
N GLN A 283 -8.44 8.89 3.93
CA GLN A 283 -7.23 9.71 3.91
C GLN A 283 -6.15 9.09 3.02
N MET A 284 -6.54 8.77 1.79
CA MET A 284 -5.58 8.37 0.77
C MET A 284 -4.50 9.43 0.62
N VAL A 285 -3.31 8.99 0.21
CA VAL A 285 -2.18 9.87 -0.10
C VAL A 285 -1.79 10.65 1.15
N GLY A 286 -1.80 9.97 2.29
CA GLY A 286 -1.53 10.64 3.55
C GLY A 286 -0.43 9.99 4.38
N ALA A 287 -0.81 9.26 5.44
CA ALA A 287 0.15 8.80 6.42
C ALA A 287 0.89 7.54 5.98
N VAL A 288 0.20 6.57 5.39
CA VAL A 288 0.75 5.28 4.96
C VAL A 288 0.38 5.10 3.48
N ARG A 289 1.32 5.38 2.58
CA ARG A 289 0.95 5.47 1.17
C ARG A 289 1.35 4.24 0.35
N GLY A 290 1.89 3.20 1.00
CA GLY A 290 2.38 2.04 0.29
C GLY A 290 1.37 0.90 0.27
N ILE A 291 1.81 -0.21 -0.32
CA ILE A 291 1.04 -1.45 -0.36
C ILE A 291 1.36 -2.29 0.88
N ASP A 292 0.45 -3.20 1.20
CA ASP A 292 0.58 -4.09 2.35
C ASP A 292 1.10 -5.43 1.88
N PRO A 293 2.31 -5.84 2.32
CA PRO A 293 2.87 -7.12 1.84
C PRO A 293 1.97 -8.33 2.06
N THR A 294 1.10 -8.31 3.06
CA THR A 294 0.26 -9.45 3.38
C THR A 294 -1.02 -9.57 2.53
N THR A 295 -1.43 -8.51 1.83
CA THR A 295 -2.69 -8.54 1.08
C THR A 295 -2.51 -8.31 -0.40
N GLY A 296 -1.44 -7.65 -0.80
CA GLY A 296 -1.30 -7.19 -2.16
C GLY A 296 -1.81 -5.79 -2.38
N HIS A 297 -2.72 -5.31 -1.55
CA HIS A 297 -3.40 -4.04 -1.76
C HIS A 297 -2.83 -2.96 -0.84
N TYR A 298 -3.34 -1.75 -1.03
CA TYR A 298 -2.87 -0.62 -0.24
C TYR A 298 -3.37 -0.71 1.19
N PHE A 299 -2.51 -0.33 2.12
CA PHE A 299 -2.95 -0.11 3.49
C PHE A 299 -4.19 0.79 3.56
N ASP A 300 -4.20 1.88 2.79
CA ASP A 300 -5.20 2.92 2.99
C ASP A 300 -6.41 2.82 2.06
N ASP A 301 -6.55 1.72 1.31
CA ASP A 301 -7.73 1.46 0.50
C ASP A 301 -8.86 0.91 1.39
N THR A 302 -9.41 1.79 2.23
CA THR A 302 -10.32 1.35 3.29
C THR A 302 -11.64 0.80 2.77
N LYS A 303 -12.08 1.20 1.58
CA LYS A 303 -13.31 0.63 1.03
C LYS A 303 -13.24 -0.89 0.99
N ARG A 304 -12.05 -1.44 0.66
CA ARG A 304 -11.93 -2.89 0.56
C ARG A 304 -12.32 -3.57 1.87
N TYR A 305 -12.00 -2.94 3.01
CA TYR A 305 -12.30 -3.54 4.31
C TYR A 305 -13.80 -3.45 4.62
N ILE A 306 -14.42 -2.31 4.28
CA ILE A 306 -15.88 -2.19 4.42
C ILE A 306 -16.59 -3.17 3.49
N ASP A 307 -16.00 -3.42 2.31
CA ASP A 307 -16.55 -4.40 1.39
C ASP A 307 -16.53 -5.80 2.00
N ALA A 308 -15.44 -6.18 2.65
CA ALA A 308 -15.28 -7.54 3.14
C ALA A 308 -16.09 -7.82 4.40
N LEU A 309 -16.56 -6.79 5.10
CA LEU A 309 -17.45 -6.99 6.23
C LEU A 309 -18.74 -7.64 5.78
N ASP A 310 -19.26 -8.56 6.60
CA ASP A 310 -20.59 -9.11 6.39
C ASP A 310 -21.57 -8.19 7.10
N ILE A 311 -22.26 -7.35 6.32
CA ILE A 311 -23.19 -6.36 6.87
C ILE A 311 -24.27 -6.09 5.80
N SER A 312 -25.44 -5.67 6.27
CA SER A 312 -26.56 -5.57 5.36
C SER A 312 -26.32 -4.45 4.35
N ASP A 313 -27.21 -4.38 3.35
CA ASP A 313 -27.06 -3.34 2.33
C ASP A 313 -27.43 -1.98 2.90
N GLN A 314 -28.50 -1.91 3.67
CA GLN A 314 -28.74 -0.69 4.43
C GLN A 314 -27.49 -0.29 5.20
N GLU A 315 -27.06 -1.16 6.12
CA GLU A 315 -25.83 -0.94 6.89
C GLU A 315 -24.68 -0.53 6.01
N ARG A 316 -24.55 -1.15 4.83
CA ARG A 316 -23.51 -0.73 3.89
C ARG A 316 -23.79 0.66 3.37
N HIS A 317 -25.07 0.96 3.13
CA HIS A 317 -25.44 2.28 2.62
C HIS A 317 -25.08 3.38 3.61
N ALA A 318 -25.27 3.13 4.91
CA ALA A 318 -24.98 4.18 5.90
C ALA A 318 -23.50 4.56 5.89
N ILE A 319 -22.62 3.57 5.77
CA ILE A 319 -21.19 3.82 5.90
C ILE A 319 -20.66 4.63 4.70
N PHE A 320 -21.12 4.29 3.50
CA PHE A 320 -20.68 4.94 2.29
C PHE A 320 -21.44 6.23 1.95
N GLU A 321 -22.69 6.39 2.41
CA GLU A 321 -23.47 7.55 1.98
C GLU A 321 -24.42 8.10 3.06
N GLY A 322 -25.14 7.21 3.74
CA GLY A 322 -26.26 7.65 4.55
C GLY A 322 -25.85 8.51 5.73
N ASN A 323 -24.88 8.03 6.53
CA ASN A 323 -24.50 8.71 7.75
C ASN A 323 -23.85 10.06 7.46
N THR A 324 -22.99 10.13 6.45
CA THR A 324 -22.30 11.39 6.19
C THR A 324 -23.23 12.43 5.61
N ARG A 325 -24.23 12.02 4.82
CA ARG A 325 -25.23 12.99 4.37
C ARG A 325 -26.10 13.48 5.52
N ARG A 326 -26.33 12.63 6.53
CA ARG A 326 -26.98 13.11 7.74
C ARG A 326 -26.04 13.94 8.62
N VAL A 327 -24.72 13.72 8.53
CA VAL A 327 -23.78 14.45 9.38
C VAL A 327 -23.36 15.77 8.75
N PHE A 328 -23.45 15.90 7.43
CA PHE A 328 -23.23 17.14 6.69
C PHE A 328 -24.53 17.50 5.96
N PRO A 329 -25.46 18.16 6.63
CA PRO A 329 -26.72 18.51 5.95
C PRO A 329 -26.53 19.45 4.78
N ARG A 330 -25.47 20.27 4.77
CA ARG A 330 -25.22 21.13 3.63
C ARG A 330 -24.77 20.32 2.43
N LEU A 331 -24.10 19.19 2.68
CA LEU A 331 -23.84 18.25 1.60
C LEU A 331 -25.12 17.55 1.18
N ASP A 332 -25.84 17.02 2.16
CA ASP A 332 -27.14 16.42 1.93
C ASP A 332 -27.97 17.29 1.01
N ALA A 333 -28.01 18.60 1.32
CA ALA A 333 -28.81 19.55 0.56
C ALA A 333 -28.34 19.64 -0.89
N LYS A 334 -27.05 19.89 -1.09
CA LYS A 334 -26.50 20.07 -2.44
C LYS A 334 -26.74 18.86 -3.34
N LEU A 335 -26.65 17.66 -2.80
CA LEU A 335 -26.84 16.48 -3.64
C LEU A 335 -28.30 16.32 -4.05
N LYS A 336 -29.23 16.62 -3.13
CA LYS A 336 -30.65 16.49 -3.46
C LYS A 336 -31.04 17.45 -4.59
N ALA A 337 -30.48 18.66 -4.59
CA ALA A 337 -30.72 19.62 -5.65
C ALA A 337 -30.07 19.24 -6.98
N ARG A 338 -29.18 18.24 -6.97
CA ARG A 338 -28.69 17.62 -8.20
C ARG A 338 -29.53 16.41 -8.59
N GLY A 339 -30.61 16.15 -7.84
CA GLY A 339 -31.48 15.03 -8.10
C GLY A 339 -31.08 13.73 -7.44
N LEU A 340 -30.11 13.76 -6.52
CA LEU A 340 -29.52 12.53 -5.99
C LEU A 340 -30.16 12.22 -4.63
N LEU A 341 -31.24 11.44 -4.66
CA LEU A 341 -31.94 11.03 -3.45
C LEU A 341 -31.36 9.75 -2.89
N GLU A 342 -31.65 9.50 -1.61
CA GLU A 342 -31.34 8.23 -1.00
C GLU A 342 -32.56 7.32 -0.92
N MET B 1 21.39 1.26 2.28
CA MET B 1 21.08 0.87 0.91
C MET B 1 20.17 -0.37 0.78
N MET B 2 20.12 -1.24 1.78
CA MET B 2 19.25 -2.43 1.80
C MET B 2 20.01 -3.66 1.36
N ILE B 3 20.02 -4.70 2.20
CA ILE B 3 20.87 -5.88 2.04
C ILE B 3 19.96 -7.08 1.74
N ILE B 4 20.01 -7.56 0.50
CA ILE B 4 19.14 -8.64 0.03
C ILE B 4 19.96 -9.91 -0.22
N ASP B 5 19.83 -10.90 0.65
CA ASP B 5 20.39 -12.23 0.40
C ASP B 5 19.70 -12.83 -0.81
N CYS B 6 20.47 -13.21 -1.81
CA CYS B 6 19.82 -13.79 -2.99
C CYS B 6 19.76 -15.31 -2.95
N HIS B 7 20.27 -15.95 -1.89
CA HIS B 7 20.51 -17.41 -1.96
C HIS B 7 20.35 -17.98 -0.55
N GLY B 8 19.17 -18.50 -0.25
CA GLY B 8 18.89 -19.15 1.01
C GLY B 8 17.85 -20.23 0.88
N HIS B 9 18.00 -21.33 1.61
CA HIS B 9 17.08 -22.45 1.49
C HIS B 9 16.46 -22.80 2.84
N TYR B 10 15.23 -23.30 2.78
CA TYR B 10 14.49 -23.67 3.98
C TYR B 10 15.05 -24.98 4.50
N THR B 11 16.22 -24.89 5.15
CA THR B 11 16.86 -26.11 5.61
C THR B 11 16.21 -26.64 6.88
N VAL B 12 16.29 -25.88 7.97
CA VAL B 12 15.82 -26.39 9.26
C VAL B 12 14.29 -26.40 9.24
N LEU B 13 13.71 -27.62 9.29
CA LEU B 13 12.33 -27.88 8.91
C LEU B 13 11.52 -28.48 10.06
N PRO B 14 10.20 -28.27 10.05
CA PRO B 14 9.34 -29.05 10.95
C PRO B 14 9.58 -30.54 10.76
N LYS B 15 9.77 -31.23 11.88
CA LYS B 15 10.20 -32.62 11.86
C LYS B 15 9.27 -33.48 11.00
N ALA B 16 7.97 -33.17 11.02
CA ALA B 16 7.03 -33.94 10.22
C ALA B 16 7.42 -33.93 8.75
N HIS B 17 7.95 -32.81 8.25
CA HIS B 17 8.30 -32.69 6.84
C HIS B 17 9.47 -33.60 6.49
N ASP B 18 10.53 -33.55 7.31
CA ASP B 18 11.63 -34.50 7.18
C ASP B 18 11.26 -35.88 7.69
N GLU B 19 10.00 -36.09 8.07
CA GLU B 19 9.49 -37.40 8.43
C GLU B 19 8.58 -37.99 7.35
N TRP B 20 7.60 -37.22 6.87
CA TRP B 20 6.76 -37.68 5.77
C TRP B 20 7.58 -37.93 4.52
N ARG B 21 8.75 -37.28 4.40
CA ARG B 21 9.63 -37.52 3.26
C ARG B 21 10.13 -38.95 3.23
N GLU B 22 10.53 -39.49 4.38
CA GLU B 22 11.02 -40.87 4.42
C GLU B 22 9.89 -41.86 4.21
N GLN B 23 8.77 -41.63 4.91
CA GLN B 23 7.60 -42.47 4.69
C GLN B 23 7.21 -42.49 3.21
N GLN B 24 7.39 -41.38 2.52
CA GLN B 24 7.07 -41.32 1.10
C GLN B 24 8.05 -42.14 0.27
N LYS B 25 9.34 -42.13 0.64
CA LYS B 25 10.33 -42.92 -0.09
C LYS B 25 10.11 -44.40 0.15
N ALA B 26 10.17 -44.83 1.42
CA ALA B 26 9.87 -46.20 1.78
C ALA B 26 8.57 -46.68 1.12
N ALA B 27 7.50 -45.93 1.31
CA ALA B 27 6.22 -46.28 0.69
C ALA B 27 6.38 -46.52 -0.82
N PHE B 28 7.24 -45.73 -1.46
CA PHE B 28 7.50 -45.90 -2.89
C PHE B 28 8.28 -47.18 -3.16
N LYS B 29 9.38 -47.39 -2.45
CA LYS B 29 10.20 -48.58 -2.67
C LYS B 29 9.39 -49.84 -2.47
N ALA B 30 8.43 -49.81 -1.56
CA ALA B 30 7.62 -50.97 -1.24
C ALA B 30 6.38 -51.08 -2.12
N GLY B 31 6.32 -50.31 -3.21
CA GLY B 31 5.09 -50.22 -3.95
C GLY B 31 3.92 -49.71 -3.14
N GLN B 32 4.20 -49.05 -1.97
CA GLN B 32 3.04 -48.61 -1.19
C GLN B 32 2.66 -47.17 -1.54
N PRO B 33 1.38 -46.84 -1.36
CA PRO B 33 0.94 -45.46 -1.54
C PRO B 33 1.39 -44.63 -0.36
N ALA B 34 1.84 -43.40 -0.64
CA ALA B 34 2.38 -42.55 0.40
C ALA B 34 1.34 -42.22 1.47
N PRO B 35 1.77 -42.05 2.71
CA PRO B 35 0.86 -41.63 3.77
C PRO B 35 0.32 -40.23 3.52
N PRO B 36 -0.57 -39.74 4.40
CA PRO B 36 -1.10 -38.38 4.22
C PRO B 36 -0.08 -37.37 4.70
N TYR B 37 0.13 -36.33 3.90
CA TYR B 37 1.09 -35.32 4.31
C TYR B 37 0.68 -34.77 5.67
N PRO B 38 1.60 -34.68 6.63
CA PRO B 38 1.25 -34.22 7.96
C PRO B 38 0.71 -32.80 7.96
N GLU B 39 0.20 -32.41 9.10
CA GLU B 39 -0.35 -31.09 9.29
C GLU B 39 0.66 -30.28 10.09
N ILE B 40 1.13 -29.19 9.49
CA ILE B 40 2.12 -28.32 10.11
C ILE B 40 1.51 -26.94 10.29
N SER B 41 1.79 -26.33 11.44
CA SER B 41 1.14 -25.11 11.88
C SER B 41 2.06 -23.90 11.67
N ASP B 42 1.44 -22.75 11.46
CA ASP B 42 2.16 -21.48 11.38
C ASP B 42 3.20 -21.36 12.48
N ASP B 43 2.79 -21.62 13.73
CA ASP B 43 3.71 -21.46 14.85
C ASP B 43 4.90 -22.40 14.73
N GLU B 44 4.66 -23.63 14.26
CA GLU B 44 5.79 -24.54 14.05
C GLU B 44 6.70 -24.03 12.95
N ILE B 45 6.13 -23.39 11.92
CA ILE B 45 6.94 -22.73 10.92
C ILE B 45 7.61 -21.50 11.50
N ARG B 46 6.86 -20.71 12.27
CA ARG B 46 7.42 -19.55 12.93
C ARG B 46 8.61 -19.94 13.81
N GLU B 47 8.48 -21.07 14.54
CA GLU B 47 9.53 -21.50 15.45
C GLU B 47 10.84 -21.80 14.74
N THR B 48 10.76 -22.43 13.56
CA THR B 48 11.97 -22.83 12.87
C THR B 48 12.68 -21.61 12.29
N ILE B 49 11.93 -20.62 11.82
CA ILE B 49 12.54 -19.46 11.19
C ILE B 49 13.13 -18.53 12.25
N GLU B 50 12.38 -18.28 13.31
CA GLU B 50 12.81 -17.31 14.30
C GLU B 50 14.13 -17.74 14.96
N ALA B 51 14.32 -19.05 15.14
CA ALA B 51 15.52 -19.60 15.79
C ALA B 51 16.74 -19.65 14.88
N ASN B 52 16.54 -19.61 13.56
CA ASN B 52 17.59 -19.89 12.60
C ASN B 52 17.75 -18.70 11.65
N GLN B 53 16.97 -18.65 10.57
CA GLN B 53 17.13 -17.62 9.55
C GLN B 53 16.83 -16.22 10.09
N LEU B 54 15.74 -16.05 10.83
CA LEU B 54 15.41 -14.71 11.31
C LEU B 54 16.41 -14.25 12.37
N ARG B 55 16.85 -15.17 13.23
CA ARG B 55 17.87 -14.82 14.22
C ARG B 55 19.08 -14.22 13.53
N LEU B 56 19.64 -14.94 12.56
CA LEU B 56 20.89 -14.52 11.92
C LEU B 56 20.68 -13.33 10.98
N ILE B 57 19.54 -13.25 10.29
CA ILE B 57 19.26 -12.09 9.45
C ILE B 57 19.40 -10.80 10.24
N LYS B 58 18.70 -10.73 11.37
CA LYS B 58 18.91 -9.64 12.32
C LYS B 58 20.35 -9.60 12.80
N GLU B 59 20.91 -10.75 13.17
CA GLU B 59 22.24 -10.76 13.74
C GLU B 59 23.25 -10.12 12.80
N ARG B 60 23.17 -10.45 11.51
CA ARG B 60 24.20 -10.06 10.54
C ARG B 60 23.88 -8.78 9.76
N GLY B 61 22.75 -8.13 10.04
CA GLY B 61 22.42 -6.88 9.38
C GLY B 61 21.79 -7.00 7.99
N ALA B 62 21.12 -8.10 7.69
CA ALA B 62 20.46 -8.28 6.41
C ALA B 62 18.97 -7.93 6.53
N ASP B 63 18.35 -7.67 5.39
CA ASP B 63 16.98 -7.18 5.38
C ASP B 63 16.00 -8.17 4.78
N MET B 64 16.41 -8.99 3.82
CA MET B 64 15.56 -10.07 3.36
C MET B 64 16.43 -11.12 2.70
N THR B 65 15.85 -12.31 2.49
CA THR B 65 16.51 -13.44 1.87
C THR B 65 15.59 -13.99 0.79
N ILE B 66 16.17 -14.33 -0.36
CA ILE B 66 15.44 -14.97 -1.44
C ILE B 66 15.44 -16.47 -1.17
N PHE B 67 14.35 -16.97 -0.59
CA PHE B 67 14.30 -18.28 0.07
C PHE B 67 13.77 -19.35 -0.88
N SER B 68 14.36 -20.55 -0.80
CA SER B 68 13.92 -21.70 -1.57
C SER B 68 14.02 -22.98 -0.74
N PRO B 69 13.46 -24.09 -1.23
CA PRO B 69 13.56 -25.35 -0.49
C PRO B 69 14.99 -25.86 -0.39
N ARG B 70 15.25 -26.62 0.69
CA ARG B 70 16.57 -27.20 0.92
C ARG B 70 17.08 -27.91 -0.32
N ALA B 71 18.18 -27.42 -0.89
CA ALA B 71 18.62 -27.87 -2.20
C ALA B 71 18.89 -29.38 -2.20
N SER B 72 19.75 -29.85 -1.30
CA SER B 72 20.07 -31.27 -1.25
C SER B 72 18.86 -32.11 -0.90
N ALA B 73 17.82 -31.50 -0.34
CA ALA B 73 16.60 -32.24 0.00
C ALA B 73 15.81 -32.62 -1.25
N MET B 74 15.88 -31.78 -2.29
CA MET B 74 15.14 -32.02 -3.54
C MET B 74 15.26 -33.47 -4.00
N ALA B 75 16.50 -33.99 -4.08
CA ALA B 75 16.82 -35.36 -4.47
C ALA B 75 15.97 -35.82 -5.64
N PRO B 76 16.27 -35.38 -6.86
CA PRO B 76 15.44 -35.81 -8.00
C PRO B 76 15.61 -37.27 -8.34
N HIS B 77 16.76 -37.85 -8.05
CA HIS B 77 17.13 -39.25 -8.23
C HIS B 77 16.38 -40.21 -7.27
N VAL B 78 15.40 -39.71 -6.54
CA VAL B 78 14.66 -40.46 -5.52
C VAL B 78 13.20 -40.05 -5.59
N GLY B 79 12.42 -40.70 -6.45
CA GLY B 79 12.90 -41.70 -7.37
C GLY B 79 12.42 -41.33 -8.76
N ASP B 80 11.12 -41.09 -8.91
CA ASP B 80 10.59 -40.68 -10.21
C ASP B 80 9.43 -39.71 -10.01
N GLN B 81 8.74 -39.41 -11.10
CA GLN B 81 7.68 -38.40 -11.10
C GLN B 81 6.67 -38.60 -9.99
N SER B 82 6.37 -39.84 -9.62
CA SER B 82 5.42 -40.01 -8.54
C SER B 82 6.01 -39.59 -7.21
N VAL B 83 7.33 -39.46 -7.15
CA VAL B 83 7.99 -39.02 -5.93
C VAL B 83 8.41 -37.57 -6.10
N ALA B 84 8.76 -37.19 -7.33
CA ALA B 84 9.19 -35.81 -7.58
C ALA B 84 8.05 -34.82 -7.34
N VAL B 85 6.98 -34.92 -8.12
CA VAL B 85 5.86 -33.99 -8.04
C VAL B 85 5.40 -33.77 -6.60
N PRO B 86 4.92 -34.79 -5.90
CA PRO B 86 4.42 -34.57 -4.53
C PRO B 86 5.42 -33.86 -3.65
N TRP B 87 6.69 -34.27 -3.74
CA TRP B 87 7.75 -33.73 -2.91
C TRP B 87 8.03 -32.27 -3.23
N ALA B 88 8.02 -31.91 -4.51
CA ALA B 88 8.29 -30.52 -4.89
C ALA B 88 7.12 -29.62 -4.48
N GLN B 89 5.90 -30.08 -4.68
CA GLN B 89 4.73 -29.28 -4.31
C GLN B 89 4.71 -29.01 -2.81
N ALA B 90 5.04 -30.01 -2.01
CA ALA B 90 5.00 -29.82 -0.56
C ALA B 90 6.10 -28.87 -0.10
N CYS B 91 7.26 -28.92 -0.76
CA CYS B 91 8.37 -28.05 -0.34
C CYS B 91 8.12 -26.60 -0.73
N ASN B 92 7.53 -26.36 -1.91
CA ASN B 92 7.23 -24.99 -2.33
C ASN B 92 5.99 -24.43 -1.66
N ASN B 93 5.16 -25.30 -1.08
CA ASN B 93 4.08 -24.84 -0.22
C ASN B 93 4.60 -24.31 1.09
N LEU B 94 5.61 -24.98 1.67
CA LEU B 94 6.23 -24.48 2.89
C LEU B 94 6.84 -23.11 2.68
N ILE B 95 7.55 -22.92 1.57
CA ILE B 95 8.13 -21.60 1.28
C ILE B 95 7.03 -20.55 1.16
N ALA B 96 5.92 -20.91 0.53
CA ALA B 96 4.80 -19.98 0.41
C ALA B 96 4.28 -19.55 1.77
N ARG B 97 4.29 -20.47 2.73
CA ARG B 97 3.79 -20.18 4.07
C ARG B 97 4.77 -19.31 4.85
N VAL B 98 6.05 -19.70 4.83
CA VAL B 98 7.09 -18.84 5.38
C VAL B 98 6.88 -17.40 4.90
N VAL B 99 6.78 -17.20 3.58
CA VAL B 99 6.63 -15.84 3.05
C VAL B 99 5.37 -15.17 3.56
N ASP B 100 4.30 -15.94 3.77
CA ASP B 100 3.10 -15.34 4.34
C ASP B 100 3.33 -14.97 5.81
N LEU B 101 3.97 -15.86 6.55
CA LEU B 101 4.27 -15.61 7.96
C LEU B 101 5.24 -14.46 8.13
N PHE B 102 6.19 -14.30 7.19
CA PHE B 102 7.23 -13.28 7.28
C PHE B 102 7.26 -12.56 5.94
N PRO B 103 6.41 -11.56 5.73
CA PRO B 103 6.25 -10.97 4.39
C PRO B 103 7.36 -10.01 3.98
N GLU B 104 7.79 -9.18 4.91
CA GLU B 104 8.81 -8.16 4.66
C GLU B 104 10.23 -8.72 4.59
N THR B 105 10.44 -10.01 4.90
CA THR B 105 11.77 -10.56 5.13
C THR B 105 12.18 -11.68 4.17
N PHE B 106 11.24 -12.52 3.68
CA PHE B 106 11.55 -13.57 2.73
C PHE B 106 10.76 -13.37 1.43
N ALA B 107 11.39 -13.74 0.31
CA ALA B 107 10.78 -13.87 -1.01
C ALA B 107 10.95 -15.30 -1.55
N GLY B 108 9.96 -15.78 -2.30
CA GLY B 108 9.91 -17.18 -2.68
C GLY B 108 10.54 -17.52 -4.02
N VAL B 109 11.41 -18.55 -4.01
CA VAL B 109 11.92 -19.21 -5.20
C VAL B 109 11.54 -20.68 -5.12
N CYS B 110 11.09 -21.25 -6.24
CA CYS B 110 10.55 -22.59 -6.24
C CYS B 110 11.61 -23.62 -6.63
N MET B 111 11.41 -24.84 -6.15
CA MET B 111 12.05 -26.01 -6.70
C MET B 111 11.19 -26.55 -7.83
N LEU B 112 11.80 -27.39 -8.65
CA LEU B 112 11.10 -27.99 -9.76
C LEU B 112 11.02 -29.49 -9.56
N PRO B 113 9.89 -30.10 -9.90
CA PRO B 113 9.73 -31.56 -9.78
C PRO B 113 10.48 -32.37 -10.85
N GLN B 114 11.76 -32.06 -11.05
CA GLN B 114 12.55 -32.79 -12.03
C GLN B 114 12.95 -34.17 -11.51
N SER B 115 12.74 -35.19 -12.32
CA SER B 115 13.25 -36.52 -12.04
C SER B 115 14.01 -37.00 -13.26
N PRO B 116 14.86 -38.03 -13.09
CA PRO B 116 15.71 -38.44 -14.22
C PRO B 116 14.96 -38.81 -15.48
N GLU B 117 13.84 -39.53 -15.35
CA GLU B 117 13.21 -40.18 -16.49
C GLU B 117 12.16 -39.32 -17.18
N ALA B 118 11.96 -38.06 -16.77
CA ALA B 118 10.89 -37.21 -17.28
C ALA B 118 11.43 -36.03 -18.08
N ASP B 119 10.51 -35.27 -18.66
CA ASP B 119 10.77 -34.02 -19.34
C ASP B 119 10.50 -32.86 -18.39
N MET B 120 10.50 -31.63 -18.93
CA MET B 120 10.30 -30.48 -18.06
C MET B 120 8.85 -30.17 -17.78
N THR B 121 7.92 -30.89 -18.41
CA THR B 121 6.54 -30.41 -18.52
C THR B 121 5.94 -30.10 -17.16
N SER B 122 6.32 -30.85 -16.13
CA SER B 122 5.77 -30.62 -14.80
C SER B 122 6.42 -29.42 -14.10
N SER B 123 7.71 -29.16 -14.38
CA SER B 123 8.33 -27.93 -13.89
C SER B 123 7.61 -26.70 -14.46
N ILE B 124 7.54 -26.62 -15.79
CA ILE B 124 6.72 -25.61 -16.46
C ILE B 124 5.39 -25.48 -15.75
N ALA B 125 4.80 -26.62 -15.40
CA ALA B 125 3.57 -26.63 -14.63
C ALA B 125 3.77 -25.95 -13.28
N GLU B 126 4.66 -26.51 -12.44
CA GLU B 126 4.87 -25.94 -11.11
C GLU B 126 5.36 -24.51 -11.20
N LEU B 127 6.27 -24.23 -12.13
CA LEU B 127 6.79 -22.87 -12.26
C LEU B 127 5.65 -21.88 -12.38
N GLU B 128 4.61 -22.23 -13.13
CA GLU B 128 3.48 -21.33 -13.28
C GLU B 128 2.62 -21.29 -12.02
N ARG B 129 2.48 -22.41 -11.31
CA ARG B 129 1.81 -22.38 -10.01
C ARG B 129 2.48 -21.40 -9.06
N CYS B 130 3.77 -21.61 -8.76
CA CYS B 130 4.41 -20.79 -7.74
C CYS B 130 4.43 -19.31 -8.12
N VAL B 131 4.79 -19.03 -9.38
CA VAL B 131 5.00 -17.66 -9.81
C VAL B 131 3.69 -16.88 -9.88
N ASN B 132 2.65 -17.50 -10.45
CA ASN B 132 1.36 -16.86 -10.71
C ASN B 132 0.41 -16.96 -9.52
N GLU B 133 0.32 -18.14 -8.92
CA GLU B 133 -0.63 -18.40 -7.84
C GLU B 133 -0.02 -18.18 -6.47
N LEU B 134 1.17 -18.76 -6.23
CA LEU B 134 1.91 -18.62 -5.00
C LEU B 134 2.79 -17.38 -4.97
N GLY B 135 3.02 -16.74 -6.11
CA GLY B 135 3.67 -15.44 -6.12
C GLY B 135 5.19 -15.43 -6.01
N PHE B 136 5.87 -16.52 -6.39
CA PHE B 136 7.33 -16.55 -6.30
C PHE B 136 7.96 -15.63 -7.37
N ILE B 137 9.29 -15.48 -7.26
CA ILE B 137 10.06 -14.56 -8.11
C ILE B 137 11.15 -15.26 -8.93
N GLY B 138 11.26 -16.58 -8.87
CA GLY B 138 12.26 -17.31 -9.63
C GLY B 138 12.26 -18.77 -9.23
N CYS B 139 13.24 -19.53 -9.74
CA CYS B 139 13.30 -20.97 -9.52
C CYS B 139 14.74 -21.45 -9.38
N ASN B 140 14.88 -22.64 -8.80
CA ASN B 140 16.13 -23.39 -8.87
C ASN B 140 15.97 -24.44 -9.96
N LEU B 141 16.96 -24.55 -10.84
CA LEU B 141 16.92 -25.45 -11.99
C LEU B 141 18.11 -26.40 -11.91
N ASN B 142 17.82 -27.71 -11.87
CA ASN B 142 18.83 -28.72 -11.57
C ASN B 142 19.32 -29.37 -12.84
N PRO B 143 20.61 -29.23 -13.20
CA PRO B 143 21.10 -29.77 -14.47
C PRO B 143 21.59 -31.22 -14.43
N ASP B 144 21.49 -31.91 -13.29
CA ASP B 144 21.81 -33.34 -13.22
C ASP B 144 20.89 -34.00 -12.21
N PRO B 145 19.63 -34.24 -12.59
CA PRO B 145 18.72 -34.98 -11.69
C PRO B 145 19.13 -36.44 -11.44
N GLY B 146 20.00 -37.02 -12.26
CA GLY B 146 20.53 -38.35 -12.01
C GLY B 146 21.27 -38.52 -10.69
N GLY B 147 21.73 -37.43 -10.08
CA GLY B 147 22.26 -37.53 -8.75
C GLY B 147 23.76 -37.65 -8.65
N GLY B 148 24.50 -37.20 -9.66
CA GLY B 148 25.94 -37.11 -9.55
C GLY B 148 26.73 -37.76 -10.66
N HIS B 149 26.11 -38.05 -11.79
CA HIS B 149 26.85 -38.57 -12.93
C HIS B 149 26.67 -37.73 -14.21
N PHE B 150 25.97 -36.60 -14.14
CA PHE B 150 25.90 -35.63 -15.24
C PHE B 150 25.48 -36.31 -16.53
N LYS B 151 24.44 -37.12 -16.44
CA LYS B 151 23.95 -37.88 -17.57
C LYS B 151 22.82 -37.16 -18.31
N HIS B 152 22.62 -35.85 -18.06
CA HIS B 152 21.58 -35.02 -18.68
C HIS B 152 22.15 -34.13 -19.79
N PRO B 153 21.30 -33.61 -20.66
CA PRO B 153 21.79 -32.76 -21.75
C PRO B 153 22.33 -31.46 -21.20
N PRO B 154 23.21 -30.78 -21.96
CA PRO B 154 23.67 -29.46 -21.54
C PRO B 154 22.55 -28.44 -21.64
N LEU B 155 22.67 -27.39 -20.83
CA LEU B 155 21.63 -26.37 -20.74
C LEU B 155 21.35 -25.67 -22.06
N THR B 156 22.24 -25.83 -23.05
CA THR B 156 21.99 -25.30 -24.38
C THR B 156 21.15 -26.24 -25.24
N ASP B 157 21.01 -27.49 -24.84
CA ASP B 157 20.25 -28.42 -25.64
C ASP B 157 18.78 -28.00 -25.65
N ARG B 158 18.15 -28.23 -26.80
CA ARG B 158 16.72 -27.95 -26.91
C ARG B 158 15.90 -28.75 -25.91
N PHE B 159 16.50 -29.75 -25.25
CA PHE B 159 15.78 -30.47 -24.21
C PHE B 159 15.18 -29.51 -23.19
N TRP B 160 15.90 -28.44 -22.88
CA TRP B 160 15.45 -27.45 -21.91
C TRP B 160 14.65 -26.33 -22.55
N TYR B 161 14.52 -26.29 -23.87
CA TYR B 161 14.04 -25.09 -24.54
C TYR B 161 12.61 -24.71 -24.16
N PRO B 162 11.63 -25.63 -24.16
CA PRO B 162 10.30 -25.25 -23.65
C PRO B 162 10.34 -24.62 -22.27
N PHE B 163 11.08 -25.23 -21.33
CA PHE B 163 11.15 -24.62 -20.01
C PHE B 163 11.66 -23.19 -20.12
N TYR B 164 12.75 -23.00 -20.88
CA TYR B 164 13.29 -21.66 -21.11
C TYR B 164 12.21 -20.73 -21.64
N GLU B 165 11.32 -21.27 -22.48
CA GLU B 165 10.29 -20.47 -23.11
C GLU B 165 9.30 -19.91 -22.09
N LYS B 166 8.82 -20.75 -21.16
CA LYS B 166 7.96 -20.21 -20.10
C LYS B 166 8.74 -19.34 -19.13
N MET B 167 9.99 -19.73 -18.81
CA MET B 167 10.84 -18.85 -17.99
C MET B 167 10.90 -17.44 -18.58
N VAL B 168 10.88 -17.34 -19.91
CA VAL B 168 10.87 -16.05 -20.58
C VAL B 168 9.52 -15.36 -20.39
N GLU B 169 8.44 -16.05 -20.76
CA GLU B 169 7.08 -15.58 -20.54
C GLU B 169 6.89 -15.02 -19.13
N LEU B 170 7.28 -15.79 -18.10
CA LEU B 170 7.08 -15.30 -16.73
C LEU B 170 8.14 -14.29 -16.33
N ASP B 171 9.29 -14.27 -17.02
CA ASP B 171 10.36 -13.30 -16.76
C ASP B 171 11.06 -13.55 -15.42
N VAL B 172 11.20 -14.82 -15.04
CA VAL B 172 11.83 -15.20 -13.78
C VAL B 172 13.21 -15.84 -14.02
N PRO B 173 14.23 -15.49 -13.26
CA PRO B 173 15.54 -16.12 -13.43
C PRO B 173 15.55 -17.48 -12.76
N ALA B 174 16.57 -18.27 -13.09
CA ALA B 174 16.79 -19.56 -12.43
C ALA B 174 18.21 -19.58 -11.86
N MET B 175 18.35 -20.17 -10.68
CA MET B 175 19.68 -20.44 -10.12
C MET B 175 20.04 -21.88 -10.45
N ILE B 176 21.07 -22.04 -11.26
CA ILE B 176 21.62 -23.37 -11.56
C ILE B 176 22.06 -24.03 -10.25
N HIS B 177 21.42 -25.15 -9.92
CA HIS B 177 21.70 -25.75 -8.62
C HIS B 177 21.26 -27.20 -8.63
N VAL B 178 22.21 -28.11 -8.47
CA VAL B 178 21.89 -29.53 -8.35
C VAL B 178 21.37 -29.79 -6.95
N SER B 179 21.27 -31.06 -6.60
CA SER B 179 20.70 -31.50 -5.34
C SER B 179 21.66 -32.50 -4.71
N GLY B 180 21.15 -33.49 -3.98
CA GLY B 180 22.02 -34.47 -3.36
C GLY B 180 22.55 -35.47 -4.36
N SER B 181 23.72 -36.03 -4.03
CA SER B 181 24.45 -36.91 -4.92
C SER B 181 24.21 -38.36 -4.57
N CYS B 182 23.75 -39.14 -5.55
CA CYS B 182 23.73 -40.59 -5.40
C CYS B 182 25.07 -41.24 -5.67
N ASN B 183 26.05 -40.52 -6.22
CA ASN B 183 27.36 -41.09 -6.51
C ASN B 183 28.21 -40.97 -5.25
N PRO B 184 28.78 -42.06 -4.73
CA PRO B 184 29.64 -41.96 -3.55
C PRO B 184 31.04 -41.48 -3.89
N ALA B 185 31.30 -41.16 -5.15
CA ALA B 185 32.56 -40.55 -5.53
C ALA B 185 32.52 -39.04 -5.41
N MET B 186 31.39 -38.48 -4.97
CA MET B 186 31.17 -37.04 -5.10
C MET B 186 30.20 -36.56 -4.01
N HIS B 187 30.77 -35.96 -2.97
CA HIS B 187 29.98 -35.25 -1.97
C HIS B 187 29.14 -34.16 -2.63
N ALA B 188 27.96 -33.90 -2.04
CA ALA B 188 27.03 -32.96 -2.64
C ALA B 188 27.52 -31.52 -2.54
N THR B 189 27.70 -31.04 -1.32
CA THR B 189 27.91 -29.61 -1.12
C THR B 189 29.34 -29.17 -1.42
N GLY B 190 30.29 -30.10 -1.47
CA GLY B 190 31.67 -29.72 -1.63
C GLY B 190 32.37 -30.22 -2.88
N ALA B 191 31.63 -30.89 -3.76
CA ALA B 191 32.17 -31.44 -4.99
C ALA B 191 31.13 -31.31 -6.07
N TYR B 192 29.97 -31.93 -5.83
CA TYR B 192 28.87 -31.93 -6.80
C TYR B 192 28.41 -30.51 -7.13
N TYR B 193 28.15 -29.68 -6.12
CA TYR B 193 27.62 -28.35 -6.43
C TYR B 193 28.66 -27.50 -7.13
N LEU B 194 29.93 -27.59 -6.69
CA LEU B 194 30.99 -26.82 -7.32
C LEU B 194 31.34 -27.38 -8.69
N ALA B 195 31.34 -28.71 -8.83
CA ALA B 195 31.48 -29.30 -10.15
C ALA B 195 30.40 -28.79 -11.08
N ALA B 196 29.14 -28.80 -10.62
CA ALA B 196 28.02 -28.44 -11.48
C ALA B 196 28.06 -26.97 -11.88
N ASP B 197 28.52 -26.07 -11.01
CA ASP B 197 28.57 -24.64 -11.35
C ASP B 197 29.48 -24.39 -12.54
N THR B 198 30.60 -25.12 -12.60
CA THR B 198 31.59 -24.95 -13.65
C THR B 198 31.16 -25.61 -14.95
N ILE B 199 30.59 -26.80 -14.86
CA ILE B 199 30.09 -27.48 -16.04
C ILE B 199 29.09 -26.58 -16.77
N ALA B 200 28.15 -26.01 -16.02
CA ALA B 200 27.12 -25.15 -16.60
C ALA B 200 27.72 -24.01 -17.39
N PHE B 201 28.68 -23.30 -16.79
CA PHE B 201 29.29 -22.15 -17.46
C PHE B 201 29.94 -22.56 -18.77
N MET B 202 30.78 -23.60 -18.74
CA MET B 202 31.39 -24.08 -19.97
C MET B 202 30.32 -24.38 -21.01
N GLN B 203 29.44 -25.35 -20.74
CA GLN B 203 28.32 -25.68 -21.62
C GLN B 203 27.76 -24.48 -22.35
N LEU B 204 27.68 -23.34 -21.64
CA LEU B 204 27.18 -22.11 -22.22
C LEU B 204 28.24 -21.44 -23.09
N LEU B 205 29.46 -21.36 -22.58
CA LEU B 205 30.57 -20.91 -23.39
C LEU B 205 30.71 -21.71 -24.69
N GLN B 206 30.34 -23.00 -24.67
CA GLN B 206 30.49 -23.84 -25.85
C GLN B 206 29.51 -23.45 -26.93
N GLY B 207 28.38 -22.86 -26.55
CA GLY B 207 27.24 -22.64 -27.40
C GLY B 207 26.89 -21.16 -27.44
N ASN B 208 25.59 -20.89 -27.63
CA ASN B 208 24.98 -19.56 -27.60
C ASN B 208 23.50 -19.73 -27.36
N LEU B 209 23.15 -20.04 -26.11
CA LEU B 209 21.76 -20.13 -25.72
C LEU B 209 21.15 -18.74 -25.60
N PHE B 210 21.96 -17.75 -25.26
CA PHE B 210 21.49 -16.38 -25.09
C PHE B 210 21.32 -15.66 -26.40
N ALA B 211 21.69 -16.29 -27.50
CA ALA B 211 21.19 -15.88 -28.80
C ALA B 211 19.72 -16.23 -28.92
N ASP B 212 19.35 -17.47 -28.57
CA ASP B 212 17.98 -17.92 -28.76
C ASP B 212 17.05 -17.37 -27.68
N PHE B 213 17.54 -17.12 -26.47
CA PHE B 213 16.73 -16.54 -25.40
C PHE B 213 17.46 -15.32 -24.86
N PRO B 214 17.29 -14.15 -25.48
CA PRO B 214 18.11 -12.98 -25.14
C PRO B 214 17.76 -12.30 -23.83
N THR B 215 16.61 -12.55 -23.24
CA THR B 215 16.34 -11.98 -21.92
C THR B 215 16.53 -12.98 -20.79
N LEU B 216 16.80 -14.24 -21.11
CA LEU B 216 16.97 -15.28 -20.10
C LEU B 216 18.03 -14.84 -19.09
N ARG B 217 17.86 -15.22 -17.82
CA ARG B 217 18.81 -14.84 -16.78
C ARG B 217 19.12 -16.04 -15.89
N PHE B 218 20.42 -16.36 -15.76
CA PHE B 218 20.91 -17.47 -14.94
C PHE B 218 21.78 -16.91 -13.83
N ILE B 219 21.57 -17.40 -12.60
CA ILE B 219 22.51 -17.21 -11.50
C ILE B 219 23.29 -18.51 -11.32
N ILE B 220 24.62 -18.41 -11.29
CA ILE B 220 25.49 -19.56 -11.01
C ILE B 220 25.99 -19.42 -9.57
N PRO B 221 25.58 -20.30 -8.66
CA PRO B 221 25.83 -20.09 -7.24
C PRO B 221 27.28 -20.27 -6.88
N HIS B 222 27.61 -19.86 -5.66
CA HIS B 222 28.92 -20.18 -5.07
C HIS B 222 30.05 -19.50 -5.84
N GLY B 223 29.87 -18.22 -6.16
CA GLY B 223 30.90 -17.49 -6.85
C GLY B 223 31.22 -17.96 -8.25
N GLY B 224 30.48 -18.93 -8.79
CA GLY B 224 30.76 -19.47 -10.11
C GLY B 224 31.55 -20.76 -10.15
N GLY B 225 31.44 -21.59 -9.12
CA GLY B 225 32.28 -22.79 -9.08
C GLY B 225 33.72 -22.35 -9.08
N ALA B 226 34.47 -22.80 -10.08
CA ALA B 226 35.87 -22.41 -10.31
C ALA B 226 36.03 -21.27 -11.30
N VAL B 227 34.94 -20.73 -11.83
CA VAL B 227 35.03 -19.85 -13.00
C VAL B 227 35.90 -18.62 -12.75
N PRO B 228 35.54 -17.67 -11.87
CA PRO B 228 36.43 -16.52 -11.67
C PRO B 228 37.87 -16.91 -11.37
N TYR B 229 38.07 -17.96 -10.56
CA TYR B 229 39.40 -18.44 -10.24
C TYR B 229 40.17 -18.85 -11.50
N HIS B 230 39.47 -19.39 -12.49
CA HIS B 230 40.07 -19.71 -13.77
C HIS B 230 39.58 -18.82 -14.90
N TRP B 231 39.27 -17.56 -14.60
CA TRP B 231 38.69 -16.65 -15.58
C TRP B 231 39.53 -16.58 -16.86
N GLY B 232 40.86 -16.55 -16.72
CA GLY B 232 41.73 -16.47 -17.88
C GLY B 232 41.72 -17.72 -18.73
N ARG B 233 41.49 -18.87 -18.12
CA ARG B 233 41.31 -20.08 -18.91
C ARG B 233 40.06 -19.96 -19.77
N PHE B 234 38.99 -19.42 -19.20
CA PHE B 234 37.79 -19.27 -20.01
C PHE B 234 37.97 -18.16 -21.04
N ARG B 235 38.68 -17.09 -20.70
CA ARG B 235 38.89 -16.04 -21.69
C ARG B 235 39.67 -16.56 -22.90
N GLY B 236 40.76 -17.28 -22.67
CA GLY B 236 41.49 -17.85 -23.78
C GLY B 236 40.75 -19.00 -24.45
N LEU B 237 39.87 -19.67 -23.71
CA LEU B 237 39.06 -20.73 -24.31
C LEU B 237 38.05 -20.18 -25.30
N ALA B 238 37.58 -18.93 -25.09
CA ALA B 238 36.73 -18.30 -26.09
C ALA B 238 37.43 -18.35 -27.45
N ASP B 239 38.54 -17.61 -27.58
CA ASP B 239 39.29 -17.59 -28.84
C ASP B 239 39.57 -18.99 -29.37
N MET B 240 39.88 -19.94 -28.47
CA MET B 240 40.13 -21.31 -28.90
C MET B 240 38.91 -21.88 -29.62
N LEU B 241 37.72 -21.73 -29.02
CA LEU B 241 36.50 -22.19 -29.66
C LEU B 241 35.99 -21.21 -30.71
N LYS B 242 36.76 -20.14 -30.99
CA LYS B 242 36.37 -19.14 -31.99
C LYS B 242 35.05 -18.49 -31.61
N GLN B 243 34.91 -18.16 -30.33
CA GLN B 243 33.70 -17.65 -29.69
C GLN B 243 33.79 -16.15 -29.43
N PRO B 244 32.65 -15.49 -29.27
CA PRO B 244 32.64 -14.11 -28.79
C PRO B 244 33.22 -14.02 -27.39
N SER B 245 33.72 -12.83 -27.04
CA SER B 245 34.31 -12.66 -25.72
C SER B 245 33.29 -13.00 -24.65
N LEU B 246 33.77 -13.22 -23.41
CA LEU B 246 32.85 -13.62 -22.35
C LEU B 246 31.89 -12.49 -21.97
N ASP B 247 32.36 -11.25 -22.04
CA ASP B 247 31.51 -10.11 -21.69
C ASP B 247 30.26 -10.06 -22.57
N THR B 248 30.39 -10.46 -23.83
CA THR B 248 29.32 -10.36 -24.81
C THR B 248 28.50 -11.65 -24.88
N LEU B 249 29.16 -12.79 -24.95
CA LEU B 249 28.45 -14.05 -25.08
C LEU B 249 27.61 -14.37 -23.84
N LEU B 250 28.06 -13.91 -22.65
CA LEU B 250 27.57 -14.51 -21.42
C LEU B 250 27.16 -13.54 -20.33
N MET B 251 27.94 -12.50 -20.07
CA MET B 251 27.77 -11.67 -18.87
C MET B 251 26.67 -10.60 -18.98
N ASN B 252 25.82 -10.63 -19.98
CA ASN B 252 24.57 -9.87 -19.90
C ASN B 252 23.42 -10.74 -19.40
N ASN B 253 23.70 -12.02 -19.16
CA ASN B 253 22.72 -13.06 -18.84
C ASN B 253 23.15 -13.98 -17.71
N VAL B 254 24.38 -13.89 -17.19
CA VAL B 254 24.90 -14.82 -16.20
C VAL B 254 25.40 -14.03 -15.00
N PHE B 255 25.01 -14.47 -13.80
CA PHE B 255 25.28 -13.75 -12.57
C PHE B 255 25.80 -14.72 -11.52
N PHE B 256 26.77 -14.26 -10.74
CA PHE B 256 27.43 -15.04 -9.71
C PHE B 256 27.02 -14.50 -8.34
N ASP B 257 26.64 -15.40 -7.43
CA ASP B 257 26.42 -15.00 -6.04
C ASP B 257 27.74 -14.90 -5.31
N THR B 258 27.72 -14.33 -4.11
CA THR B 258 28.92 -14.24 -3.29
C THR B 258 28.97 -15.32 -2.22
N CYS B 259 28.48 -16.53 -2.50
CA CYS B 259 28.60 -17.65 -1.57
C CYS B 259 29.99 -18.28 -1.66
N VAL B 260 31.00 -17.45 -1.38
CA VAL B 260 32.41 -17.84 -1.42
C VAL B 260 32.96 -17.54 -0.02
N TYR B 261 33.25 -18.59 0.75
CA TYR B 261 33.26 -18.48 2.21
C TYR B 261 34.62 -18.10 2.79
N HIS B 262 35.43 -17.31 2.08
CA HIS B 262 36.53 -16.63 2.74
C HIS B 262 36.80 -15.29 2.04
N GLN B 263 37.52 -14.40 2.72
CA GLN B 263 37.81 -13.09 2.16
C GLN B 263 38.67 -13.15 0.90
N PRO B 264 39.67 -14.05 0.76
CA PRO B 264 40.48 -14.02 -0.46
C PRO B 264 39.71 -14.35 -1.73
N GLY B 265 38.77 -15.30 -1.69
CA GLY B 265 37.98 -15.61 -2.87
C GLY B 265 37.01 -14.51 -3.24
N ILE B 266 36.45 -13.84 -2.24
CA ILE B 266 35.66 -12.65 -2.49
C ILE B 266 36.54 -11.52 -2.99
N ASN B 267 37.83 -11.53 -2.65
CA ASN B 267 38.74 -10.56 -3.22
C ASN B 267 39.06 -10.88 -4.68
N LEU B 268 39.12 -12.17 -5.04
CA LEU B 268 39.27 -12.52 -6.44
C LEU B 268 38.01 -12.16 -7.22
N LEU B 269 36.87 -12.62 -6.72
CA LEU B 269 35.60 -12.42 -7.40
C LEU B 269 35.39 -10.95 -7.76
N ALA B 270 35.61 -10.06 -6.78
CA ALA B 270 35.43 -8.63 -7.02
C ALA B 270 36.49 -8.06 -7.94
N ASP B 271 37.63 -8.74 -8.08
CA ASP B 271 38.68 -8.31 -8.98
C ASP B 271 38.40 -8.71 -10.42
N VAL B 272 37.94 -9.94 -10.66
CA VAL B 272 37.86 -10.44 -12.02
C VAL B 272 36.48 -10.25 -12.64
N ILE B 273 35.41 -10.29 -11.84
CA ILE B 273 34.05 -10.27 -12.40
C ILE B 273 33.51 -8.86 -12.35
N ASP B 274 32.83 -8.46 -13.43
CA ASP B 274 32.24 -7.13 -13.48
C ASP B 274 31.28 -6.95 -12.33
N ASN B 275 31.21 -5.71 -11.83
CA ASN B 275 30.41 -5.41 -10.65
C ASN B 275 28.92 -5.67 -10.88
N LYS B 276 28.43 -5.47 -12.10
CA LYS B 276 27.02 -5.74 -12.38
C LYS B 276 26.69 -7.22 -12.28
N ASN B 277 27.69 -8.10 -12.22
CA ASN B 277 27.46 -9.55 -12.30
C ASN B 277 27.55 -10.23 -10.95
N ILE B 278 27.62 -9.47 -9.86
CA ILE B 278 27.89 -10.00 -8.53
C ILE B 278 26.67 -9.76 -7.66
N LEU B 279 26.08 -10.83 -7.13
CA LEU B 279 24.90 -10.73 -6.30
C LEU B 279 25.26 -11.22 -4.90
N PHE B 280 25.07 -10.35 -3.90
CA PHE B 280 25.25 -10.79 -2.52
C PHE B 280 24.33 -11.95 -2.20
N GLY B 281 24.91 -13.05 -1.72
CA GLY B 281 24.19 -14.11 -1.07
C GLY B 281 25.08 -14.75 -0.03
N SER B 282 24.48 -15.51 0.88
CA SER B 282 25.28 -16.19 1.90
C SER B 282 24.97 -17.67 2.09
N GLN B 283 23.78 -18.15 1.73
CA GLN B 283 23.38 -19.53 1.97
C GLN B 283 23.69 -19.95 3.42
N MET B 284 23.24 -19.11 4.36
CA MET B 284 23.37 -19.38 5.79
C MET B 284 22.62 -20.66 6.18
N VAL B 285 22.97 -21.16 7.37
CA VAL B 285 22.58 -22.48 7.90
C VAL B 285 22.50 -23.51 6.79
N GLY B 286 23.54 -23.59 5.99
CA GLY B 286 23.52 -24.59 4.96
C GLY B 286 24.74 -25.47 4.96
N ALA B 287 25.45 -25.45 3.83
CA ALA B 287 26.53 -26.40 3.64
C ALA B 287 27.60 -26.26 4.71
N VAL B 288 27.76 -25.07 5.29
CA VAL B 288 28.85 -24.79 6.21
C VAL B 288 28.31 -23.90 7.33
N ARG B 289 28.36 -24.39 8.57
CA ARG B 289 27.65 -23.71 9.65
C ARG B 289 28.51 -23.26 10.82
N GLY B 290 29.82 -23.60 10.85
CA GLY B 290 30.68 -23.25 11.97
C GLY B 290 31.42 -21.93 11.81
N ILE B 291 32.01 -21.50 12.93
CA ILE B 291 32.87 -20.32 12.96
C ILE B 291 34.19 -20.64 12.27
N ASP B 292 34.67 -19.71 11.49
CA ASP B 292 36.02 -19.81 10.98
C ASP B 292 36.98 -19.62 12.15
N PRO B 293 37.81 -20.61 12.49
CA PRO B 293 38.80 -20.41 13.57
C PRO B 293 39.87 -19.40 13.22
N THR B 294 40.06 -19.06 11.95
CA THR B 294 41.04 -18.06 11.58
C THR B 294 40.56 -16.63 11.80
N THR B 295 39.28 -16.41 12.09
CA THR B 295 38.77 -15.05 12.25
C THR B 295 37.85 -14.85 13.44
N GLY B 296 37.06 -15.84 13.84
CA GLY B 296 36.10 -15.66 14.90
C GLY B 296 34.68 -15.38 14.47
N HIS B 297 34.43 -15.23 13.17
CA HIS B 297 33.11 -14.99 12.62
C HIS B 297 32.72 -16.16 11.74
N TYR B 298 31.44 -16.24 11.40
CA TYR B 298 30.95 -17.41 10.67
C TYR B 298 31.42 -17.41 9.23
N PHE B 299 31.75 -18.60 8.75
CA PHE B 299 32.19 -18.78 7.37
C PHE B 299 31.22 -18.12 6.39
N ASP B 300 29.93 -18.39 6.54
CA ASP B 300 28.93 -17.92 5.60
C ASP B 300 28.36 -16.55 5.96
N ASP B 301 28.98 -15.86 6.93
CA ASP B 301 28.78 -14.43 7.14
C ASP B 301 29.48 -13.69 6.00
N THR B 302 28.94 -13.82 4.80
CA THR B 302 29.62 -13.25 3.63
C THR B 302 29.55 -11.72 3.60
N LYS B 303 28.64 -11.11 4.37
CA LYS B 303 28.58 -9.65 4.35
C LYS B 303 29.89 -9.05 4.84
N ARG B 304 30.61 -9.75 5.72
CA ARG B 304 31.89 -9.22 6.21
C ARG B 304 32.92 -9.15 5.10
N TYR B 305 32.89 -10.09 4.14
CA TYR B 305 33.83 -10.07 3.03
C TYR B 305 33.57 -8.91 2.10
N ILE B 306 32.28 -8.64 1.84
CA ILE B 306 31.91 -7.42 1.13
C ILE B 306 32.41 -6.20 1.89
N ASP B 307 32.03 -6.09 3.16
CA ASP B 307 32.41 -4.95 3.98
C ASP B 307 33.88 -4.60 3.80
N ALA B 308 34.76 -5.60 4.00
CA ALA B 308 36.17 -5.36 3.93
C ALA B 308 36.63 -4.91 2.53
N LEU B 309 35.84 -5.16 1.49
CA LEU B 309 36.27 -4.74 0.17
C LEU B 309 36.51 -3.23 0.15
N ASP B 310 37.54 -2.81 -0.57
CA ASP B 310 37.79 -1.37 -0.75
C ASP B 310 37.13 -0.87 -2.04
N ILE B 311 35.80 -0.88 -2.03
CA ILE B 311 35.07 -0.42 -3.21
C ILE B 311 34.34 0.89 -2.90
N SER B 312 33.68 1.44 -3.91
CA SER B 312 32.83 2.61 -3.75
C SER B 312 31.47 2.23 -3.18
N ASP B 313 30.75 3.26 -2.70
CA ASP B 313 29.39 3.05 -2.21
C ASP B 313 28.50 2.48 -3.29
N GLN B 314 28.53 3.08 -4.48
CA GLN B 314 27.69 2.58 -5.56
C GLN B 314 28.00 1.13 -5.87
N GLU B 315 29.26 0.72 -5.67
CA GLU B 315 29.66 -0.66 -5.92
C GLU B 315 29.12 -1.60 -4.84
N ARG B 316 29.13 -1.19 -3.58
CA ARG B 316 28.41 -1.92 -2.55
C ARG B 316 26.91 -2.01 -2.89
N HIS B 317 26.31 -0.88 -3.26
CA HIS B 317 24.87 -0.85 -3.55
C HIS B 317 24.48 -1.89 -4.60
N ALA B 318 25.27 -2.00 -5.67
CA ALA B 318 24.99 -2.99 -6.71
C ALA B 318 25.00 -4.39 -6.13
N ILE B 319 26.06 -4.74 -5.42
CA ILE B 319 26.18 -6.10 -4.88
C ILE B 319 25.03 -6.41 -3.94
N PHE B 320 24.72 -5.47 -3.03
CA PHE B 320 23.83 -5.72 -1.90
C PHE B 320 22.34 -5.64 -2.26
N GLU B 321 21.95 -4.66 -3.10
CA GLU B 321 20.56 -4.45 -3.51
C GLU B 321 20.38 -4.35 -5.02
N GLY B 322 21.25 -3.63 -5.72
CA GLY B 322 20.95 -3.20 -7.08
C GLY B 322 20.90 -4.32 -8.09
N ASN B 323 21.88 -5.22 -8.07
CA ASN B 323 21.96 -6.25 -9.09
C ASN B 323 20.84 -7.28 -8.92
N THR B 324 20.55 -7.67 -7.69
CA THR B 324 19.45 -8.58 -7.45
C THR B 324 18.13 -8.00 -7.93
N ARG B 325 17.93 -6.69 -7.71
CA ARG B 325 16.67 -6.09 -8.10
C ARG B 325 16.54 -6.02 -9.62
N ARG B 326 17.64 -6.00 -10.35
CA ARG B 326 17.56 -6.03 -11.81
C ARG B 326 17.28 -7.43 -12.31
N VAL B 327 17.86 -8.44 -11.66
CA VAL B 327 17.67 -9.83 -12.07
C VAL B 327 16.35 -10.42 -11.56
N PHE B 328 15.75 -9.85 -10.51
CA PHE B 328 14.48 -10.31 -9.94
C PHE B 328 13.44 -9.20 -10.08
N PRO B 329 12.97 -8.95 -11.30
CA PRO B 329 12.03 -7.82 -11.51
C PRO B 329 10.80 -7.87 -10.63
N ARG B 330 10.32 -9.07 -10.26
CA ARG B 330 9.13 -9.18 -9.45
C ARG B 330 9.36 -8.68 -8.04
N LEU B 331 10.56 -8.88 -7.50
CA LEU B 331 10.91 -8.29 -6.22
C LEU B 331 11.18 -6.79 -6.37
N ASP B 332 11.71 -6.36 -7.51
CA ASP B 332 11.94 -4.94 -7.73
C ASP B 332 10.62 -4.18 -7.68
N ALA B 333 9.57 -4.78 -8.25
CA ALA B 333 8.25 -4.13 -8.26
C ALA B 333 7.58 -4.19 -6.89
N LYS B 334 7.87 -5.24 -6.12
CA LYS B 334 7.30 -5.37 -4.77
C LYS B 334 7.87 -4.31 -3.85
N LEU B 335 9.19 -4.10 -3.90
CA LEU B 335 9.81 -3.10 -3.04
C LEU B 335 9.50 -1.69 -3.51
N LYS B 336 9.34 -1.48 -4.83
CA LYS B 336 8.78 -0.22 -5.31
C LYS B 336 7.35 -0.03 -4.80
N ALA B 337 6.50 -1.05 -4.96
CA ALA B 337 5.12 -1.00 -4.51
C ALA B 337 4.99 -0.60 -3.04
N ARG B 338 6.04 -0.80 -2.23
CA ARG B 338 6.05 -0.39 -0.84
C ARG B 338 6.72 0.96 -0.63
N GLY B 339 7.19 1.60 -1.68
CA GLY B 339 7.88 2.87 -1.51
C GLY B 339 9.36 2.77 -1.27
N LEU B 340 9.97 1.62 -1.55
CA LEU B 340 11.34 1.36 -1.14
C LEU B 340 12.23 1.53 -2.37
N LEU B 341 12.57 2.80 -2.63
CA LEU B 341 13.25 3.21 -3.85
C LEU B 341 14.71 3.48 -3.54
N GLU B 342 15.61 2.82 -4.27
CA GLU B 342 17.06 2.93 -4.08
C GLU B 342 17.54 4.40 -3.94
N MET C 1 4.66 21.12 -31.51
CA MET C 1 5.74 21.36 -32.46
C MET C 1 5.38 20.79 -33.83
N MET C 2 4.97 19.53 -33.85
CA MET C 2 4.58 18.84 -35.06
C MET C 2 3.07 18.82 -35.21
N ILE C 3 2.61 18.91 -36.45
CA ILE C 3 1.19 18.97 -36.77
C ILE C 3 0.79 17.63 -37.36
N ILE C 4 0.11 16.82 -36.56
CA ILE C 4 -0.38 15.50 -36.95
C ILE C 4 -1.90 15.58 -37.09
N ASP C 5 -2.38 15.52 -38.34
CA ASP C 5 -3.80 15.43 -38.65
C ASP C 5 -4.31 14.04 -38.31
N CYS C 6 -5.33 13.95 -37.45
CA CYS C 6 -5.78 12.64 -36.99
C CYS C 6 -6.97 12.09 -37.77
N HIS C 7 -7.48 12.82 -38.77
CA HIS C 7 -8.74 12.47 -39.45
C HIS C 7 -8.57 12.70 -40.94
N GLY C 8 -8.31 11.63 -41.70
CA GLY C 8 -7.99 11.73 -43.12
C GLY C 8 -8.43 10.53 -43.93
N HIS C 9 -9.02 10.75 -45.09
CA HIS C 9 -9.51 9.68 -45.93
C HIS C 9 -8.92 9.80 -47.33
N TYR C 10 -8.66 8.64 -47.93
CA TYR C 10 -8.32 8.53 -49.34
C TYR C 10 -9.60 8.57 -50.14
N THR C 11 -10.06 9.79 -50.48
CA THR C 11 -11.34 9.99 -51.16
C THR C 11 -11.23 10.03 -52.68
N VAL C 12 -10.12 10.54 -53.21
CA VAL C 12 -9.87 10.59 -54.64
C VAL C 12 -8.89 9.46 -54.95
N LEU C 13 -9.42 8.36 -55.46
CA LEU C 13 -8.67 7.14 -55.72
C LEU C 13 -8.44 6.94 -57.20
N PRO C 14 -7.63 5.95 -57.57
CA PRO C 14 -7.56 5.53 -58.97
C PRO C 14 -8.89 4.97 -59.45
N LYS C 15 -9.16 5.15 -60.75
CA LYS C 15 -10.50 4.92 -61.29
C LYS C 15 -10.93 3.47 -61.17
N ALA C 16 -9.98 2.53 -61.24
CA ALA C 16 -10.27 1.11 -61.29
C ALA C 16 -10.75 0.54 -59.96
N HIS C 17 -10.64 1.31 -58.87
CA HIS C 17 -11.06 0.89 -57.54
C HIS C 17 -12.56 1.13 -57.32
N ASP C 18 -13.02 2.34 -57.64
CA ASP C 18 -14.45 2.64 -57.57
C ASP C 18 -15.23 1.94 -58.68
N GLU C 19 -14.64 1.78 -59.86
CA GLU C 19 -15.28 1.00 -60.91
C GLU C 19 -15.59 -0.41 -60.42
N TRP C 20 -14.56 -1.09 -59.91
CA TRP C 20 -14.69 -2.48 -59.52
C TRP C 20 -15.76 -2.66 -58.45
N ARG C 21 -15.75 -1.79 -57.44
CA ARG C 21 -16.77 -1.84 -56.39
C ARG C 21 -18.18 -1.88 -56.97
N GLU C 22 -18.40 -1.14 -58.05
CA GLU C 22 -19.75 -1.04 -58.59
C GLU C 22 -20.16 -2.32 -59.30
N GLN C 23 -19.23 -2.99 -59.97
CA GLN C 23 -19.55 -4.31 -60.53
C GLN C 23 -19.51 -5.40 -59.47
N GLN C 24 -18.69 -5.20 -58.43
CA GLN C 24 -18.71 -6.11 -57.29
C GLN C 24 -20.07 -6.11 -56.62
N LYS C 25 -20.79 -4.98 -56.66
CA LYS C 25 -22.14 -4.91 -56.14
C LYS C 25 -23.18 -5.35 -57.16
N ALA C 26 -22.90 -5.20 -58.44
CA ALA C 26 -23.78 -5.77 -59.46
C ALA C 26 -23.76 -7.29 -59.38
N ALA C 27 -22.57 -7.89 -59.40
CA ALA C 27 -22.43 -9.33 -59.34
C ALA C 27 -23.18 -9.90 -58.15
N PHE C 28 -22.89 -9.37 -56.97
CA PHE C 28 -23.64 -9.70 -55.77
C PHE C 28 -25.14 -9.65 -56.01
N LYS C 29 -25.63 -8.55 -56.60
CA LYS C 29 -27.06 -8.39 -56.81
C LYS C 29 -27.60 -9.38 -57.84
N ALA C 30 -26.84 -9.61 -58.90
CA ALA C 30 -27.27 -10.53 -59.95
C ALA C 30 -26.97 -11.98 -59.60
N GLY C 31 -26.42 -12.26 -58.42
CA GLY C 31 -26.05 -13.61 -58.09
C GLY C 31 -24.98 -14.19 -58.98
N GLN C 32 -24.28 -13.34 -59.73
CA GLN C 32 -23.22 -13.74 -60.62
C GLN C 32 -21.86 -13.34 -60.05
N PRO C 33 -20.80 -14.04 -60.43
CA PRO C 33 -19.51 -13.86 -59.78
C PRO C 33 -18.87 -12.51 -60.09
N ALA C 34 -18.24 -11.91 -59.07
CA ALA C 34 -17.56 -10.63 -59.16
C ALA C 34 -16.21 -10.79 -59.87
N PRO C 35 -15.72 -9.73 -60.51
CA PRO C 35 -14.53 -9.83 -61.35
C PRO C 35 -13.25 -9.68 -60.54
N PRO C 36 -12.12 -10.12 -61.08
CA PRO C 36 -10.87 -10.12 -60.30
C PRO C 36 -10.37 -8.70 -60.08
N TYR C 37 -10.06 -8.38 -58.84
CA TYR C 37 -9.72 -7.01 -58.48
C TYR C 37 -8.68 -6.44 -59.45
N PRO C 38 -8.81 -5.18 -59.86
CA PRO C 38 -7.91 -4.63 -60.87
C PRO C 38 -6.49 -4.41 -60.35
N GLU C 39 -5.56 -4.37 -61.29
CA GLU C 39 -4.19 -3.97 -60.98
C GLU C 39 -4.11 -2.45 -61.01
N ILE C 40 -3.68 -1.87 -59.90
CA ILE C 40 -3.48 -0.43 -59.77
C ILE C 40 -2.00 -0.18 -59.62
N SER C 41 -1.48 0.80 -60.35
CA SER C 41 -0.05 1.05 -60.40
C SER C 41 0.37 2.09 -59.36
N ASP C 42 1.61 1.92 -58.86
CA ASP C 42 2.20 2.87 -57.92
C ASP C 42 2.20 4.30 -58.46
N ASP C 43 2.27 4.46 -59.78
CA ASP C 43 2.19 5.81 -60.34
C ASP C 43 0.76 6.35 -60.35
N GLU C 44 -0.25 5.48 -60.38
CA GLU C 44 -1.61 5.97 -60.22
C GLU C 44 -1.80 6.55 -58.83
N ILE C 45 -1.43 5.77 -57.81
CA ILE C 45 -1.53 6.20 -56.41
C ILE C 45 -0.71 7.46 -56.18
N ARG C 46 0.56 7.46 -56.60
CA ARG C 46 1.39 8.64 -56.45
C ARG C 46 0.67 9.87 -56.98
N GLU C 47 -0.09 9.71 -58.07
CA GLU C 47 -0.70 10.86 -58.72
C GLU C 47 -1.96 11.30 -57.98
N THR C 48 -2.77 10.34 -57.50
CA THR C 48 -3.97 10.71 -56.78
C THR C 48 -3.65 11.39 -55.46
N ILE C 49 -2.48 11.13 -54.88
CA ILE C 49 -2.08 11.71 -53.61
C ILE C 49 -1.41 13.06 -53.80
N GLU C 50 -0.52 13.17 -54.79
CA GLU C 50 0.13 14.46 -55.04
C GLU C 50 -0.90 15.51 -55.44
N ALA C 51 -1.89 15.13 -56.24
CA ALA C 51 -2.92 16.08 -56.66
C ALA C 51 -3.70 16.66 -55.49
N ASN C 52 -4.02 15.84 -54.49
CA ASN C 52 -5.01 16.21 -53.50
C ASN C 52 -4.35 16.39 -52.15
N GLN C 53 -4.18 15.32 -51.35
CA GLN C 53 -3.86 15.47 -49.93
C GLN C 53 -2.45 16.01 -49.74
N LEU C 54 -1.48 15.42 -50.42
CA LEU C 54 -0.09 15.84 -50.28
C LEU C 54 0.05 17.31 -50.70
N ARG C 55 -0.69 17.73 -51.72
CA ARG C 55 -0.69 19.14 -52.07
C ARG C 55 -1.16 19.99 -50.88
N LEU C 56 -2.40 19.78 -50.45
CA LEU C 56 -2.94 20.61 -49.38
C LEU C 56 -2.14 20.46 -48.09
N ILE C 57 -1.62 19.25 -47.82
CA ILE C 57 -0.80 19.03 -46.63
C ILE C 57 0.34 20.03 -46.61
N LYS C 58 1.08 20.10 -47.72
CA LYS C 58 2.11 21.11 -47.90
C LYS C 58 1.52 22.52 -47.92
N GLU C 59 0.43 22.71 -48.67
CA GLU C 59 -0.20 24.03 -48.67
C GLU C 59 -0.51 24.48 -47.25
N ARG C 60 -1.18 23.62 -46.47
CA ARG C 60 -1.70 24.01 -45.16
C ARG C 60 -0.69 23.88 -44.03
N GLY C 61 0.40 23.16 -44.22
CA GLY C 61 1.45 23.16 -43.23
C GLY C 61 1.33 22.09 -42.17
N ALA C 62 0.80 20.93 -42.53
CA ALA C 62 0.79 19.79 -41.62
C ALA C 62 2.03 18.96 -41.86
N ASP C 63 2.22 17.96 -41.02
CA ASP C 63 3.34 17.05 -41.22
C ASP C 63 2.87 15.62 -41.49
N MET C 64 1.93 15.12 -40.73
CA MET C 64 1.45 13.77 -40.93
C MET C 64 -0.07 13.73 -40.88
N THR C 65 -0.63 12.74 -41.57
CA THR C 65 -2.07 12.51 -41.60
C THR C 65 -2.32 11.03 -41.34
N ILE C 66 -3.10 10.73 -40.30
CA ILE C 66 -3.51 9.35 -40.06
C ILE C 66 -4.64 9.03 -41.03
N PHE C 67 -4.36 8.17 -42.00
CA PHE C 67 -5.07 8.08 -43.28
C PHE C 67 -5.89 6.81 -43.37
N SER C 68 -7.15 6.92 -43.83
CA SER C 68 -8.06 5.77 -43.90
C SER C 68 -8.88 5.75 -45.18
N PRO C 69 -9.57 4.64 -45.47
CA PRO C 69 -10.40 4.57 -46.68
C PRO C 69 -11.51 5.61 -46.67
N ARG C 70 -12.02 5.89 -47.88
CA ARG C 70 -13.12 6.84 -48.05
C ARG C 70 -14.33 6.37 -47.27
N ALA C 71 -14.65 7.05 -46.17
CA ALA C 71 -15.53 6.46 -45.17
C ALA C 71 -16.92 6.21 -45.73
N SER C 72 -17.43 7.14 -46.51
CA SER C 72 -18.74 6.96 -47.12
C SER C 72 -18.80 5.74 -48.05
N ALA C 73 -17.70 5.41 -48.72
CA ALA C 73 -17.70 4.35 -49.73
C ALA C 73 -17.68 2.95 -49.15
N MET C 74 -17.48 2.81 -47.85
CA MET C 74 -17.50 1.51 -47.22
C MET C 74 -18.85 0.82 -47.37
N ALA C 75 -19.92 1.59 -47.58
CA ALA C 75 -21.25 1.11 -47.95
C ALA C 75 -21.49 -0.32 -47.48
N PRO C 76 -21.56 -0.56 -46.16
CA PRO C 76 -21.64 -1.94 -45.66
C PRO C 76 -23.01 -2.56 -45.84
N HIS C 77 -24.04 -1.76 -45.97
CA HIS C 77 -25.38 -2.28 -46.25
C HIS C 77 -25.46 -2.95 -47.61
N VAL C 78 -24.46 -2.76 -48.47
CA VAL C 78 -24.45 -3.29 -49.82
C VAL C 78 -23.23 -4.18 -49.92
N GLY C 79 -23.39 -5.49 -49.75
CA GLY C 79 -24.59 -6.12 -49.24
C GLY C 79 -24.29 -6.91 -47.98
N ASP C 80 -23.54 -8.01 -48.08
CA ASP C 80 -23.23 -8.87 -46.93
C ASP C 80 -21.74 -8.97 -46.65
N GLN C 81 -21.30 -10.09 -46.08
CA GLN C 81 -19.88 -10.31 -45.88
C GLN C 81 -19.20 -10.82 -47.14
N SER C 82 -19.93 -11.54 -47.99
CA SER C 82 -19.41 -11.83 -49.33
C SER C 82 -18.87 -10.56 -49.96
N VAL C 83 -19.44 -9.41 -49.62
CA VAL C 83 -19.08 -8.16 -50.25
C VAL C 83 -18.23 -7.28 -49.34
N ALA C 84 -18.38 -7.43 -48.04
CA ALA C 84 -17.59 -6.63 -47.10
C ALA C 84 -16.13 -7.09 -47.08
N VAL C 85 -15.90 -8.36 -46.76
CA VAL C 85 -14.52 -8.84 -46.57
C VAL C 85 -13.62 -8.60 -47.77
N PRO C 86 -14.09 -8.71 -49.02
CA PRO C 86 -13.20 -8.41 -50.15
C PRO C 86 -12.96 -6.92 -50.28
N TRP C 87 -14.07 -6.17 -50.31
CA TRP C 87 -13.97 -4.73 -50.49
C TRP C 87 -13.19 -4.08 -49.35
N ALA C 88 -13.44 -4.51 -48.11
CA ALA C 88 -12.64 -4.07 -46.98
C ALA C 88 -11.16 -4.22 -47.31
N GLN C 89 -10.70 -5.46 -47.27
CA GLN C 89 -9.39 -5.90 -47.74
C GLN C 89 -8.84 -5.02 -48.85
N ALA C 90 -9.65 -4.78 -49.88
CA ALA C 90 -9.21 -3.97 -51.00
C ALA C 90 -8.99 -2.52 -50.59
N CYS C 91 -9.92 -1.94 -49.84
CA CYS C 91 -9.79 -0.55 -49.47
C CYS C 91 -8.63 -0.33 -48.53
N ASN C 92 -8.38 -1.28 -47.63
CA ASN C 92 -7.24 -1.15 -46.74
C ASN C 92 -5.94 -1.15 -47.53
N ASN C 93 -5.86 -2.01 -48.56
CA ASN C 93 -4.63 -2.20 -49.30
C ASN C 93 -4.13 -0.92 -49.94
N LEU C 94 -5.02 -0.12 -50.51
CA LEU C 94 -4.61 1.15 -51.08
C LEU C 94 -3.99 2.05 -50.02
N ILE C 95 -4.58 2.09 -48.83
CA ILE C 95 -3.98 2.87 -47.76
C ILE C 95 -2.56 2.41 -47.47
N ALA C 96 -2.35 1.10 -47.44
CA ALA C 96 -1.04 0.56 -47.07
C ALA C 96 0.02 0.96 -48.07
N ARG C 97 -0.28 0.81 -49.36
CA ARG C 97 0.65 1.26 -50.40
C ARG C 97 0.87 2.77 -50.38
N VAL C 98 -0.14 3.57 -50.00
CA VAL C 98 0.08 5.01 -49.86
C VAL C 98 1.13 5.28 -48.78
N VAL C 99 0.91 4.75 -47.57
CA VAL C 99 1.91 4.85 -46.51
C VAL C 99 3.25 4.29 -47.01
N ASP C 100 3.21 3.25 -47.83
CA ASP C 100 4.45 2.73 -48.41
C ASP C 100 5.17 3.79 -49.24
N LEU C 101 4.41 4.61 -49.96
CA LEU C 101 5.02 5.56 -50.87
C LEU C 101 5.46 6.83 -50.15
N PHE C 102 4.65 7.35 -49.24
CA PHE C 102 4.93 8.62 -48.56
C PHE C 102 5.02 8.43 -47.05
N PRO C 103 5.78 7.47 -46.54
CA PRO C 103 5.70 7.14 -45.12
C PRO C 103 6.22 8.27 -44.23
N GLU C 104 6.68 9.37 -44.83
CA GLU C 104 7.01 10.59 -44.12
C GLU C 104 5.76 11.31 -43.65
N THR C 105 4.65 11.12 -44.37
CA THR C 105 3.45 11.95 -44.29
C THR C 105 2.22 11.24 -43.75
N PHE C 106 2.06 9.95 -44.02
CA PHE C 106 0.83 9.26 -43.68
C PHE C 106 1.07 8.08 -42.74
N ALA C 107 0.12 7.85 -41.84
CA ALA C 107 -0.03 6.59 -41.13
C ALA C 107 -1.38 5.98 -41.48
N GLY C 108 -1.52 4.66 -41.32
CA GLY C 108 -2.67 3.94 -41.83
C GLY C 108 -3.67 3.59 -40.75
N VAL C 109 -4.95 3.82 -41.07
CA VAL C 109 -6.09 3.44 -40.25
C VAL C 109 -7.07 2.68 -41.13
N CYS C 110 -7.47 1.50 -40.70
CA CYS C 110 -8.15 0.56 -41.57
C CYS C 110 -9.67 0.69 -41.52
N MET C 111 -10.30 0.25 -42.60
CA MET C 111 -11.73 0.01 -42.60
C MET C 111 -12.02 -1.38 -42.05
N LEU C 112 -13.31 -1.64 -41.82
CA LEU C 112 -13.76 -2.89 -41.24
C LEU C 112 -14.73 -3.58 -42.19
N PRO C 113 -14.52 -4.84 -42.50
CA PRO C 113 -15.45 -5.54 -43.40
C PRO C 113 -16.84 -5.75 -42.80
N GLN C 114 -17.38 -4.73 -42.14
CA GLN C 114 -18.68 -4.86 -41.48
C GLN C 114 -19.82 -4.89 -42.49
N SER C 115 -20.73 -5.82 -42.32
CA SER C 115 -22.02 -5.85 -42.98
C SER C 115 -23.07 -6.12 -41.93
N PRO C 116 -24.34 -5.84 -42.25
CA PRO C 116 -25.37 -5.84 -41.18
C PRO C 116 -25.56 -7.18 -40.48
N GLU C 117 -25.43 -8.28 -41.20
CA GLU C 117 -25.90 -9.59 -40.74
C GLU C 117 -24.85 -10.41 -40.01
N ALA C 118 -23.70 -9.85 -39.64
CA ALA C 118 -22.60 -10.68 -39.13
C ALA C 118 -22.04 -10.10 -37.83
N ASP C 119 -21.30 -10.93 -37.09
CA ASP C 119 -20.62 -10.45 -35.90
C ASP C 119 -19.34 -9.75 -36.32
N MET C 120 -18.53 -9.37 -35.34
CA MET C 120 -17.28 -8.65 -35.61
C MET C 120 -16.15 -9.63 -35.82
N THR C 121 -16.39 -10.62 -36.67
CA THR C 121 -15.42 -11.68 -36.90
C THR C 121 -14.49 -11.31 -38.05
N SER C 122 -15.06 -11.12 -39.24
CA SER C 122 -14.27 -10.62 -40.36
C SER C 122 -13.66 -9.26 -40.03
N SER C 123 -14.33 -8.46 -39.19
CA SER C 123 -13.77 -7.17 -38.78
C SER C 123 -12.52 -7.37 -37.92
N ILE C 124 -12.64 -8.19 -36.88
CA ILE C 124 -11.50 -8.53 -36.03
C ILE C 124 -10.35 -9.04 -36.90
N ALA C 125 -10.66 -9.93 -37.84
CA ALA C 125 -9.62 -10.48 -38.70
C ALA C 125 -8.92 -9.38 -39.49
N GLU C 126 -9.67 -8.44 -40.04
CA GLU C 126 -9.07 -7.41 -40.88
C GLU C 126 -8.22 -6.47 -40.05
N LEU C 127 -8.77 -5.99 -38.93
CA LEU C 127 -7.96 -5.22 -37.98
C LEU C 127 -6.65 -5.95 -37.70
N GLU C 128 -6.73 -7.24 -37.39
CA GLU C 128 -5.54 -8.00 -37.04
C GLU C 128 -4.56 -8.09 -38.21
N ARG C 129 -5.07 -8.32 -39.43
CA ARG C 129 -4.21 -8.37 -40.60
C ARG C 129 -3.51 -7.03 -40.86
N CYS C 130 -4.23 -5.92 -40.68
CA CYS C 130 -3.63 -4.62 -40.98
C CYS C 130 -2.70 -4.17 -39.87
N VAL C 131 -3.19 -4.17 -38.64
CA VAL C 131 -2.33 -3.91 -37.48
C VAL C 131 -1.10 -4.80 -37.54
N ASN C 132 -1.31 -6.13 -37.52
CA ASN C 132 -0.20 -7.07 -37.39
C ASN C 132 0.70 -7.05 -38.62
N GLU C 133 0.11 -7.20 -39.81
CA GLU C 133 0.88 -7.48 -41.01
C GLU C 133 1.14 -6.26 -41.87
N LEU C 134 0.21 -5.29 -41.90
CA LEU C 134 0.30 -4.15 -42.80
C LEU C 134 0.57 -2.84 -42.06
N GLY C 135 0.85 -2.90 -40.77
CA GLY C 135 1.46 -1.79 -40.02
C GLY C 135 0.52 -0.69 -39.54
N PHE C 136 -0.79 -0.82 -39.69
CA PHE C 136 -1.70 0.26 -39.34
C PHE C 136 -1.65 0.58 -37.84
N ILE C 137 -2.11 1.78 -37.48
CA ILE C 137 -2.12 2.24 -36.08
C ILE C 137 -3.51 2.21 -35.43
N GLY C 138 -4.57 1.96 -36.19
CA GLY C 138 -5.92 2.01 -35.63
C GLY C 138 -6.96 1.70 -36.69
N CYS C 139 -8.23 1.92 -36.35
CA CYS C 139 -9.32 1.52 -37.25
C CYS C 139 -10.50 2.47 -37.16
N ASN C 140 -11.37 2.39 -38.17
CA ASN C 140 -12.66 3.08 -38.20
C ASN C 140 -13.78 2.08 -37.92
N LEU C 141 -14.60 2.38 -36.92
CA LEU C 141 -15.68 1.50 -36.44
C LEU C 141 -17.04 2.11 -36.74
N ASN C 142 -17.85 1.41 -37.54
CA ASN C 142 -19.17 1.85 -37.93
C ASN C 142 -20.19 1.31 -36.94
N PRO C 143 -20.77 2.13 -36.05
CA PRO C 143 -21.80 1.62 -35.14
C PRO C 143 -23.14 1.31 -35.80
N ASP C 144 -23.25 1.40 -37.13
CA ASP C 144 -24.53 1.19 -37.82
C ASP C 144 -24.25 0.85 -39.27
N PRO C 145 -23.87 -0.39 -39.55
CA PRO C 145 -23.68 -0.81 -40.94
C PRO C 145 -24.96 -0.73 -41.77
N GLY C 146 -26.13 -0.71 -41.13
CA GLY C 146 -27.37 -0.63 -41.86
C GLY C 146 -27.46 0.54 -42.80
N GLY C 147 -26.74 1.62 -42.52
CA GLY C 147 -26.61 2.68 -43.50
C GLY C 147 -27.62 3.78 -43.34
N GLY C 148 -28.07 4.05 -42.13
CA GLY C 148 -28.84 5.25 -41.87
C GLY C 148 -30.06 4.98 -41.02
N HIS C 149 -30.16 3.77 -40.48
CA HIS C 149 -31.32 3.37 -39.69
C HIS C 149 -31.02 3.15 -38.23
N PHE C 150 -29.74 3.15 -37.84
CA PHE C 150 -29.36 2.95 -36.45
C PHE C 150 -30.02 1.68 -35.91
N LYS C 151 -30.12 0.67 -36.76
CA LYS C 151 -30.77 -0.59 -36.40
C LYS C 151 -29.83 -1.57 -35.71
N HIS C 152 -28.75 -1.08 -35.10
CA HIS C 152 -27.76 -1.96 -34.50
C HIS C 152 -27.65 -1.76 -33.00
N PRO C 153 -27.04 -2.71 -32.29
CA PRO C 153 -26.96 -2.60 -30.85
C PRO C 153 -26.10 -1.40 -30.45
N PRO C 154 -26.37 -0.80 -29.31
CA PRO C 154 -25.49 0.27 -28.82
C PRO C 154 -24.08 -0.25 -28.65
N LEU C 155 -23.14 0.68 -28.46
CA LEU C 155 -21.75 0.28 -28.30
C LEU C 155 -21.51 -0.39 -26.96
N THR C 156 -22.44 -0.22 -26.02
CA THR C 156 -22.35 -0.90 -24.73
C THR C 156 -22.62 -2.38 -24.86
N ASP C 157 -23.24 -2.81 -25.96
CA ASP C 157 -23.64 -4.19 -26.13
C ASP C 157 -22.43 -5.12 -26.16
N ARG C 158 -22.62 -6.34 -25.66
CA ARG C 158 -21.58 -7.37 -25.74
C ARG C 158 -21.38 -7.86 -27.16
N PHE C 159 -22.26 -7.49 -28.09
CA PHE C 159 -22.03 -7.80 -29.49
C PHE C 159 -20.68 -7.26 -29.96
N TRP C 160 -20.26 -6.13 -29.40
CA TRP C 160 -19.01 -5.47 -29.71
C TRP C 160 -17.85 -5.97 -28.85
N TYR C 161 -18.16 -6.74 -27.81
CA TYR C 161 -17.14 -7.16 -26.86
C TYR C 161 -16.05 -8.03 -27.49
N PRO C 162 -16.37 -9.11 -28.20
CA PRO C 162 -15.33 -9.80 -28.98
C PRO C 162 -14.45 -8.88 -29.81
N PHE C 163 -14.96 -7.76 -30.29
CA PHE C 163 -14.12 -6.84 -31.03
C PHE C 163 -13.37 -5.85 -30.13
N TYR C 164 -13.87 -5.57 -28.93
CA TYR C 164 -13.16 -4.66 -28.03
C TYR C 164 -11.97 -5.33 -27.39
N GLU C 165 -12.02 -6.64 -27.18
CA GLU C 165 -10.91 -7.34 -26.58
C GLU C 165 -9.69 -7.31 -27.50
N LYS C 166 -9.90 -7.28 -28.82
CA LYS C 166 -8.75 -7.30 -29.73
C LYS C 166 -8.07 -5.94 -29.78
N MET C 167 -8.86 -4.87 -29.91
CA MET C 167 -8.30 -3.52 -29.83
C MET C 167 -7.38 -3.39 -28.61
N VAL C 168 -7.86 -3.84 -27.45
CA VAL C 168 -7.09 -3.73 -26.21
C VAL C 168 -5.83 -4.58 -26.28
N GLU C 169 -5.96 -5.81 -26.78
CA GLU C 169 -4.82 -6.65 -27.13
C GLU C 169 -3.73 -5.87 -27.87
N LEU C 170 -4.11 -5.19 -28.95
CA LEU C 170 -3.20 -4.44 -29.81
C LEU C 170 -3.09 -2.97 -29.41
N ASP C 171 -3.62 -2.61 -28.24
CA ASP C 171 -3.69 -1.21 -27.79
C ASP C 171 -3.85 -0.24 -28.95
N VAL C 172 -4.98 -0.34 -29.66
CA VAL C 172 -5.22 0.45 -30.86
C VAL C 172 -6.51 1.24 -30.66
N PRO C 173 -6.53 2.54 -30.96
CA PRO C 173 -7.77 3.31 -30.84
C PRO C 173 -8.64 3.10 -32.07
N ALA C 174 -9.90 3.54 -31.96
CA ALA C 174 -10.89 3.43 -33.03
C ALA C 174 -11.69 4.71 -33.12
N MET C 175 -11.91 5.20 -34.34
CA MET C 175 -12.77 6.36 -34.55
C MET C 175 -14.17 5.88 -34.92
N ILE C 176 -15.15 6.29 -34.11
CA ILE C 176 -16.54 5.98 -34.37
C ILE C 176 -16.98 6.71 -35.63
N HIS C 177 -17.39 5.96 -36.65
CA HIS C 177 -17.68 6.57 -37.93
C HIS C 177 -18.65 5.72 -38.73
N VAL C 178 -19.76 6.31 -39.15
CA VAL C 178 -20.70 5.64 -40.04
C VAL C 178 -20.16 5.73 -41.47
N SER C 179 -20.86 5.14 -42.42
CA SER C 179 -20.58 5.32 -43.84
C SER C 179 -21.78 5.93 -44.56
N GLY C 180 -22.01 5.50 -45.81
CA GLY C 180 -23.15 6.00 -46.59
C GLY C 180 -24.51 5.77 -45.96
N SER C 181 -25.55 6.30 -46.60
CA SER C 181 -26.91 6.30 -46.09
C SER C 181 -27.82 5.60 -47.08
N CYS C 182 -28.23 4.36 -46.76
CA CYS C 182 -29.32 3.76 -47.50
C CYS C 182 -30.65 4.38 -47.13
N ASN C 183 -30.72 5.03 -45.98
CA ASN C 183 -31.92 5.76 -45.56
C ASN C 183 -32.04 7.01 -46.41
N PRO C 184 -33.13 7.20 -47.15
CA PRO C 184 -33.31 8.46 -47.91
C PRO C 184 -33.70 9.63 -47.03
N ALA C 185 -33.96 9.38 -45.74
CA ALA C 185 -34.27 10.40 -44.75
C ALA C 185 -33.01 11.00 -44.15
N MET C 186 -31.83 10.42 -44.39
CA MET C 186 -30.63 10.76 -43.64
C MET C 186 -29.42 10.93 -44.56
N HIS C 187 -29.33 12.13 -45.16
CA HIS C 187 -28.08 12.62 -45.71
C HIS C 187 -26.90 12.23 -44.83
N ALA C 188 -25.83 11.73 -45.46
CA ALA C 188 -24.79 10.99 -44.75
C ALA C 188 -23.77 11.90 -44.06
N THR C 189 -23.17 12.85 -44.78
CA THR C 189 -22.20 13.74 -44.15
C THR C 189 -22.87 14.91 -43.45
N GLY C 190 -24.10 15.23 -43.79
CA GLY C 190 -24.74 16.38 -43.19
C GLY C 190 -25.71 16.00 -42.08
N ALA C 191 -26.07 14.72 -42.01
CA ALA C 191 -26.97 14.28 -40.95
C ALA C 191 -26.40 13.07 -40.23
N TYR C 192 -26.11 12.02 -40.99
CA TYR C 192 -25.79 10.72 -40.41
C TYR C 192 -24.53 10.78 -39.56
N TYR C 193 -23.47 11.40 -40.07
CA TYR C 193 -22.21 11.43 -39.35
C TYR C 193 -22.40 11.99 -37.94
N LEU C 194 -22.93 13.20 -37.85
CA LEU C 194 -23.02 13.90 -36.57
C LEU C 194 -24.05 13.26 -35.64
N ALA C 195 -25.22 12.89 -36.18
CA ALA C 195 -26.15 12.02 -35.47
C ALA C 195 -25.40 10.87 -34.81
N ALA C 196 -24.69 10.08 -35.62
CA ALA C 196 -23.91 8.99 -35.08
C ALA C 196 -22.99 9.50 -33.98
N ASP C 197 -22.31 10.61 -34.22
CA ASP C 197 -21.46 11.24 -33.21
C ASP C 197 -22.18 11.31 -31.88
N THR C 198 -23.23 12.13 -31.84
CA THR C 198 -23.98 12.37 -30.62
C THR C 198 -24.59 11.09 -30.06
N ILE C 199 -25.12 10.23 -30.94
CA ILE C 199 -25.84 9.04 -30.47
C ILE C 199 -24.91 8.11 -29.71
N ALA C 200 -23.68 7.94 -30.20
CA ALA C 200 -22.67 7.18 -29.50
C ALA C 200 -22.57 7.69 -28.07
N PHE C 201 -21.91 8.83 -27.90
CA PHE C 201 -21.63 9.44 -26.62
C PHE C 201 -22.68 9.16 -25.55
N MET C 202 -23.95 9.26 -25.93
CA MET C 202 -25.03 8.97 -24.99
C MET C 202 -25.11 7.48 -24.63
N GLN C 203 -24.70 6.58 -25.53
CA GLN C 203 -24.76 5.15 -25.21
C GLN C 203 -23.78 4.78 -24.13
N LEU C 204 -22.61 5.39 -24.16
CA LEU C 204 -21.63 5.21 -23.12
C LEU C 204 -22.02 5.99 -21.88
N LEU C 205 -22.69 7.13 -22.07
CA LEU C 205 -23.32 7.80 -20.95
C LEU C 205 -24.35 6.91 -20.29
N GLN C 206 -25.08 6.13 -21.08
CA GLN C 206 -26.06 5.24 -20.47
C GLN C 206 -25.40 4.11 -19.70
N GLY C 207 -24.14 3.80 -20.01
CA GLY C 207 -23.50 2.62 -19.47
C GLY C 207 -22.25 2.90 -18.67
N ASN C 208 -21.30 1.97 -18.74
CA ASN C 208 -20.00 2.09 -18.07
C ASN C 208 -19.01 1.16 -18.76
N LEU C 209 -19.04 1.19 -20.10
CA LEU C 209 -18.21 0.33 -20.95
C LEU C 209 -16.75 0.34 -20.51
N PHE C 210 -16.25 1.46 -20.02
CA PHE C 210 -14.86 1.56 -19.63
C PHE C 210 -14.61 1.06 -18.22
N ALA C 211 -15.51 0.24 -17.70
CA ALA C 211 -15.23 -0.58 -16.54
C ALA C 211 -14.99 -2.03 -16.92
N ASP C 212 -15.52 -2.47 -18.07
CA ASP C 212 -15.16 -3.76 -18.66
C ASP C 212 -13.89 -3.69 -19.52
N PHE C 213 -13.63 -2.57 -20.18
CA PHE C 213 -12.43 -2.39 -21.01
C PHE C 213 -11.83 -1.06 -20.59
N PRO C 214 -11.12 -1.02 -19.46
CA PRO C 214 -10.61 0.27 -18.98
C PRO C 214 -9.73 1.01 -19.96
N THR C 215 -8.93 0.32 -20.78
CA THR C 215 -7.96 1.01 -21.61
C THR C 215 -8.54 1.50 -22.93
N LEU C 216 -9.70 0.97 -23.36
CA LEU C 216 -10.26 1.22 -24.69
C LEU C 216 -10.37 2.71 -24.98
N ARG C 217 -9.95 3.11 -26.18
CA ARG C 217 -9.98 4.52 -26.58
C ARG C 217 -10.91 4.72 -27.76
N PHE C 218 -11.80 5.71 -27.65
CA PHE C 218 -12.66 6.14 -28.76
C PHE C 218 -12.31 7.58 -29.12
N ILE C 219 -12.16 7.83 -30.42
CA ILE C 219 -12.24 9.19 -30.93
C ILE C 219 -13.61 9.35 -31.54
N ILE C 220 -14.40 10.27 -31.01
CA ILE C 220 -15.68 10.64 -31.62
C ILE C 220 -15.41 11.82 -32.54
N PRO C 221 -15.59 11.67 -33.84
CA PRO C 221 -15.16 12.70 -34.80
C PRO C 221 -16.07 13.91 -34.81
N HIS C 222 -15.69 14.88 -35.64
CA HIS C 222 -16.49 16.07 -35.84
C HIS C 222 -16.78 16.74 -34.50
N GLY C 223 -15.71 16.99 -33.75
CA GLY C 223 -15.80 17.67 -32.48
C GLY C 223 -16.92 17.16 -31.60
N GLY C 224 -17.22 15.87 -31.66
CA GLY C 224 -18.24 15.31 -30.80
C GLY C 224 -19.66 15.48 -31.26
N GLY C 225 -19.89 15.70 -32.55
CA GLY C 225 -21.22 15.89 -33.06
C GLY C 225 -21.88 17.12 -32.47
N ALA C 226 -22.86 16.87 -31.60
CA ALA C 226 -23.57 17.92 -30.88
C ALA C 226 -23.10 18.09 -29.45
N VAL C 227 -22.24 17.21 -28.96
CA VAL C 227 -22.09 16.97 -27.53
C VAL C 227 -21.49 18.17 -26.79
N PRO C 228 -20.34 18.74 -27.19
CA PRO C 228 -19.88 19.96 -26.51
C PRO C 228 -20.88 21.11 -26.58
N TYR C 229 -21.53 21.31 -27.73
CA TYR C 229 -22.58 22.31 -27.83
C TYR C 229 -23.64 22.12 -26.75
N HIS C 230 -23.85 20.89 -26.33
CA HIS C 230 -24.81 20.55 -25.29
C HIS C 230 -24.14 19.96 -24.07
N TRP C 231 -22.92 20.40 -23.78
CA TRP C 231 -22.20 19.86 -22.64
C TRP C 231 -23.05 19.98 -21.37
N GLY C 232 -23.63 21.16 -21.15
CA GLY C 232 -24.52 21.35 -20.02
C GLY C 232 -25.69 20.39 -19.97
N ARG C 233 -26.14 19.91 -21.12
CA ARG C 233 -27.19 18.89 -21.14
C ARG C 233 -26.66 17.56 -20.65
N PHE C 234 -25.48 17.18 -21.12
CA PHE C 234 -24.94 15.87 -20.77
C PHE C 234 -24.41 15.87 -19.35
N ARG C 235 -23.89 16.99 -18.87
CA ARG C 235 -23.44 17.04 -17.49
C ARG C 235 -24.61 16.91 -16.53
N GLY C 236 -25.75 17.50 -16.87
CA GLY C 236 -26.93 17.31 -16.06
C GLY C 236 -27.64 16.00 -16.30
N LEU C 237 -27.42 15.38 -17.46
CA LEU C 237 -28.04 14.09 -17.73
C LEU C 237 -27.42 13.00 -16.87
N ALA C 238 -26.12 13.12 -16.62
CA ALA C 238 -25.44 12.24 -15.68
C ALA C 238 -26.24 12.14 -14.39
N ASP C 239 -26.48 13.29 -13.77
CA ASP C 239 -27.16 13.30 -12.48
C ASP C 239 -28.58 12.72 -12.54
N MET C 240 -29.22 12.71 -13.72
CA MET C 240 -30.52 12.07 -13.83
C MET C 240 -30.40 10.56 -13.95
N LEU C 241 -29.48 10.06 -14.77
CA LEU C 241 -29.17 8.63 -14.83
C LEU C 241 -28.37 8.15 -13.62
N LYS C 242 -28.15 9.04 -12.65
CA LYS C 242 -27.40 8.74 -11.44
C LYS C 242 -26.03 8.16 -11.77
N GLN C 243 -25.40 8.65 -12.87
CA GLN C 243 -24.07 8.24 -13.31
C GLN C 243 -22.98 9.16 -12.74
N PRO C 244 -21.73 8.68 -12.69
CA PRO C 244 -20.61 9.56 -12.32
C PRO C 244 -20.54 10.75 -13.28
N SER C 245 -19.70 11.72 -12.94
CA SER C 245 -19.50 12.84 -13.84
C SER C 245 -18.86 12.36 -15.13
N LEU C 246 -18.93 13.20 -16.16
CA LEU C 246 -18.35 12.78 -17.43
C LEU C 246 -16.83 12.65 -17.33
N ASP C 247 -16.22 13.47 -16.46
CA ASP C 247 -14.75 13.53 -16.41
C ASP C 247 -14.14 12.19 -16.06
N THR C 248 -14.86 11.36 -15.28
CA THR C 248 -14.40 10.05 -14.86
C THR C 248 -15.06 8.92 -15.62
N LEU C 249 -16.35 9.06 -15.92
CA LEU C 249 -17.08 8.03 -16.63
C LEU C 249 -16.53 7.80 -18.03
N LEU C 250 -16.13 8.87 -18.71
CA LEU C 250 -15.93 8.87 -20.16
C LEU C 250 -14.67 9.57 -20.66
N MET C 251 -14.18 10.65 -20.04
CA MET C 251 -13.16 11.47 -20.70
C MET C 251 -11.74 10.99 -20.45
N ASN C 252 -11.58 9.85 -19.79
CA ASN C 252 -10.30 9.17 -19.85
C ASN C 252 -10.19 8.18 -21.00
N ASN C 253 -11.31 7.80 -21.62
CA ASN C 253 -11.29 6.89 -22.76
C ASN C 253 -11.77 7.52 -24.07
N VAL C 254 -12.32 8.75 -24.03
CA VAL C 254 -12.99 9.37 -25.18
C VAL C 254 -12.25 10.63 -25.61
N PHE C 255 -12.24 10.88 -26.93
CA PHE C 255 -11.49 11.99 -27.50
C PHE C 255 -12.28 12.57 -28.67
N PHE C 256 -12.29 13.89 -28.78
CA PHE C 256 -12.89 14.61 -29.90
C PHE C 256 -11.77 15.13 -30.78
N ASP C 257 -11.96 15.06 -32.10
CA ASP C 257 -11.08 15.73 -33.05
C ASP C 257 -11.68 17.10 -33.38
N THR C 258 -10.95 17.90 -34.15
CA THR C 258 -11.30 19.29 -34.42
C THR C 258 -11.85 19.51 -35.83
N CYS C 259 -12.59 18.53 -36.37
CA CYS C 259 -13.27 18.69 -37.66
C CYS C 259 -14.60 19.42 -37.47
N VAL C 260 -14.49 20.67 -37.03
CA VAL C 260 -15.60 21.58 -36.83
C VAL C 260 -15.30 22.81 -37.66
N TYR C 261 -16.11 23.06 -38.69
CA TYR C 261 -15.66 23.84 -39.83
C TYR C 261 -15.98 25.33 -39.71
N HIS C 262 -15.60 25.92 -38.58
CA HIS C 262 -15.66 27.37 -38.45
C HIS C 262 -15.11 27.75 -37.08
N GLN C 263 -14.76 29.03 -36.93
CA GLN C 263 -14.07 29.46 -35.71
C GLN C 263 -14.95 29.43 -34.47
N PRO C 264 -16.25 29.72 -34.56
CA PRO C 264 -17.06 29.70 -33.33
C PRO C 264 -17.17 28.30 -32.74
N GLY C 265 -17.57 27.30 -33.54
CA GLY C 265 -17.58 25.95 -33.02
C GLY C 265 -16.28 25.61 -32.33
N ILE C 266 -15.17 25.83 -33.03
CA ILE C 266 -13.85 25.55 -32.48
C ILE C 266 -13.65 26.31 -31.16
N ASN C 267 -13.94 27.61 -31.16
CA ASN C 267 -13.88 28.38 -29.94
C ASN C 267 -14.62 27.69 -28.79
N LEU C 268 -15.84 27.20 -29.06
CA LEU C 268 -16.59 26.49 -28.01
C LEU C 268 -15.89 25.19 -27.62
N LEU C 269 -15.41 24.43 -28.60
CA LEU C 269 -14.79 23.16 -28.30
C LEU C 269 -13.61 23.35 -27.35
N ALA C 270 -12.75 24.30 -27.68
CA ALA C 270 -11.52 24.58 -26.96
C ALA C 270 -11.76 25.31 -25.65
N ASP C 271 -13.02 25.64 -25.33
CA ASP C 271 -13.40 26.30 -24.09
C ASP C 271 -14.11 25.37 -23.12
N VAL C 272 -14.91 24.42 -23.61
CA VAL C 272 -15.76 23.62 -22.75
C VAL C 272 -15.16 22.23 -22.51
N ILE C 273 -14.39 21.72 -23.47
CA ILE C 273 -13.73 20.43 -23.34
C ILE C 273 -12.32 20.65 -22.81
N ASP C 274 -11.79 19.64 -22.11
CA ASP C 274 -10.45 19.69 -21.55
C ASP C 274 -9.43 19.50 -22.65
N ASN C 275 -8.27 20.15 -22.48
CA ASN C 275 -7.23 20.15 -23.51
C ASN C 275 -6.86 18.73 -23.92
N LYS C 276 -6.84 17.82 -22.95
CA LYS C 276 -6.31 16.48 -23.13
C LYS C 276 -7.17 15.62 -24.04
N ASN C 277 -8.37 16.08 -24.40
CA ASN C 277 -9.29 15.29 -25.20
C ASN C 277 -9.51 15.89 -26.58
N ILE C 278 -8.58 16.72 -27.05
CA ILE C 278 -8.75 17.45 -28.31
C ILE C 278 -7.58 17.09 -29.21
N LEU C 279 -7.85 16.38 -30.30
CA LEU C 279 -6.83 16.01 -31.28
C LEU C 279 -7.09 16.77 -32.57
N PHE C 280 -6.05 17.37 -33.14
CA PHE C 280 -6.18 18.04 -34.43
C PHE C 280 -6.58 17.05 -35.53
N GLY C 281 -7.60 17.43 -36.31
CA GLY C 281 -8.02 16.71 -37.49
C GLY C 281 -8.58 17.74 -38.44
N SER C 282 -8.71 17.38 -39.71
CA SER C 282 -9.35 18.29 -40.66
C SER C 282 -10.25 17.62 -41.69
N GLN C 283 -10.19 16.31 -41.88
CA GLN C 283 -10.85 15.62 -42.98
C GLN C 283 -10.86 16.45 -44.26
N MET C 284 -9.65 16.77 -44.72
CA MET C 284 -9.51 17.49 -45.98
C MET C 284 -10.01 16.64 -47.14
N VAL C 285 -10.31 17.33 -48.25
CA VAL C 285 -10.88 16.74 -49.47
C VAL C 285 -12.01 15.78 -49.11
N GLY C 286 -12.90 16.25 -48.26
CA GLY C 286 -14.04 15.43 -47.89
C GLY C 286 -15.38 16.10 -48.01
N ALA C 287 -16.11 16.14 -46.90
CA ALA C 287 -17.49 16.59 -46.91
C ALA C 287 -17.61 18.02 -47.39
N VAL C 288 -16.57 18.82 -47.23
CA VAL C 288 -16.62 20.24 -47.55
C VAL C 288 -15.31 20.65 -48.21
N ARG C 289 -15.30 20.72 -49.53
CA ARG C 289 -14.08 20.96 -50.29
C ARG C 289 -13.99 22.38 -50.83
N GLY C 290 -14.90 23.28 -50.45
CA GLY C 290 -14.94 24.62 -50.99
C GLY C 290 -14.43 25.70 -50.02
N ILE C 291 -14.20 26.87 -50.60
CA ILE C 291 -13.80 28.05 -49.83
C ILE C 291 -14.97 28.54 -48.98
N ASP C 292 -14.63 29.10 -47.83
CA ASP C 292 -15.62 29.74 -46.97
C ASP C 292 -15.79 31.17 -47.47
N PRO C 293 -16.95 31.54 -48.01
CA PRO C 293 -17.09 32.94 -48.46
C PRO C 293 -16.86 33.94 -47.35
N THR C 294 -17.11 33.57 -46.09
CA THR C 294 -16.96 34.54 -45.01
C THR C 294 -15.51 34.73 -44.56
N THR C 295 -14.55 33.94 -45.06
CA THR C 295 -13.17 34.08 -44.64
C THR C 295 -12.17 34.06 -45.76
N GLY C 296 -12.50 33.55 -46.92
CA GLY C 296 -11.53 33.37 -47.98
C GLY C 296 -10.51 32.29 -47.73
N HIS C 297 -10.73 31.43 -46.74
CA HIS C 297 -9.98 30.20 -46.58
C HIS C 297 -10.97 29.04 -46.51
N TYR C 298 -10.47 27.85 -46.81
CA TYR C 298 -11.33 26.69 -46.88
C TYR C 298 -11.98 26.41 -45.53
N PHE C 299 -13.25 26.04 -45.56
CA PHE C 299 -13.92 25.56 -44.34
C PHE C 299 -13.03 24.57 -43.59
N ASP C 300 -12.52 23.56 -44.29
CA ASP C 300 -11.88 22.40 -43.68
C ASP C 300 -10.38 22.60 -43.46
N ASP C 301 -9.88 23.81 -43.60
CA ASP C 301 -8.51 24.16 -43.22
C ASP C 301 -8.53 24.55 -41.74
N THR C 302 -8.79 23.54 -40.89
CA THR C 302 -9.06 23.74 -39.47
C THR C 302 -7.84 24.07 -38.63
N LYS C 303 -6.64 24.01 -39.21
CA LYS C 303 -5.46 24.52 -38.52
C LYS C 303 -5.55 26.02 -38.34
N ARG C 304 -6.24 26.69 -39.26
CA ARG C 304 -6.47 28.12 -39.13
C ARG C 304 -7.20 28.42 -37.85
N TYR C 305 -8.20 27.61 -37.51
CA TYR C 305 -8.98 27.80 -36.28
C TYR C 305 -8.09 27.65 -35.06
N ILE C 306 -7.42 26.49 -34.92
CA ILE C 306 -6.47 26.29 -33.82
C ILE C 306 -5.55 27.50 -33.70
N ASP C 307 -4.83 27.81 -34.78
CA ASP C 307 -3.82 28.87 -34.68
C ASP C 307 -4.39 30.19 -34.18
N ALA C 308 -5.69 30.41 -34.33
CA ALA C 308 -6.32 31.65 -33.92
C ALA C 308 -6.72 31.66 -32.46
N LEU C 309 -6.52 30.54 -31.75
CA LEU C 309 -6.87 30.39 -30.35
C LEU C 309 -5.91 31.16 -29.44
N ASP C 310 -6.42 31.54 -28.27
CA ASP C 310 -5.66 32.31 -27.29
C ASP C 310 -5.17 31.35 -26.20
N ILE C 311 -4.28 30.46 -26.63
CA ILE C 311 -3.82 29.35 -25.83
C ILE C 311 -2.30 29.38 -25.75
N SER C 312 -1.78 28.89 -24.64
CA SER C 312 -0.36 28.71 -24.48
C SER C 312 0.20 27.84 -25.60
N ASP C 313 1.53 27.85 -25.70
CA ASP C 313 2.19 26.92 -26.61
C ASP C 313 1.95 25.48 -26.22
N GLN C 314 1.80 25.21 -24.92
CA GLN C 314 1.67 23.83 -24.48
C GLN C 314 0.26 23.30 -24.73
N GLU C 315 -0.74 24.17 -24.79
CA GLU C 315 -2.05 23.73 -25.26
C GLU C 315 -1.99 23.36 -26.74
N ARG C 316 -1.28 24.16 -27.55
CA ARG C 316 -1.12 23.86 -28.96
C ARG C 316 -0.54 22.48 -29.20
N HIS C 317 0.59 22.19 -28.53
CA HIS C 317 1.34 20.96 -28.81
C HIS C 317 0.46 19.73 -28.57
N ALA C 318 -0.18 19.67 -27.40
CA ALA C 318 -1.10 18.58 -27.11
C ALA C 318 -2.19 18.48 -28.17
N ILE C 319 -2.81 19.61 -28.51
CA ILE C 319 -3.85 19.65 -29.54
C ILE C 319 -3.32 19.11 -30.86
N PHE C 320 -2.15 19.59 -31.27
CA PHE C 320 -1.60 19.25 -32.58
C PHE C 320 -0.87 17.91 -32.59
N GLU C 321 -0.21 17.53 -31.49
CA GLU C 321 0.72 16.41 -31.52
C GLU C 321 0.60 15.44 -30.35
N GLY C 322 0.70 15.95 -29.12
CA GLY C 322 0.82 15.06 -27.98
C GLY C 322 -0.38 14.15 -27.81
N ASN C 323 -1.59 14.71 -27.79
CA ASN C 323 -2.78 13.89 -27.55
C ASN C 323 -2.86 12.74 -28.54
N THR C 324 -2.72 13.05 -29.83
CA THR C 324 -2.66 12.00 -30.85
C THR C 324 -1.62 10.96 -30.50
N ARG C 325 -0.43 11.41 -30.13
CA ARG C 325 0.63 10.46 -29.81
C ARG C 325 0.23 9.60 -28.62
N ARG C 326 -0.52 10.16 -27.67
CA ARG C 326 -0.98 9.37 -26.53
C ARG C 326 -1.99 8.32 -26.96
N VAL C 327 -3.05 8.74 -27.68
CA VAL C 327 -4.09 7.83 -28.14
C VAL C 327 -3.56 6.83 -29.17
N PHE C 328 -2.48 7.17 -29.90
CA PHE C 328 -1.91 6.30 -30.93
C PHE C 328 -0.53 5.76 -30.56
N PRO C 329 -0.49 4.74 -29.71
CA PRO C 329 0.82 4.25 -29.24
C PRO C 329 1.73 3.73 -30.35
N ARG C 330 1.18 3.08 -31.38
CA ARG C 330 2.02 2.57 -32.45
C ARG C 330 2.57 3.68 -33.32
N LEU C 331 1.99 4.87 -33.22
CA LEU C 331 2.51 6.04 -33.91
C LEU C 331 3.60 6.70 -33.09
N ASP C 332 3.34 6.93 -31.80
CA ASP C 332 4.33 7.54 -30.92
C ASP C 332 5.67 6.83 -31.04
N ALA C 333 5.66 5.50 -30.98
CA ALA C 333 6.90 4.73 -30.93
C ALA C 333 7.68 4.85 -32.23
N LYS C 334 6.96 4.95 -33.36
CA LYS C 334 7.60 5.23 -34.63
C LYS C 334 8.21 6.64 -34.64
N LEU C 335 7.50 7.63 -34.08
CA LEU C 335 8.06 8.97 -34.02
C LEU C 335 9.23 9.04 -33.06
N LYS C 336 9.19 8.24 -32.00
CA LYS C 336 10.34 8.08 -31.12
C LYS C 336 11.49 7.39 -31.84
N ALA C 337 11.21 6.29 -32.54
CA ALA C 337 12.24 5.54 -33.26
C ALA C 337 12.97 6.40 -34.30
N ARG C 338 12.40 7.52 -34.70
CA ARG C 338 13.07 8.43 -35.62
C ARG C 338 13.60 9.66 -34.90
N GLY C 339 13.72 9.58 -33.57
CA GLY C 339 14.21 10.72 -32.82
C GLY C 339 13.28 11.91 -32.81
N LEU C 340 12.08 11.76 -33.36
CA LEU C 340 11.07 12.81 -33.30
C LEU C 340 10.44 12.74 -31.91
N LEU C 341 11.03 13.46 -30.98
CA LEU C 341 10.55 13.51 -29.61
C LEU C 341 9.64 14.72 -29.40
N GLU C 342 8.98 14.75 -28.24
CA GLU C 342 8.06 15.83 -27.92
C GLU C 342 8.79 16.99 -27.25
N MET D 1 -0.91 -26.20 33.58
CA MET D 1 -0.41 -24.85 33.40
C MET D 1 -0.85 -23.87 34.50
N MET D 2 0.09 -23.02 34.93
CA MET D 2 -0.21 -21.92 35.82
C MET D 2 -1.12 -20.91 35.11
N ILE D 3 -1.61 -19.97 35.89
CA ILE D 3 -2.32 -18.82 35.36
C ILE D 3 -1.69 -17.62 36.06
N ILE D 4 -0.83 -16.90 35.34
CA ILE D 4 -0.01 -15.85 35.93
C ILE D 4 -0.43 -14.49 35.37
N ASP D 5 -1.00 -13.65 36.23
CA ASP D 5 -1.47 -12.30 35.89
C ASP D 5 -0.26 -11.37 35.91
N CYS D 6 0.25 -10.99 34.75
CA CYS D 6 1.50 -10.24 34.76
C CYS D 6 1.32 -8.77 35.11
N HIS D 7 0.12 -8.32 35.45
CA HIS D 7 -0.17 -6.89 35.60
C HIS D 7 -1.19 -6.74 36.72
N GLY D 8 -0.77 -6.14 37.83
CA GLY D 8 -1.64 -6.01 38.98
C GLY D 8 -1.01 -5.14 40.05
N HIS D 9 -1.77 -4.20 40.62
CA HIS D 9 -1.24 -3.29 41.63
C HIS D 9 -1.99 -3.38 42.95
N TYR D 10 -1.24 -3.13 44.04
CA TYR D 10 -1.75 -2.96 45.39
C TYR D 10 -2.50 -1.65 45.47
N THR D 11 -3.78 -1.68 45.13
CA THR D 11 -4.57 -0.47 44.96
C THR D 11 -5.42 -0.13 46.16
N VAL D 12 -5.87 -1.14 46.90
CA VAL D 12 -6.74 -0.95 48.04
C VAL D 12 -5.89 -1.16 49.29
N LEU D 13 -5.41 -0.06 49.85
CA LEU D 13 -4.30 0.00 50.78
C LEU D 13 -4.73 0.28 52.20
N PRO D 14 -3.85 0.02 53.18
CA PRO D 14 -4.13 0.46 54.56
C PRO D 14 -4.23 1.96 54.69
N LYS D 15 -4.96 2.39 55.73
CA LYS D 15 -5.20 3.81 55.97
C LYS D 15 -3.90 4.60 56.05
N ALA D 16 -2.97 4.16 56.91
CA ALA D 16 -1.84 5.01 57.30
C ALA D 16 -0.81 5.19 56.18
N HIS D 17 -0.78 4.32 55.18
CA HIS D 17 0.12 4.53 54.06
C HIS D 17 -0.25 5.82 53.30
N ASP D 18 -1.49 5.90 52.83
CA ASP D 18 -1.96 7.06 52.10
C ASP D 18 -1.94 8.34 52.95
N GLU D 19 -1.93 8.20 54.27
CA GLU D 19 -1.68 9.30 55.22
C GLU D 19 -0.33 9.96 54.97
N TRP D 20 0.74 9.19 55.21
CA TRP D 20 2.09 9.74 55.25
C TRP D 20 2.51 10.36 53.92
N ARG D 21 2.07 9.76 52.81
CA ARG D 21 2.31 10.33 51.49
C ARG D 21 1.78 11.76 51.39
N GLU D 22 0.52 11.96 51.81
CA GLU D 22 -0.10 13.29 51.79
C GLU D 22 0.62 14.26 52.71
N GLN D 23 0.93 13.83 53.94
CA GLN D 23 1.75 14.66 54.81
C GLN D 23 3.18 14.74 54.31
N GLN D 24 3.69 13.64 53.75
CA GLN D 24 5.00 13.69 53.12
C GLN D 24 5.05 14.78 52.05
N LYS D 25 4.11 14.71 51.10
CA LYS D 25 3.99 15.80 50.15
C LYS D 25 3.86 17.14 50.86
N ALA D 26 3.35 17.14 52.10
CA ALA D 26 2.99 18.37 52.80
C ALA D 26 4.20 19.09 53.38
N ALA D 27 5.13 18.36 53.99
CA ALA D 27 6.38 18.92 54.50
C ALA D 27 7.37 19.30 53.40
N PHE D 28 7.11 18.89 52.17
CA PHE D 28 7.89 19.37 51.03
C PHE D 28 7.49 20.80 50.66
N LYS D 29 6.18 21.05 50.53
CA LYS D 29 5.67 22.41 50.33
C LYS D 29 6.11 23.32 51.47
N ALA D 30 5.81 22.94 52.70
CA ALA D 30 6.22 23.78 53.82
C ALA D 30 7.72 23.68 54.06
N GLY D 31 8.51 23.47 53.01
CA GLY D 31 9.95 23.34 53.12
C GLY D 31 10.40 22.78 54.45
N GLN D 32 9.77 21.64 54.86
CA GLN D 32 9.99 20.90 56.11
C GLN D 32 10.57 19.51 55.83
N PRO D 33 11.34 18.94 56.76
CA PRO D 33 11.60 17.49 56.72
C PRO D 33 10.33 16.70 57.00
N ALA D 34 10.28 15.50 56.43
CA ALA D 34 9.08 14.69 56.57
C ALA D 34 9.06 13.95 57.90
N PRO D 35 7.87 13.52 58.34
CA PRO D 35 7.76 12.81 59.62
C PRO D 35 8.09 11.35 59.45
N PRO D 36 8.35 10.63 60.55
CA PRO D 36 8.59 9.19 60.46
C PRO D 36 7.46 8.49 59.72
N TYR D 37 7.81 7.42 59.04
CA TYR D 37 6.80 6.61 58.38
C TYR D 37 6.05 5.76 59.42
N PRO D 38 4.74 5.59 59.26
CA PRO D 38 4.01 4.70 60.17
C PRO D 38 4.49 3.25 60.05
N GLU D 39 4.58 2.58 61.20
CA GLU D 39 4.94 1.17 61.21
C GLU D 39 3.65 0.36 61.12
N ILE D 40 3.24 0.09 59.87
CA ILE D 40 2.05 -0.73 59.57
C ILE D 40 2.12 -2.09 60.27
N SER D 41 0.96 -2.72 60.40
CA SER D 41 0.86 -4.04 61.01
C SER D 41 0.68 -5.10 59.93
N ASP D 42 1.30 -6.26 60.16
CA ASP D 42 1.21 -7.35 59.20
C ASP D 42 -0.23 -7.64 58.81
N ASP D 43 -1.13 -7.68 59.79
CA ASP D 43 -2.47 -8.16 59.53
C ASP D 43 -3.37 -7.09 58.96
N GLU D 44 -3.00 -5.81 59.10
CA GLU D 44 -3.66 -4.75 58.32
C GLU D 44 -3.48 -5.00 56.83
N ILE D 45 -2.26 -5.33 56.42
CA ILE D 45 -2.00 -5.68 55.02
C ILE D 45 -2.78 -6.93 54.63
N ARG D 46 -2.68 -7.98 55.45
CA ARG D 46 -3.40 -9.21 55.19
C ARG D 46 -4.85 -8.93 54.84
N GLU D 47 -5.52 -8.06 55.60
CA GLU D 47 -6.93 -7.77 55.36
C GLU D 47 -7.16 -7.30 53.93
N THR D 48 -6.50 -6.20 53.56
CA THR D 48 -6.66 -5.64 52.22
C THR D 48 -6.49 -6.71 51.14
N ILE D 49 -5.43 -7.52 51.24
CA ILE D 49 -5.17 -8.54 50.21
C ILE D 49 -6.22 -9.63 50.23
N GLU D 50 -6.64 -10.03 51.42
CA GLU D 50 -7.64 -11.09 51.52
C GLU D 50 -8.99 -10.60 51.05
N ALA D 51 -9.32 -9.34 51.35
CA ALA D 51 -10.59 -8.72 51.00
C ALA D 51 -10.71 -8.37 49.52
N ASN D 52 -9.61 -8.38 48.78
CA ASN D 52 -9.59 -7.85 47.42
C ASN D 52 -8.94 -8.84 46.49
N GLN D 53 -7.67 -8.61 46.16
CA GLN D 53 -6.98 -9.41 45.14
C GLN D 53 -7.13 -10.89 45.43
N LEU D 54 -6.71 -11.30 46.63
CA LEU D 54 -6.72 -12.72 46.96
C LEU D 54 -8.11 -13.31 46.80
N ARG D 55 -9.16 -12.49 46.99
CA ARG D 55 -10.53 -13.00 46.85
C ARG D 55 -10.89 -13.24 45.40
N LEU D 56 -10.54 -12.29 44.52
CA LEU D 56 -10.85 -12.37 43.10
C LEU D 56 -9.99 -13.41 42.39
N ILE D 57 -8.70 -13.50 42.73
CA ILE D 57 -7.77 -14.54 42.32
C ILE D 57 -8.44 -15.90 42.47
N LYS D 58 -8.95 -16.15 43.68
CA LYS D 58 -9.61 -17.41 43.99
C LYS D 58 -10.85 -17.62 43.14
N GLU D 59 -11.71 -16.61 43.07
CA GLU D 59 -12.95 -16.70 42.29
C GLU D 59 -12.69 -16.78 40.80
N ARG D 60 -11.68 -16.08 40.30
CA ARG D 60 -11.39 -16.08 38.87
C ARG D 60 -10.48 -17.22 38.45
N GLY D 61 -9.87 -17.93 39.38
CA GLY D 61 -9.08 -19.08 39.02
C GLY D 61 -7.65 -18.82 38.60
N ALA D 62 -7.01 -17.77 39.10
CA ALA D 62 -5.60 -17.51 38.83
C ALA D 62 -4.71 -18.18 39.86
N ASP D 63 -3.40 -18.20 39.56
CA ASP D 63 -2.37 -18.79 40.40
C ASP D 63 -1.48 -17.76 41.08
N MET D 64 -1.01 -16.76 40.35
CA MET D 64 -0.31 -15.68 40.99
C MET D 64 -0.50 -14.40 40.21
N THR D 65 -0.17 -13.30 40.85
CA THR D 65 -0.06 -12.01 40.21
C THR D 65 1.35 -11.50 40.37
N ILE D 66 1.87 -10.87 39.32
CA ILE D 66 3.08 -10.04 39.39
C ILE D 66 2.67 -8.64 39.81
N PHE D 67 3.16 -8.19 40.95
CA PHE D 67 2.47 -7.23 41.78
C PHE D 67 3.41 -6.06 42.09
N SER D 68 3.00 -4.85 41.73
CA SER D 68 3.80 -3.65 41.96
C SER D 68 2.96 -2.62 42.68
N PRO D 69 3.48 -1.42 42.92
CA PRO D 69 2.69 -0.38 43.61
C PRO D 69 1.52 0.14 42.78
N ARG D 70 0.55 0.71 43.48
CA ARG D 70 -0.46 1.52 42.81
C ARG D 70 0.21 2.47 41.84
N ALA D 71 -0.14 2.38 40.55
CA ALA D 71 0.55 3.19 39.55
C ALA D 71 0.02 4.63 39.52
N SER D 72 -1.29 4.80 39.72
CA SER D 72 -1.87 6.15 39.79
C SER D 72 -1.35 6.95 40.98
N ALA D 73 -0.88 6.28 42.04
CA ALA D 73 -0.34 6.91 43.23
C ALA D 73 1.17 7.05 43.21
N MET D 74 1.80 6.70 42.09
CA MET D 74 3.24 6.88 41.97
C MET D 74 3.61 8.36 42.00
N ALA D 75 2.99 9.17 41.11
CA ALA D 75 3.13 10.62 41.07
C ALA D 75 4.59 11.07 41.22
N PRO D 76 5.44 10.83 40.23
CA PRO D 76 6.82 11.35 40.30
C PRO D 76 6.92 12.88 40.27
N HIS D 77 6.06 13.55 39.49
CA HIS D 77 6.08 15.01 39.39
C HIS D 77 5.95 15.70 40.73
N VAL D 78 5.46 15.01 41.75
CA VAL D 78 5.43 15.47 43.14
C VAL D 78 6.34 14.52 43.91
N GLY D 79 7.58 14.94 44.20
CA GLY D 79 8.11 16.24 43.80
C GLY D 79 9.48 16.09 43.17
N ASP D 80 10.53 16.42 43.90
CA ASP D 80 11.87 16.11 43.45
C ASP D 80 12.31 14.77 44.05
N GLN D 81 13.56 14.40 43.78
CA GLN D 81 14.03 13.12 44.27
C GLN D 81 13.83 12.98 45.77
N SER D 82 13.90 14.11 46.49
CA SER D 82 13.77 14.10 47.95
C SER D 82 12.49 13.41 48.40
N VAL D 83 11.39 13.66 47.69
CA VAL D 83 10.10 13.07 48.01
C VAL D 83 9.96 11.68 47.40
N ALA D 84 10.58 11.46 46.23
CA ALA D 84 10.30 10.31 45.38
C ALA D 84 11.09 9.07 45.75
N VAL D 85 12.27 9.22 46.37
CA VAL D 85 13.04 8.06 46.82
C VAL D 85 12.37 7.45 48.05
N PRO D 86 12.37 8.11 49.21
CA PRO D 86 11.67 7.53 50.37
C PRO D 86 10.26 7.07 50.04
N TRP D 87 9.66 7.65 48.99
CA TRP D 87 8.28 7.31 48.62
C TRP D 87 8.19 6.04 47.80
N ALA D 88 8.99 5.92 46.74
CA ALA D 88 9.17 4.64 46.07
C ALA D 88 9.63 3.56 47.05
N GLN D 89 10.56 3.91 47.94
CA GLN D 89 11.02 2.94 48.93
C GLN D 89 9.90 2.45 49.81
N ALA D 90 9.00 3.34 50.22
CA ALA D 90 7.88 2.90 51.06
C ALA D 90 6.98 1.94 50.30
N CYS D 91 6.72 2.23 49.02
CA CYS D 91 5.75 1.48 48.23
C CYS D 91 6.25 0.10 47.87
N ASN D 92 7.53 0.02 47.49
CA ASN D 92 8.14 -1.28 47.21
C ASN D 92 8.24 -2.12 48.47
N ASN D 93 8.72 -1.52 49.57
CA ASN D 93 8.74 -2.23 50.85
C ASN D 93 7.39 -2.89 51.15
N LEU D 94 6.28 -2.23 50.77
CA LEU D 94 4.96 -2.80 50.97
C LEU D 94 4.69 -3.95 50.00
N ILE D 95 5.05 -3.77 48.74
CA ILE D 95 5.02 -4.89 47.80
C ILE D 95 5.85 -6.05 48.35
N ALA D 96 7.00 -5.73 48.95
CA ALA D 96 7.82 -6.79 49.54
C ALA D 96 7.11 -7.45 50.71
N ARG D 97 6.45 -6.67 51.57
CA ARG D 97 5.74 -7.29 52.69
C ARG D 97 4.66 -8.22 52.18
N VAL D 98 3.91 -7.80 51.15
CA VAL D 98 2.83 -8.61 50.59
C VAL D 98 3.37 -9.92 50.01
N VAL D 99 4.54 -9.88 49.37
CA VAL D 99 5.13 -11.13 48.87
C VAL D 99 5.49 -12.04 50.03
N ASP D 100 6.15 -11.50 51.04
CA ASP D 100 6.52 -12.29 52.20
C ASP D 100 5.27 -12.90 52.86
N LEU D 101 4.22 -12.11 53.05
CA LEU D 101 3.00 -12.65 53.65
C LEU D 101 2.35 -13.69 52.72
N PHE D 102 2.36 -13.46 51.41
CA PHE D 102 1.77 -14.38 50.44
C PHE D 102 2.76 -14.65 49.32
N PRO D 103 3.90 -15.32 49.61
CA PRO D 103 4.89 -15.55 48.55
C PRO D 103 4.51 -16.66 47.57
N GLU D 104 3.53 -17.50 47.89
CA GLU D 104 3.04 -18.45 46.90
C GLU D 104 2.23 -17.76 45.80
N THR D 105 1.70 -16.57 46.07
CA THR D 105 0.70 -15.90 45.26
C THR D 105 1.20 -14.67 44.54
N PHE D 106 2.17 -13.96 45.10
CA PHE D 106 2.60 -12.70 44.51
C PHE D 106 4.09 -12.75 44.26
N ALA D 107 4.51 -12.19 43.12
CA ALA D 107 5.91 -11.94 42.77
C ALA D 107 6.14 -10.43 42.70
N GLY D 108 7.31 -9.99 43.16
CA GLY D 108 7.58 -8.56 43.28
C GLY D 108 8.07 -7.89 42.01
N VAL D 109 7.52 -6.71 41.74
CA VAL D 109 7.94 -5.80 40.68
C VAL D 109 7.95 -4.41 41.29
N CYS D 110 8.99 -3.64 41.05
CA CYS D 110 9.16 -2.38 41.74
C CYS D 110 8.91 -1.19 40.82
N MET D 111 8.35 -0.14 41.39
CA MET D 111 8.39 1.17 40.78
C MET D 111 9.73 1.84 41.10
N LEU D 112 10.04 2.91 40.32
CA LEU D 112 11.30 3.63 40.30
C LEU D 112 11.17 4.96 41.01
N PRO D 113 12.18 5.38 41.76
CA PRO D 113 12.17 6.73 42.32
C PRO D 113 12.46 7.82 41.29
N GLN D 114 11.87 7.71 40.10
CA GLN D 114 12.00 8.72 39.06
C GLN D 114 11.35 10.03 39.47
N SER D 115 11.95 11.12 39.00
CA SER D 115 11.46 12.47 39.22
C SER D 115 11.81 13.28 37.98
N PRO D 116 11.04 14.32 37.67
CA PRO D 116 11.28 15.05 36.41
C PRO D 116 12.72 15.52 36.26
N GLU D 117 13.31 16.10 37.30
CA GLU D 117 14.57 16.83 37.19
C GLU D 117 15.79 15.93 37.31
N ALA D 118 15.61 14.63 37.47
CA ALA D 118 16.70 13.73 37.78
C ALA D 118 16.93 12.73 36.65
N ASP D 119 18.08 12.07 36.70
CA ASP D 119 18.39 10.98 35.79
C ASP D 119 17.96 9.66 36.44
N MET D 120 18.45 8.55 35.89
CA MET D 120 18.08 7.23 36.34
C MET D 120 18.98 6.68 37.45
N THR D 121 19.82 7.54 38.03
CA THR D 121 20.86 7.09 38.96
C THR D 121 20.27 6.50 40.22
N SER D 122 19.25 7.15 40.79
CA SER D 122 18.59 6.63 41.98
C SER D 122 17.69 5.45 41.63
N SER D 123 17.02 5.54 40.47
CA SER D 123 16.19 4.44 39.99
C SER D 123 16.99 3.17 39.81
N ILE D 124 18.24 3.29 39.36
CA ILE D 124 19.17 2.15 39.33
C ILE D 124 19.35 1.58 40.73
N ALA D 125 19.58 2.45 41.72
CA ALA D 125 19.84 1.99 43.07
C ALA D 125 18.61 1.31 43.66
N GLU D 126 17.42 1.85 43.41
CA GLU D 126 16.20 1.20 43.88
C GLU D 126 15.99 -0.14 43.20
N LEU D 127 16.21 -0.21 41.89
CA LEU D 127 16.04 -1.49 41.20
C LEU D 127 17.04 -2.52 41.72
N GLU D 128 18.29 -2.13 41.95
CA GLU D 128 19.24 -3.08 42.51
C GLU D 128 18.88 -3.45 43.94
N ARG D 129 18.35 -2.49 44.69
CA ARG D 129 17.80 -2.81 46.00
C ARG D 129 16.70 -3.86 45.90
N CYS D 130 15.74 -3.66 44.98
CA CYS D 130 14.54 -4.48 44.97
C CYS D 130 14.76 -5.83 44.29
N VAL D 131 15.66 -5.89 43.31
CA VAL D 131 15.98 -7.18 42.69
C VAL D 131 16.97 -7.96 43.56
N ASN D 132 18.12 -7.37 43.83
CA ASN D 132 19.20 -8.12 44.46
C ASN D 132 18.94 -8.32 45.94
N GLU D 133 18.23 -7.40 46.59
CA GLU D 133 17.95 -7.48 48.02
C GLU D 133 16.59 -8.09 48.33
N LEU D 134 15.51 -7.52 47.82
CA LEU D 134 14.15 -7.92 48.18
C LEU D 134 13.59 -9.00 47.26
N GLY D 135 14.34 -9.42 46.25
CA GLY D 135 13.91 -10.51 45.38
C GLY D 135 12.81 -10.16 44.41
N PHE D 136 12.82 -8.95 43.86
CA PHE D 136 11.84 -8.64 42.83
C PHE D 136 12.31 -9.26 41.51
N ILE D 137 11.46 -9.17 40.48
CA ILE D 137 11.70 -9.87 39.21
C ILE D 137 11.65 -8.91 38.01
N GLY D 138 11.13 -7.71 38.20
CA GLY D 138 11.16 -6.69 37.17
C GLY D 138 10.81 -5.33 37.74
N CYS D 139 10.52 -4.37 36.86
CA CYS D 139 10.23 -3.01 37.31
C CYS D 139 9.15 -2.37 36.45
N ASN D 140 8.64 -1.24 36.93
CA ASN D 140 7.75 -0.38 36.17
C ASN D 140 8.54 0.86 35.80
N LEU D 141 8.54 1.18 34.52
CA LEU D 141 9.33 2.27 33.97
C LEU D 141 8.41 3.37 33.50
N ASN D 142 8.56 4.56 34.05
CA ASN D 142 7.72 5.69 33.71
C ASN D 142 8.41 6.53 32.65
N PRO D 143 7.94 6.51 31.40
CA PRO D 143 8.59 7.31 30.34
C PRO D 143 8.23 8.78 30.37
N ASP D 144 7.57 9.27 31.41
CA ASP D 144 7.16 10.68 31.48
C ASP D 144 6.85 11.11 32.91
N PRO D 145 7.87 11.24 33.77
CA PRO D 145 7.61 11.62 35.17
C PRO D 145 6.88 12.94 35.33
N GLY D 146 6.89 13.81 34.30
CA GLY D 146 6.25 15.11 34.40
C GLY D 146 4.75 15.07 34.61
N GLY D 147 4.09 13.95 34.40
CA GLY D 147 2.71 13.86 34.76
C GLY D 147 1.73 14.34 33.73
N GLY D 148 2.05 14.24 32.45
CA GLY D 148 1.03 14.39 31.45
C GLY D 148 1.35 15.31 30.30
N HIS D 149 2.63 15.50 29.98
CA HIS D 149 3.00 16.33 28.84
C HIS D 149 4.07 15.68 27.96
N PHE D 150 4.42 14.43 28.24
CA PHE D 150 5.40 13.69 27.46
C PHE D 150 6.58 14.59 27.12
N LYS D 151 7.15 15.16 28.18
CA LYS D 151 8.29 16.06 28.08
C LYS D 151 9.61 15.37 28.36
N HIS D 152 9.70 14.08 28.08
CA HIS D 152 10.92 13.31 28.31
C HIS D 152 11.46 12.73 27.02
N PRO D 153 12.74 12.36 26.99
CA PRO D 153 13.32 11.83 25.77
C PRO D 153 12.72 10.47 25.45
N PRO D 154 12.60 10.11 24.16
CA PRO D 154 12.12 8.77 23.82
C PRO D 154 12.94 7.71 24.52
N LEU D 155 12.43 6.48 24.56
CA LEU D 155 13.17 5.39 25.20
C LEU D 155 14.40 4.98 24.41
N THR D 156 14.52 5.44 23.16
CA THR D 156 15.68 5.26 22.31
C THR D 156 16.81 6.21 22.65
N ASP D 157 16.61 7.13 23.58
CA ASP D 157 17.64 8.07 23.98
C ASP D 157 18.66 7.39 24.86
N ARG D 158 19.88 7.91 24.84
CA ARG D 158 20.91 7.50 25.77
C ARG D 158 20.71 8.08 27.17
N PHE D 159 19.72 8.96 27.36
CA PHE D 159 19.36 9.33 28.72
C PHE D 159 19.05 8.08 29.54
N TRP D 160 18.42 7.10 28.92
CA TRP D 160 17.95 5.91 29.62
C TRP D 160 18.94 4.77 29.62
N TYR D 161 20.00 4.86 28.81
CA TYR D 161 20.89 3.72 28.60
C TYR D 161 21.52 3.20 29.88
N PRO D 162 22.11 4.04 30.72
CA PRO D 162 22.58 3.55 32.02
C PRO D 162 21.58 2.68 32.75
N PHE D 163 20.29 2.93 32.55
CA PHE D 163 19.28 2.11 33.20
C PHE D 163 19.06 0.80 32.45
N TYR D 164 19.08 0.83 31.11
CA TYR D 164 18.92 -0.41 30.36
C TYR D 164 20.05 -1.38 30.67
N GLU D 165 21.25 -0.85 30.86
CA GLU D 165 22.39 -1.71 31.15
C GLU D 165 22.16 -2.53 32.42
N LYS D 166 21.68 -1.90 33.50
CA LYS D 166 21.45 -2.69 34.72
C LYS D 166 20.27 -3.65 34.56
N MET D 167 19.18 -3.21 33.91
CA MET D 167 18.11 -4.13 33.53
C MET D 167 18.68 -5.36 32.85
N VAL D 168 19.67 -5.17 31.98
CA VAL D 168 20.34 -6.28 31.32
C VAL D 168 21.18 -7.09 32.31
N GLU D 169 21.90 -6.40 33.18
CA GLU D 169 22.67 -7.09 34.22
C GLU D 169 21.78 -8.02 35.04
N LEU D 170 20.69 -7.47 35.59
CA LEU D 170 19.81 -8.23 36.48
C LEU D 170 18.89 -9.21 35.75
N ASP D 171 18.73 -9.10 34.43
CA ASP D 171 17.87 -9.98 33.64
C ASP D 171 16.37 -9.73 33.89
N VAL D 172 15.98 -8.49 34.19
CA VAL D 172 14.58 -8.16 34.48
C VAL D 172 13.96 -7.32 33.38
N PRO D 173 12.71 -7.58 32.98
CA PRO D 173 12.02 -6.69 32.05
C PRO D 173 11.56 -5.41 32.74
N ALA D 174 11.05 -4.49 31.94
CA ALA D 174 10.33 -3.33 32.43
C ALA D 174 8.93 -3.31 31.82
N MET D 175 7.95 -2.92 32.64
CA MET D 175 6.63 -2.57 32.15
C MET D 175 6.61 -1.07 31.98
N ILE D 176 6.40 -0.60 30.75
CA ILE D 176 6.32 0.84 30.54
C ILE D 176 5.01 1.32 31.15
N HIS D 177 5.09 2.23 32.11
CA HIS D 177 3.90 2.57 32.83
C HIS D 177 3.97 4.02 33.27
N VAL D 178 2.92 4.78 32.96
CA VAL D 178 2.84 6.16 33.41
C VAL D 178 1.99 6.20 34.66
N SER D 179 1.84 7.38 35.26
CA SER D 179 1.31 7.44 36.61
C SER D 179 0.07 8.30 36.65
N GLY D 180 0.01 9.22 37.60
CA GLY D 180 -1.07 10.19 37.60
C GLY D 180 -0.80 11.33 36.66
N SER D 181 -1.88 12.01 36.28
CA SER D 181 -1.88 13.03 35.24
C SER D 181 -2.15 14.41 35.85
N CYS D 182 -1.10 15.21 36.00
CA CYS D 182 -1.29 16.62 36.34
C CYS D 182 -1.35 17.48 35.09
N ASN D 183 -1.65 16.87 33.96
CA ASN D 183 -2.13 17.58 32.79
C ASN D 183 -3.64 17.68 32.91
N PRO D 184 -4.18 18.83 33.33
CA PRO D 184 -5.63 18.93 33.54
C PRO D 184 -6.40 18.49 32.32
N ALA D 185 -5.72 18.48 31.16
CA ALA D 185 -6.32 18.09 29.89
C ALA D 185 -6.31 16.59 29.67
N MET D 186 -6.08 15.77 30.70
CA MET D 186 -5.91 14.36 30.42
C MET D 186 -6.43 13.50 31.56
N HIS D 187 -7.37 12.62 31.25
CA HIS D 187 -7.82 11.59 32.17
C HIS D 187 -6.73 10.52 32.26
N ALA D 188 -6.36 10.11 33.47
CA ALA D 188 -5.26 9.17 33.64
C ALA D 188 -5.60 7.80 33.07
N THR D 189 -6.53 7.07 33.71
CA THR D 189 -6.75 5.68 33.33
C THR D 189 -7.62 5.52 32.10
N GLY D 190 -8.22 6.59 31.59
CA GLY D 190 -8.92 6.49 30.32
C GLY D 190 -8.15 6.97 29.09
N ALA D 191 -7.45 8.09 29.20
CA ALA D 191 -6.69 8.63 28.09
C ALA D 191 -5.20 8.42 28.26
N TYR D 192 -4.66 8.87 29.40
CA TYR D 192 -3.21 8.98 29.59
C TYR D 192 -2.52 7.63 29.42
N TYR D 193 -2.98 6.61 30.14
CA TYR D 193 -2.39 5.29 30.02
C TYR D 193 -2.36 4.86 28.57
N LEU D 194 -3.51 4.92 27.89
CA LEU D 194 -3.62 4.39 26.53
C LEU D 194 -2.79 5.18 25.53
N ALA D 195 -2.59 6.47 25.76
CA ALA D 195 -1.73 7.30 24.91
C ALA D 195 -0.25 6.99 25.11
N ALA D 196 0.19 6.88 26.36
CA ALA D 196 1.60 6.58 26.62
C ALA D 196 2.00 5.21 26.09
N ASP D 197 1.07 4.25 26.04
CA ASP D 197 1.35 2.94 25.48
C ASP D 197 1.75 3.06 24.01
N THR D 198 0.96 3.82 23.24
CA THR D 198 1.18 3.94 21.81
C THR D 198 2.42 4.75 21.51
N ILE D 199 2.56 5.87 22.21
CA ILE D 199 3.70 6.75 22.00
C ILE D 199 5.01 6.01 22.24
N ALA D 200 5.09 5.25 23.34
CA ALA D 200 6.27 4.44 23.57
C ALA D 200 6.51 3.46 22.43
N PHE D 201 5.45 2.78 21.99
CA PHE D 201 5.62 1.86 20.85
C PHE D 201 6.14 2.60 19.62
N MET D 202 5.46 3.67 19.23
CA MET D 202 5.86 4.46 18.06
C MET D 202 7.26 5.03 18.23
N GLN D 203 7.66 5.28 19.48
CA GLN D 203 9.03 5.71 19.77
C GLN D 203 10.03 4.65 19.34
N LEU D 204 9.90 3.43 19.87
CA LEU D 204 10.83 2.38 19.49
C LEU D 204 10.80 2.15 18.00
N LEU D 205 9.60 2.23 17.40
CA LEU D 205 9.47 2.15 15.94
C LEU D 205 10.43 3.12 15.25
N GLN D 206 10.62 4.31 15.80
CA GLN D 206 11.45 5.34 15.18
C GLN D 206 12.94 5.09 15.33
N GLY D 207 13.35 4.21 16.24
CA GLY D 207 14.76 3.92 16.44
C GLY D 207 15.11 2.46 16.27
N ASN D 208 16.16 2.02 16.97
CA ASN D 208 16.57 0.63 17.03
C ASN D 208 17.35 0.41 18.32
N LEU D 209 16.63 0.59 19.43
CA LEU D 209 17.17 0.26 20.74
C LEU D 209 17.72 -1.16 20.78
N PHE D 210 16.92 -2.14 20.36
CA PHE D 210 17.25 -3.54 20.60
C PHE D 210 18.35 -4.07 19.67
N ALA D 211 18.89 -3.22 18.81
CA ALA D 211 20.18 -3.52 18.21
C ALA D 211 21.30 -3.30 19.22
N ASP D 212 21.09 -2.39 20.17
CA ASP D 212 22.04 -2.05 21.23
C ASP D 212 21.90 -2.93 22.46
N PHE D 213 20.66 -3.28 22.83
CA PHE D 213 20.35 -4.11 23.98
C PHE D 213 19.56 -5.31 23.48
N PRO D 214 20.23 -6.35 22.98
CA PRO D 214 19.48 -7.44 22.35
C PRO D 214 18.65 -8.28 23.31
N THR D 215 18.94 -8.28 24.61
CA THR D 215 18.10 -9.01 25.55
C THR D 215 17.19 -8.09 26.35
N LEU D 216 17.14 -6.81 26.03
CA LEU D 216 16.24 -5.89 26.71
C LEU D 216 14.79 -6.26 26.38
N ARG D 217 13.97 -6.45 27.42
CA ARG D 217 12.58 -6.86 27.24
C ARG D 217 11.64 -5.87 27.92
N PHE D 218 10.74 -5.28 27.13
CA PHE D 218 9.72 -4.36 27.63
C PHE D 218 8.34 -5.01 27.55
N ILE D 219 7.46 -4.64 28.48
CA ILE D 219 6.04 -4.92 28.40
C ILE D 219 5.29 -3.59 28.29
N ILE D 220 4.39 -3.51 27.32
CA ILE D 220 3.54 -2.33 27.11
C ILE D 220 2.11 -2.75 27.44
N PRO D 221 1.46 -2.13 28.43
CA PRO D 221 0.20 -2.68 28.94
C PRO D 221 -1.00 -2.42 28.06
N HIS D 222 -2.19 -2.75 28.57
CA HIS D 222 -3.44 -2.45 27.88
C HIS D 222 -3.40 -2.99 26.46
N GLY D 223 -2.92 -4.21 26.31
CA GLY D 223 -2.83 -4.77 24.98
C GLY D 223 -2.11 -3.86 24.02
N GLY D 224 -1.05 -3.21 24.50
CA GLY D 224 -0.26 -2.28 23.71
C GLY D 224 -0.90 -0.93 23.40
N GLY D 225 -1.84 -0.47 24.21
CA GLY D 225 -2.51 0.79 23.93
C GLY D 225 -3.42 0.73 22.73
N ALA D 226 -3.17 1.57 21.71
CA ALA D 226 -3.94 1.54 20.47
C ALA D 226 -3.23 0.80 19.36
N VAL D 227 -2.14 0.09 19.65
CA VAL D 227 -1.27 -0.46 18.61
C VAL D 227 -1.91 -1.61 17.84
N PRO D 228 -2.38 -2.69 18.48
CA PRO D 228 -2.96 -3.78 17.67
C PRO D 228 -4.16 -3.36 16.84
N TYR D 229 -5.06 -2.55 17.39
CA TYR D 229 -6.18 -2.00 16.61
C TYR D 229 -5.70 -1.33 15.33
N HIS D 230 -4.52 -0.72 15.35
CA HIS D 230 -3.93 -0.03 14.21
C HIS D 230 -2.69 -0.75 13.70
N TRP D 231 -2.65 -2.07 13.83
CA TRP D 231 -1.46 -2.84 13.45
C TRP D 231 -1.02 -2.53 12.02
N GLY D 232 -1.94 -2.58 11.07
CA GLY D 232 -1.56 -2.27 9.70
C GLY D 232 -0.95 -0.89 9.57
N ARG D 233 -1.50 0.07 10.31
CA ARG D 233 -0.97 1.43 10.28
C ARG D 233 0.50 1.45 10.67
N PHE D 234 0.86 0.72 11.73
CA PHE D 234 2.24 0.76 12.20
C PHE D 234 3.15 -0.04 11.28
N ARG D 235 2.62 -1.06 10.60
CA ARG D 235 3.43 -1.76 9.62
C ARG D 235 3.79 -0.86 8.44
N GLY D 236 2.84 -0.05 7.97
CA GLY D 236 3.09 0.80 6.81
C GLY D 236 4.03 1.95 7.10
N LEU D 237 4.00 2.46 8.34
CA LEU D 237 4.96 3.49 8.73
C LEU D 237 6.38 2.94 8.88
N ALA D 238 6.53 1.67 9.27
CA ALA D 238 7.87 1.06 9.24
C ALA D 238 8.48 1.21 7.85
N ASP D 239 7.70 0.88 6.82
CA ASP D 239 8.08 1.16 5.43
C ASP D 239 8.27 2.65 5.19
N MET D 240 7.25 3.46 5.52
CA MET D 240 7.30 4.89 5.25
C MET D 240 8.56 5.52 5.83
N LEU D 241 9.02 5.00 6.98
CA LEU D 241 10.21 5.48 7.64
C LEU D 241 11.46 4.83 7.10
N LYS D 242 11.31 3.72 6.36
CA LYS D 242 12.41 2.89 5.85
C LYS D 242 13.08 2.12 7.00
N GLN D 243 12.26 1.36 7.74
CA GLN D 243 12.65 0.61 8.93
C GLN D 243 12.47 -0.89 8.71
N PRO D 244 13.05 -1.72 9.58
CA PRO D 244 12.77 -3.15 9.50
C PRO D 244 11.34 -3.45 9.87
N SER D 245 10.89 -4.62 9.43
CA SER D 245 9.57 -5.07 9.80
C SER D 245 9.43 -5.10 11.32
N LEU D 246 8.19 -4.99 11.78
CA LEU D 246 7.92 -5.00 13.21
C LEU D 246 8.39 -6.31 13.85
N ASP D 247 8.08 -7.45 13.23
CA ASP D 247 8.42 -8.73 13.84
C ASP D 247 9.91 -8.81 14.13
N THR D 248 10.73 -8.20 13.29
CA THR D 248 12.18 -8.17 13.45
C THR D 248 12.60 -7.07 14.41
N LEU D 249 12.16 -5.84 14.13
CA LEU D 249 12.66 -4.68 14.87
C LEU D 249 12.27 -4.74 16.35
N LEU D 250 11.03 -5.12 16.65
CA LEU D 250 10.52 -4.96 18.00
C LEU D 250 10.09 -6.25 18.69
N MET D 251 9.45 -7.17 17.97
CA MET D 251 8.59 -8.19 18.58
C MET D 251 9.36 -9.42 19.06
N ASN D 252 10.66 -9.27 19.28
CA ASN D 252 11.42 -10.15 20.14
C ASN D 252 11.70 -9.50 21.48
N ASN D 253 11.37 -8.21 21.60
CA ASN D 253 11.71 -7.39 22.75
C ASN D 253 10.53 -6.64 23.35
N VAL D 254 9.40 -6.52 22.63
CA VAL D 254 8.20 -5.83 23.10
C VAL D 254 7.11 -6.86 23.29
N PHE D 255 6.35 -6.71 24.38
CA PHE D 255 5.30 -7.65 24.74
C PHE D 255 4.08 -6.85 25.16
N PHE D 256 2.89 -7.41 24.93
CA PHE D 256 1.61 -6.76 25.21
C PHE D 256 0.85 -7.60 26.23
N ASP D 257 0.28 -6.94 27.25
CA ASP D 257 -0.58 -7.67 28.17
C ASP D 257 -1.99 -7.77 27.61
N THR D 258 -2.89 -8.42 28.35
CA THR D 258 -4.26 -8.64 27.91
C THR D 258 -5.28 -7.86 28.73
N CYS D 259 -4.94 -6.67 29.20
CA CYS D 259 -5.90 -5.79 29.88
C CYS D 259 -6.69 -5.00 28.83
N VAL D 260 -7.53 -5.73 28.10
CA VAL D 260 -8.49 -5.18 27.15
C VAL D 260 -9.88 -5.65 27.58
N TYR D 261 -10.68 -4.73 28.13
CA TYR D 261 -11.83 -5.09 28.96
C TYR D 261 -13.08 -5.34 28.14
N HIS D 262 -12.94 -6.25 27.17
CA HIS D 262 -14.07 -6.74 26.41
C HIS D 262 -13.62 -7.75 25.37
N GLN D 263 -14.50 -8.69 25.03
CA GLN D 263 -14.10 -9.78 24.15
C GLN D 263 -13.57 -9.28 22.82
N PRO D 264 -14.23 -8.35 22.12
CA PRO D 264 -13.76 -8.00 20.76
C PRO D 264 -12.34 -7.47 20.77
N GLY D 265 -11.90 -6.82 21.85
CA GLY D 265 -10.53 -6.36 21.90
C GLY D 265 -9.55 -7.51 22.02
N ILE D 266 -9.86 -8.45 22.93
CA ILE D 266 -9.06 -9.67 23.09
C ILE D 266 -9.06 -10.48 21.82
N ASN D 267 -10.21 -10.53 21.13
CA ASN D 267 -10.28 -11.14 19.82
C ASN D 267 -9.28 -10.49 18.86
N LEU D 268 -9.26 -9.16 18.82
CA LEU D 268 -8.36 -8.49 17.88
C LEU D 268 -6.91 -8.70 18.27
N LEU D 269 -6.60 -8.63 19.57
CA LEU D 269 -5.22 -8.83 20.02
C LEU D 269 -4.70 -10.18 19.55
N ALA D 270 -5.47 -11.24 19.76
CA ALA D 270 -4.99 -12.57 19.41
C ALA D 270 -4.93 -12.76 17.91
N ASP D 271 -5.79 -12.06 17.17
CA ASP D 271 -5.79 -12.12 15.72
C ASP D 271 -4.54 -11.52 15.11
N VAL D 272 -3.95 -10.51 15.74
CA VAL D 272 -2.92 -9.73 15.06
C VAL D 272 -1.55 -9.79 15.74
N ILE D 273 -1.44 -10.17 17.01
CA ILE D 273 -0.16 -10.17 17.72
C ILE D 273 0.29 -11.61 17.92
N ASP D 274 1.55 -11.88 17.60
CA ASP D 274 2.03 -13.25 17.70
C ASP D 274 1.80 -13.78 19.11
N ASN D 275 1.54 -15.09 19.19
CA ASN D 275 1.28 -15.74 20.47
C ASN D 275 2.41 -15.50 21.48
N LYS D 276 3.67 -15.43 21.05
CA LYS D 276 4.77 -15.28 22.00
C LYS D 276 4.80 -13.88 22.63
N ASN D 277 4.10 -12.92 22.06
CA ASN D 277 4.14 -11.53 22.51
C ASN D 277 3.04 -11.19 23.50
N ILE D 278 2.17 -12.13 23.82
CA ILE D 278 0.91 -11.86 24.49
C ILE D 278 1.00 -12.45 25.88
N LEU D 279 0.97 -11.61 26.90
CA LEU D 279 1.04 -12.04 28.29
C LEU D 279 -0.31 -11.83 28.94
N PHE D 280 -0.76 -12.81 29.70
CA PHE D 280 -2.01 -12.65 30.43
C PHE D 280 -1.84 -11.60 31.51
N GLY D 281 -2.81 -10.70 31.61
CA GLY D 281 -2.97 -9.87 32.79
C GLY D 281 -4.37 -9.29 32.80
N SER D 282 -4.74 -8.70 33.95
CA SER D 282 -6.06 -8.10 34.04
C SER D 282 -6.10 -6.87 34.94
N GLN D 283 -5.02 -6.58 35.65
CA GLN D 283 -5.01 -5.54 36.68
C GLN D 283 -6.39 -5.39 37.31
N MET D 284 -6.88 -6.46 37.95
CA MET D 284 -8.10 -6.42 38.76
C MET D 284 -8.04 -5.31 39.80
N VAL D 285 -9.20 -4.87 40.29
CA VAL D 285 -9.24 -3.86 41.35
C VAL D 285 -8.56 -2.58 40.87
N GLY D 286 -8.79 -2.21 39.61
CA GLY D 286 -8.09 -1.07 39.04
C GLY D 286 -9.00 -0.01 38.43
N ALA D 287 -8.94 0.14 37.10
CA ALA D 287 -9.61 1.25 36.44
C ALA D 287 -11.10 1.00 36.19
N VAL D 288 -11.58 -0.24 36.32
CA VAL D 288 -12.95 -0.61 35.95
C VAL D 288 -13.37 -1.79 36.83
N ARG D 289 -13.85 -1.51 38.04
CA ARG D 289 -14.15 -2.57 39.00
C ARG D 289 -15.60 -3.06 38.94
N GLY D 290 -16.34 -2.69 37.92
CA GLY D 290 -17.76 -2.98 37.87
C GLY D 290 -18.10 -4.14 36.95
N ILE D 291 -19.33 -4.62 37.12
CA ILE D 291 -19.87 -5.61 36.21
C ILE D 291 -20.12 -4.96 34.85
N ASP D 292 -20.08 -5.76 33.80
CA ASP D 292 -20.39 -5.31 32.48
C ASP D 292 -21.85 -5.64 32.22
N PRO D 293 -22.73 -4.64 32.11
CA PRO D 293 -24.17 -4.91 31.93
C PRO D 293 -24.46 -5.81 30.75
N THR D 294 -23.58 -5.84 29.75
CA THR D 294 -23.83 -6.61 28.54
C THR D 294 -23.47 -8.08 28.68
N THR D 295 -22.56 -8.43 29.60
CA THR D 295 -22.07 -9.80 29.70
C THR D 295 -22.27 -10.43 31.07
N GLY D 296 -22.80 -9.70 32.04
CA GLY D 296 -23.00 -10.23 33.38
C GLY D 296 -21.73 -10.65 34.09
N HIS D 297 -20.58 -10.30 33.54
CA HIS D 297 -19.30 -10.59 34.15
C HIS D 297 -18.51 -9.29 34.26
N TYR D 298 -17.53 -9.30 35.15
CA TYR D 298 -16.75 -8.10 35.38
C TYR D 298 -15.94 -7.72 34.14
N PHE D 299 -15.88 -6.40 33.88
CA PHE D 299 -15.06 -5.88 32.80
C PHE D 299 -13.64 -6.42 32.84
N ASP D 300 -13.03 -6.47 34.03
CA ASP D 300 -11.62 -6.78 34.17
C ASP D 300 -11.31 -8.25 34.44
N ASP D 301 -12.31 -9.15 34.35
CA ASP D 301 -12.07 -10.60 34.40
C ASP D 301 -11.67 -11.09 33.01
N THR D 302 -10.48 -10.67 32.61
CA THR D 302 -10.05 -10.90 31.23
C THR D 302 -9.83 -12.38 30.95
N LYS D 303 -9.46 -13.18 31.95
CA LYS D 303 -9.29 -14.60 31.69
C LYS D 303 -10.52 -15.18 31.02
N ARG D 304 -11.70 -14.67 31.37
CA ARG D 304 -12.92 -15.11 30.68
C ARG D 304 -12.83 -14.89 29.17
N TYR D 305 -12.09 -13.86 28.74
CA TYR D 305 -11.97 -13.61 27.32
C TYR D 305 -10.98 -14.58 26.67
N ILE D 306 -9.80 -14.79 27.28
CA ILE D 306 -8.80 -15.71 26.73
C ILE D 306 -9.35 -17.13 26.68
N ASP D 307 -10.18 -17.50 27.64
CA ASP D 307 -10.82 -18.81 27.60
C ASP D 307 -11.97 -18.85 26.60
N ALA D 308 -12.36 -17.71 26.04
CA ALA D 308 -13.34 -17.73 24.97
C ALA D 308 -12.69 -17.89 23.59
N LEU D 309 -11.38 -17.68 23.48
CA LEU D 309 -10.72 -17.79 22.20
C LEU D 309 -10.74 -19.23 21.72
N ASP D 310 -10.56 -19.40 20.41
CA ASP D 310 -10.35 -20.72 19.83
C ASP D 310 -8.85 -20.85 19.60
N ILE D 311 -8.15 -21.29 20.64
CA ILE D 311 -6.71 -21.44 20.59
C ILE D 311 -6.35 -22.78 21.22
N SER D 312 -5.16 -23.27 20.88
CA SER D 312 -4.72 -24.57 21.34
C SER D 312 -4.25 -24.50 22.79
N ASP D 313 -3.99 -25.68 23.38
CA ASP D 313 -3.35 -25.74 24.69
C ASP D 313 -1.94 -25.15 24.63
N GLN D 314 -1.23 -25.43 23.55
CA GLN D 314 0.13 -24.89 23.39
C GLN D 314 0.10 -23.37 23.42
N GLU D 315 -0.81 -22.76 22.64
CA GLU D 315 -1.01 -21.32 22.69
C GLU D 315 -1.52 -20.85 24.04
N ARG D 316 -2.53 -21.54 24.59
CA ARG D 316 -3.09 -21.16 25.89
C ARG D 316 -2.05 -21.23 26.98
N HIS D 317 -1.18 -22.22 26.93
CA HIS D 317 -0.10 -22.25 27.90
C HIS D 317 0.76 -21.00 27.79
N ALA D 318 1.19 -20.66 26.57
CA ALA D 318 2.05 -19.49 26.38
C ALA D 318 1.45 -18.24 26.98
N ILE D 319 0.14 -18.06 26.82
CA ILE D 319 -0.47 -16.80 27.27
C ILE D 319 -0.49 -16.74 28.78
N PHE D 320 -0.91 -17.82 29.44
CA PHE D 320 -1.08 -17.80 30.88
C PHE D 320 0.21 -18.01 31.66
N GLU D 321 1.14 -18.80 31.13
CA GLU D 321 2.35 -19.14 31.90
C GLU D 321 3.61 -18.93 31.09
N GLY D 322 3.76 -19.63 29.97
CA GLY D 322 5.00 -19.62 29.20
C GLY D 322 5.65 -18.29 28.91
N ASN D 323 4.96 -17.40 28.19
CA ASN D 323 5.57 -16.13 27.84
C ASN D 323 6.11 -15.42 29.07
N THR D 324 5.30 -15.37 30.13
CA THR D 324 5.65 -14.60 31.32
C THR D 324 6.83 -15.18 32.05
N ARG D 325 6.96 -16.52 32.06
CA ARG D 325 8.14 -17.15 32.67
C ARG D 325 9.39 -16.91 31.84
N ARG D 326 9.25 -16.88 30.51
CA ARG D 326 10.37 -16.51 29.64
C ARG D 326 10.72 -15.03 29.75
N VAL D 327 9.70 -14.15 29.90
CA VAL D 327 9.93 -12.71 30.00
C VAL D 327 10.57 -12.35 31.34
N PHE D 328 10.15 -13.03 32.41
CA PHE D 328 10.69 -12.86 33.77
C PHE D 328 11.52 -14.10 34.08
N PRO D 329 12.81 -14.11 33.75
CA PRO D 329 13.62 -15.29 34.07
C PRO D 329 13.72 -15.55 35.56
N ARG D 330 13.72 -14.51 36.39
CA ARG D 330 13.88 -14.72 37.83
C ARG D 330 12.70 -15.42 38.45
N LEU D 331 11.51 -15.23 37.88
CA LEU D 331 10.32 -15.93 38.34
C LEU D 331 10.31 -17.36 37.82
N ASP D 332 10.75 -17.58 36.58
CA ASP D 332 10.84 -18.94 36.05
C ASP D 332 11.69 -19.79 36.97
N ALA D 333 12.90 -19.30 37.29
CA ALA D 333 13.80 -19.99 38.19
C ALA D 333 13.09 -20.38 39.47
N LYS D 334 12.62 -19.37 40.22
CA LYS D 334 11.96 -19.62 41.50
C LYS D 334 10.91 -20.72 41.38
N LEU D 335 10.25 -20.79 40.25
CA LEU D 335 9.20 -21.78 40.06
C LEU D 335 9.81 -23.15 39.79
N LYS D 336 10.78 -23.23 38.87
CA LYS D 336 11.53 -24.47 38.67
C LYS D 336 12.08 -24.99 40.01
N ALA D 337 12.57 -24.09 40.86
CA ALA D 337 13.14 -24.53 42.13
C ALA D 337 12.09 -25.16 43.04
N ARG D 338 10.83 -24.81 42.85
CA ARG D 338 9.73 -25.39 43.61
C ARG D 338 9.19 -26.65 42.96
N GLY D 339 9.87 -27.15 41.93
CA GLY D 339 9.38 -28.29 41.19
C GLY D 339 8.30 -27.96 40.18
N LEU D 340 7.99 -26.68 40.00
CA LEU D 340 6.93 -26.29 39.08
C LEU D 340 7.63 -26.02 37.75
N LEU D 341 7.68 -27.06 36.93
CA LEU D 341 8.43 -27.10 35.69
C LEU D 341 7.46 -27.10 34.52
N GLU D 342 7.77 -26.34 33.49
CA GLU D 342 6.89 -26.23 32.32
C GLU D 342 7.01 -27.45 31.40
#